data_9DM6
#
_entry.id   9DM6
#
_cell.length_a   78.419
_cell.length_b   95.590
_cell.length_c   98.079
_cell.angle_alpha   90.000
_cell.angle_beta   98.640
_cell.angle_gamma   90.000
#
_symmetry.space_group_name_H-M   'P 1 21 1'
#
loop_
_entity.id
_entity.type
_entity.pdbx_description
1 polymer 'Hdac6 protein'
2 non-polymer N-[2-(benzylamino)-2-oxoethyl]-4-(dimethylamino)-N-{[4-(2-ethylhydrazine-1-carbonyl)phenyl]methyl}benzamide
3 non-polymer 1,2-ETHANEDIOL
4 non-polymer 'ZINC ION'
5 non-polymer 'POTASSIUM ION'
6 water water
#
_entity_poly.entity_id   1
_entity_poly.type   'polypeptide(L)'
_entity_poly.pdbx_seq_one_letter_code
;SNAGGSSPITGLVYDQRMMLHHNMWDSHHPELPQRISRIFSRHEELRLLSRCHRIPARLATEEELALCHSSKHISIIKSS
EHMKPRDLNRLGDEYNSIFISNESYTCALLAAGSCFNSAQAILTGQVRNAVAIVRPPGHHAEKDTACGFCFFNTAALTAR
YAQSITRESLRVLIVDWDVHHGNGTQHIFEEDDSVLYISLHRYEDGAFFPNSEDANYDKVGLGKGRGYNVNIPWNGGKMG
DPEYMAAFHHLVMPIAREFAPELVLVSAGFDAARGDPLGGFQVTPEGYAHLTHQLMSLAAGRVLIILEGGYNLTSISESM
SMCTSMLLGDSPPSLDHLTPLKTSATVSINNVLRAHAPFWSSLR
;
_entity_poly.pdbx_strand_id   B,A,C,D
#
loop_
_chem_comp.id
_chem_comp.type
_chem_comp.name
_chem_comp.formula
A1A6L non-polymer N-[2-(benzylamino)-2-oxoethyl]-4-(dimethylamino)-N-{[4-(2-ethylhydrazine-1-carbonyl)phenyl]methyl}benzamide 'C28 H33 N5 O3'
EDO non-polymer 1,2-ETHANEDIOL 'C2 H6 O2'
K non-polymer 'POTASSIUM ION' 'K 1'
ZN non-polymer 'ZINC ION' 'Zn 2'
#
# COMPACT_ATOMS: atom_id res chain seq x y z
N PRO A 8 4.49 -0.67 5.93
CA PRO A 8 4.89 0.71 5.67
C PRO A 8 4.69 1.60 6.90
N ILE A 9 5.78 1.95 7.55
CA ILE A 9 5.77 2.78 8.75
C ILE A 9 6.44 4.10 8.40
N THR A 10 5.90 5.21 8.93
CA THR A 10 6.52 6.52 8.77
C THR A 10 7.17 6.93 10.09
N GLY A 11 8.44 7.28 10.05
CA GLY A 11 9.11 7.80 11.22
C GLY A 11 8.99 9.31 11.36
N LEU A 12 9.08 9.79 12.59
CA LEU A 12 9.06 11.22 12.85
C LEU A 12 10.07 11.50 13.94
N VAL A 13 10.90 12.52 13.74
CA VAL A 13 11.86 12.95 14.75
C VAL A 13 11.64 14.42 15.06
N TYR A 14 11.59 14.73 16.35
CA TYR A 14 11.43 16.09 16.84
C TYR A 14 11.94 16.10 18.27
N ASP A 15 12.73 17.14 18.60
CA ASP A 15 13.22 17.30 19.95
C ASP A 15 13.14 18.77 20.29
N GLN A 16 12.37 19.11 21.33
CA GLN A 16 12.15 20.50 21.67
C GLN A 16 13.44 21.22 22.08
N ARG A 17 14.50 20.48 22.42
N ARG A 17 14.49 20.46 22.42
CA ARG A 17 15.74 21.16 22.78
CA ARG A 17 15.77 21.09 22.75
C ARG A 17 16.38 21.88 21.59
C ARG A 17 16.30 21.94 21.60
N MET A 18 15.95 21.60 20.36
CA MET A 18 16.40 22.38 19.22
C MET A 18 15.85 23.79 19.23
N MET A 19 14.92 24.09 20.13
CA MET A 19 14.45 25.46 20.34
C MET A 19 15.43 26.33 21.11
N LEU A 20 16.51 25.75 21.68
CA LEU A 20 17.43 26.54 22.49
C LEU A 20 18.23 27.54 21.66
N HIS A 21 18.50 27.20 20.39
CA HIS A 21 19.19 28.12 19.50
C HIS A 21 18.31 29.34 19.26
N HIS A 22 18.82 30.54 19.55
CA HIS A 22 17.98 31.72 19.41
C HIS A 22 18.85 32.93 19.13
N ASN A 23 18.20 34.00 18.70
CA ASN A 23 18.85 35.27 18.38
C ASN A 23 18.69 36.16 19.59
N MET A 24 19.77 36.34 20.34
CA MET A 24 19.64 37.10 21.57
CA MET A 24 19.78 37.11 21.57
C MET A 24 19.61 38.62 21.34
N TRP A 25 19.77 39.09 20.11
CA TRP A 25 19.75 40.52 19.82
C TRP A 25 18.54 40.95 19.02
N ASP A 26 17.76 39.99 18.51
CA ASP A 26 16.57 40.29 17.74
C ASP A 26 15.61 39.14 17.98
N SER A 27 14.72 39.31 18.96
CA SER A 27 13.78 38.25 19.28
C SER A 27 12.78 38.00 18.16
N HIS A 28 12.71 38.89 17.17
CA HIS A 28 11.78 38.75 16.05
C HIS A 28 12.46 38.25 14.78
N HIS A 29 13.71 37.84 14.85
CA HIS A 29 14.36 37.27 13.68
C HIS A 29 13.55 36.09 13.16
N PRO A 30 13.35 35.98 11.84
CA PRO A 30 12.39 34.99 11.32
C PRO A 30 12.74 33.54 11.60
N GLU A 31 14.01 33.19 11.81
CA GLU A 31 14.38 31.79 12.09
C GLU A 31 14.12 31.51 13.57
N LEU A 32 12.81 31.43 13.92
CA LEU A 32 12.35 31.42 15.30
C LEU A 32 12.38 30.00 15.89
N PRO A 33 12.68 29.90 17.18
CA PRO A 33 12.53 28.60 17.87
C PRO A 33 11.20 27.92 17.64
N GLN A 34 10.11 28.69 17.68
CA GLN A 34 8.79 28.07 17.59
C GLN A 34 8.44 27.58 16.20
N ARG A 35 9.31 27.75 15.20
CA ARG A 35 9.08 27.11 13.91
C ARG A 35 8.86 25.60 14.09
N ILE A 36 9.73 24.96 14.88
CA ILE A 36 9.63 23.51 15.00
C ILE A 36 8.50 23.10 15.95
N SER A 37 8.28 23.85 17.03
CA SER A 37 7.20 23.48 17.94
C SER A 37 5.83 23.66 17.30
N ARG A 38 5.67 24.67 16.45
CA ARG A 38 4.40 24.85 15.75
C ARG A 38 4.15 23.72 14.76
N ILE A 39 5.18 23.30 14.02
CA ILE A 39 5.00 22.18 13.10
C ILE A 39 4.63 20.94 13.88
N PHE A 40 5.34 20.69 14.98
CA PHE A 40 5.07 19.49 15.78
C PHE A 40 3.66 19.52 16.36
N SER A 41 3.25 20.66 16.92
N SER A 41 3.24 20.66 16.90
CA SER A 41 1.91 20.79 17.47
CA SER A 41 1.90 20.72 17.48
C SER A 41 0.85 20.52 16.40
C SER A 41 0.81 20.58 16.42
N ARG A 42 1.07 21.01 15.18
CA ARG A 42 0.08 20.81 14.13
C ARG A 42 -0.03 19.33 13.78
N HIS A 43 1.09 18.60 13.81
CA HIS A 43 1.02 17.15 13.62
C HIS A 43 0.15 16.48 14.69
N GLU A 44 0.21 16.99 15.93
CA GLU A 44 -0.66 16.47 16.99
C GLU A 44 -2.12 16.82 16.72
N GLU A 45 -2.37 18.08 16.38
CA GLU A 45 -3.75 18.53 16.18
C GLU A 45 -4.41 17.76 15.05
N LEU A 46 -3.65 17.42 14.01
CA LEU A 46 -4.16 16.68 12.86
C LEU A 46 -4.13 15.18 13.09
N ARG A 47 -3.73 14.72 14.28
CA ARG A 47 -3.70 13.30 14.63
C ARG A 47 -2.75 12.51 13.73
N LEU A 48 -1.70 13.17 13.25
CA LEU A 48 -0.66 12.53 12.44
C LEU A 48 0.45 11.96 13.31
N LEU A 49 0.77 12.61 14.42
CA LEU A 49 1.89 12.17 15.26
C LEU A 49 1.69 10.74 15.75
N SER A 50 0.47 10.42 16.21
CA SER A 50 0.21 9.09 16.73
C SER A 50 0.26 8.01 15.66
N ARG A 51 0.19 8.40 14.38
CA ARG A 51 0.30 7.43 13.29
C ARG A 51 1.74 7.15 12.90
N CYS A 52 2.70 7.89 13.47
CA CYS A 52 4.11 7.76 13.13
C CYS A 52 4.84 6.98 14.21
N HIS A 53 5.97 6.38 13.81
CA HIS A 53 6.91 5.80 14.75
C HIS A 53 7.89 6.90 15.17
N ARG A 54 7.96 7.17 16.47
CA ARG A 54 8.82 8.24 16.96
C ARG A 54 10.27 7.78 16.96
N ILE A 55 11.12 8.47 16.22
CA ILE A 55 12.55 8.17 16.15
C ILE A 55 13.26 9.15 17.08
N PRO A 56 14.17 8.71 17.94
CA PRO A 56 14.80 9.64 18.89
C PRO A 56 15.81 10.54 18.20
N ALA A 57 15.94 11.75 18.73
CA ALA A 57 17.03 12.63 18.33
C ALA A 57 18.32 12.16 19.00
N ARG A 58 19.44 12.51 18.39
CA ARG A 58 20.75 12.30 19.02
C ARG A 58 21.69 13.39 18.52
N LEU A 59 22.81 13.56 19.22
CA LEU A 59 23.86 14.44 18.73
C LEU A 59 24.65 13.75 17.63
N ALA A 60 24.89 14.46 16.54
CA ALA A 60 25.95 14.05 15.63
C ALA A 60 27.28 14.11 16.37
N THR A 61 28.21 13.25 15.98
CA THR A 61 29.56 13.31 16.53
C THR A 61 30.45 14.18 15.67
N GLU A 62 31.57 14.62 16.24
CA GLU A 62 32.51 15.42 15.46
C GLU A 62 33.06 14.63 14.28
N GLU A 63 33.26 13.32 14.43
CA GLU A 63 33.70 12.51 13.30
C GLU A 63 32.67 12.51 12.19
N GLU A 64 31.39 12.45 12.54
CA GLU A 64 30.33 12.53 11.54
C GLU A 64 30.33 13.90 10.86
N LEU A 65 30.53 14.99 11.61
CA LEU A 65 30.60 16.30 10.98
C LEU A 65 31.72 16.38 9.96
N ALA A 66 32.82 15.65 10.19
CA ALA A 66 33.95 15.67 9.28
C ALA A 66 33.65 14.95 7.96
N LEU A 67 32.49 14.29 7.84
CA LEU A 67 32.11 13.74 6.55
C LEU A 67 31.99 14.83 5.50
N CYS A 68 31.63 16.05 5.90
CA CYS A 68 31.46 17.15 4.98
C CYS A 68 32.19 18.42 5.37
N HIS A 69 32.60 18.59 6.61
CA HIS A 69 33.10 19.87 7.10
C HIS A 69 34.56 19.78 7.52
N SER A 70 35.25 20.92 7.39
CA SER A 70 36.66 20.99 7.75
C SER A 70 36.82 20.98 9.26
N SER A 71 38.02 20.60 9.71
CA SER A 71 38.29 20.59 11.15
CA SER A 71 38.30 20.60 11.14
C SER A 71 38.25 22.00 11.72
N LYS A 72 38.73 22.99 10.96
CA LYS A 72 38.71 24.37 11.45
C LYS A 72 37.27 24.85 11.64
N HIS A 73 36.38 24.56 10.69
CA HIS A 73 35.01 25.01 10.84
C HIS A 73 34.32 24.33 12.03
N ILE A 74 34.50 23.02 12.17
CA ILE A 74 33.93 22.30 13.30
C ILE A 74 34.43 22.91 14.61
N SER A 75 35.74 23.15 14.72
CA SER A 75 36.29 23.65 15.97
CA SER A 75 36.31 23.65 15.95
C SER A 75 35.75 25.03 16.31
N ILE A 76 35.56 25.89 15.31
CA ILE A 76 35.06 27.25 15.58
C ILE A 76 33.63 27.19 16.10
N ILE A 77 32.76 26.45 15.41
CA ILE A 77 31.37 26.38 15.88
C ILE A 77 31.32 25.69 17.24
N LYS A 78 32.11 24.63 17.42
CA LYS A 78 32.17 23.96 18.73
C LYS A 78 32.53 24.94 19.84
N SER A 79 33.49 25.84 19.58
CA SER A 79 33.96 26.78 20.60
C SER A 79 32.88 27.78 21.03
N SER A 80 31.86 28.00 20.20
CA SER A 80 30.81 28.96 20.54
C SER A 80 30.00 28.53 21.77
N GLU A 81 30.01 27.24 22.11
CA GLU A 81 29.25 26.80 23.27
C GLU A 81 29.72 27.50 24.54
N HIS A 82 30.98 27.92 24.60
CA HIS A 82 31.54 28.49 25.82
C HIS A 82 31.71 29.99 25.74
N MET A 83 31.18 30.63 24.71
CA MET A 83 31.37 32.06 24.53
C MET A 83 30.30 32.87 25.24
N LYS A 84 30.69 34.06 25.68
CA LYS A 84 29.78 35.02 26.26
C LYS A 84 29.14 35.86 25.15
N PRO A 85 28.05 36.57 25.46
CA PRO A 85 27.28 37.25 24.39
C PRO A 85 28.07 38.10 23.40
N ARG A 86 28.94 39.00 23.85
CA ARG A 86 29.61 39.88 22.89
C ARG A 86 30.59 39.11 22.00
N ASP A 87 31.19 38.04 22.52
CA ASP A 87 32.03 37.22 21.66
C ASP A 87 31.21 36.44 20.65
N LEU A 88 30.03 35.94 21.07
CA LEU A 88 29.12 35.30 20.13
C LEU A 88 28.66 36.26 19.04
N ASN A 89 28.41 37.53 19.40
CA ASN A 89 27.99 38.50 18.40
C ASN A 89 29.11 38.75 17.41
N ARG A 90 30.35 38.88 17.90
CA ARG A 90 31.48 39.09 17.00
C ARG A 90 31.66 37.91 16.06
N LEU A 91 31.54 36.69 16.58
CA LEU A 91 31.71 35.51 15.73
C LEU A 91 30.62 35.44 14.67
N GLY A 92 29.37 35.61 15.08
CA GLY A 92 28.27 35.55 14.13
C GLY A 92 28.39 36.61 13.05
N ASP A 93 28.83 37.81 13.44
CA ASP A 93 28.94 38.91 12.49
C ASP A 93 29.99 38.67 11.42
N GLU A 94 30.91 37.72 11.63
CA GLU A 94 31.90 37.38 10.62
C GLU A 94 31.34 36.57 9.47
N TYR A 95 30.14 36.01 9.60
CA TYR A 95 29.52 35.21 8.57
C TYR A 95 28.42 36.00 7.88
N ASN A 96 27.94 35.48 6.76
CA ASN A 96 26.79 36.05 6.05
C ASN A 96 25.52 35.52 6.70
N SER A 97 24.75 36.38 7.36
CA SER A 97 23.40 36.07 7.83
C SER A 97 23.39 34.90 8.83
N ILE A 98 24.13 35.06 9.92
CA ILE A 98 24.22 34.08 10.99
C ILE A 98 24.05 34.78 12.33
N PHE A 99 23.23 34.23 13.21
CA PHE A 99 23.23 34.54 14.63
C PHE A 99 23.59 33.28 15.42
N ILE A 100 24.26 33.48 16.55
CA ILE A 100 24.77 32.36 17.35
C ILE A 100 24.48 32.62 18.82
N SER A 101 24.00 31.59 19.51
CA SER A 101 23.91 31.59 20.96
C SER A 101 24.74 30.43 21.50
N ASN A 102 24.86 30.35 22.83
CA ASN A 102 25.70 29.29 23.37
C ASN A 102 25.08 27.89 23.26
N GLU A 103 23.86 27.76 22.75
CA GLU A 103 23.27 26.46 22.48
C GLU A 103 23.25 26.12 21.00
N SER A 104 23.71 27.02 20.13
CA SER A 104 23.61 26.82 18.69
C SER A 104 24.33 25.56 18.23
N TYR A 105 25.56 25.35 18.71
CA TYR A 105 26.32 24.18 18.31
C TYR A 105 25.57 22.90 18.65
N THR A 106 25.11 22.77 19.90
CA THR A 106 24.37 21.59 20.31
C THR A 106 23.12 21.38 19.46
N CYS A 107 22.39 22.46 19.17
CA CYS A 107 21.19 22.33 18.35
C CYS A 107 21.52 21.88 16.94
N ALA A 108 22.59 22.44 16.36
CA ALA A 108 23.02 21.97 15.04
C ALA A 108 23.41 20.49 15.07
N LEU A 109 24.06 20.04 16.15
CA LEU A 109 24.39 18.62 16.29
C LEU A 109 23.14 17.77 16.39
N LEU A 110 22.13 18.25 17.12
CA LEU A 110 20.90 17.49 17.27
C LEU A 110 20.14 17.42 15.96
N ALA A 111 20.14 18.50 15.18
CA ALA A 111 19.46 18.48 13.90
C ALA A 111 20.07 17.40 13.01
N ALA A 112 21.40 17.35 12.93
CA ALA A 112 22.08 16.37 12.09
C ALA A 112 21.89 14.95 12.62
N GLY A 113 22.09 14.74 13.93
CA GLY A 113 21.96 13.40 14.47
C GLY A 113 20.56 12.85 14.34
N SER A 114 19.55 13.71 14.45
CA SER A 114 18.16 13.30 14.24
C SER A 114 17.97 12.75 12.85
N CYS A 115 18.58 13.41 11.86
CA CYS A 115 18.48 12.95 10.48
C CYS A 115 19.28 11.68 10.26
N PHE A 116 20.42 11.53 10.94
CA PHE A 116 21.17 10.28 10.85
C PHE A 116 20.33 9.12 11.35
N ASN A 117 19.70 9.28 12.51
CA ASN A 117 18.88 8.20 13.07
C ASN A 117 17.71 7.88 12.14
N SER A 118 17.15 8.90 11.49
CA SER A 118 16.05 8.67 10.56
C SER A 118 16.53 7.93 9.32
N ALA A 119 17.67 8.34 8.75
CA ALA A 119 18.22 7.64 7.58
C ALA A 119 18.55 6.20 7.92
N GLN A 120 19.10 5.95 9.11
CA GLN A 120 19.41 4.58 9.50
C GLN A 120 18.14 3.75 9.64
N ALA A 121 17.09 4.33 10.21
CA ALA A 121 15.82 3.60 10.34
C ALA A 121 15.26 3.23 8.97
N ILE A 122 15.36 4.13 8.00
CA ILE A 122 14.90 3.85 6.64
C ILE A 122 15.74 2.76 5.99
N LEU A 123 17.07 2.90 6.05
CA LEU A 123 17.93 2.00 5.30
C LEU A 123 18.00 0.60 5.89
N THR A 124 17.68 0.45 7.18
CA THR A 124 17.61 -0.87 7.79
C THR A 124 16.19 -1.43 7.81
N GLY A 125 15.22 -0.73 7.20
CA GLY A 125 13.88 -1.25 7.11
C GLY A 125 13.04 -1.13 8.37
N GLN A 126 13.47 -0.35 9.36
CA GLN A 126 12.64 -0.13 10.54
C GLN A 126 11.43 0.74 10.21
N VAL A 127 11.60 1.72 9.33
CA VAL A 127 10.51 2.51 8.79
C VAL A 127 10.70 2.57 7.28
N ARG A 128 9.63 2.92 6.56
CA ARG A 128 9.74 3.11 5.11
C ARG A 128 10.22 4.50 4.74
N ASN A 129 9.78 5.51 5.48
CA ASN A 129 10.05 6.91 5.16
C ASN A 129 9.98 7.66 6.48
N ALA A 130 10.30 8.96 6.44
CA ALA A 130 10.39 9.69 7.70
C ALA A 130 10.41 11.18 7.46
N VAL A 131 10.05 11.92 8.52
CA VAL A 131 10.07 13.37 8.54
CA VAL A 131 10.05 13.37 8.54
C VAL A 131 10.89 13.83 9.73
N ALA A 132 11.70 14.87 9.51
CA ALA A 132 12.60 15.41 10.53
C ALA A 132 12.28 16.89 10.76
N ILE A 133 11.72 17.19 11.91
CA ILE A 133 11.30 18.56 12.27
C ILE A 133 12.46 19.14 13.06
N VAL A 134 13.42 19.75 12.35
CA VAL A 134 14.70 20.14 12.93
C VAL A 134 15.05 21.59 12.61
N ARG A 135 15.86 22.18 13.49
CA ARG A 135 16.49 23.47 13.27
C ARG A 135 17.72 23.53 14.15
N PRO A 136 18.71 24.37 13.82
CA PRO A 136 18.82 25.26 12.66
C PRO A 136 18.92 24.49 11.34
N PRO A 137 18.59 25.16 10.23
CA PRO A 137 18.67 24.51 8.91
C PRO A 137 20.10 24.28 8.43
N GLY A 138 20.26 23.72 7.23
CA GLY A 138 21.58 23.29 6.81
C GLY A 138 22.09 23.67 5.43
N HIS A 139 21.22 23.98 4.47
CA HIS A 139 21.66 23.84 3.08
C HIS A 139 22.62 24.92 2.60
N HIS A 140 22.74 26.06 3.30
CA HIS A 140 23.73 27.07 2.94
C HIS A 140 25.10 26.81 3.55
N ALA A 141 25.21 25.89 4.50
CA ALA A 141 26.49 25.67 5.15
C ALA A 141 27.45 24.98 4.18
N GLU A 142 28.66 25.50 4.11
CA GLU A 142 29.70 24.98 3.22
C GLU A 142 30.67 24.13 4.04
N LYS A 143 31.56 23.44 3.33
CA LYS A 143 32.59 22.67 4.00
C LYS A 143 33.29 23.48 5.10
N ASP A 144 33.60 24.75 4.82
CA ASP A 144 34.46 25.53 5.72
C ASP A 144 33.77 26.73 6.35
N THR A 145 32.45 26.91 6.21
CA THR A 145 31.86 28.11 6.76
C THR A 145 30.37 27.94 7.00
N ALA A 146 29.84 28.72 7.94
CA ALA A 146 28.42 28.87 8.20
C ALA A 146 27.88 29.99 7.33
N CYS A 147 26.58 29.94 7.07
CA CYS A 147 25.96 30.93 6.20
C CYS A 147 24.45 30.79 6.25
N GLY A 148 23.75 31.93 6.21
CA GLY A 148 22.32 31.91 5.94
C GLY A 148 21.51 31.06 6.89
N PHE A 149 21.75 31.22 8.20
CA PHE A 149 21.05 30.56 9.29
C PHE A 149 21.55 29.12 9.50
N CYS A 150 22.56 28.67 8.76
CA CYS A 150 22.98 27.27 8.73
C CYS A 150 24.42 27.12 9.24
N PHE A 151 24.64 26.13 10.09
CA PHE A 151 25.97 25.87 10.65
C PHE A 151 26.66 24.67 10.01
N PHE A 152 25.96 23.55 9.94
CA PHE A 152 26.43 22.33 9.31
C PHE A 152 25.39 21.91 8.29
N ASN A 153 25.84 21.28 7.22
CA ASN A 153 24.93 20.95 6.13
C ASN A 153 24.27 19.60 6.41
N THR A 154 23.13 19.68 7.10
CA THR A 154 22.44 18.49 7.59
CA THR A 154 22.47 18.47 7.60
C THR A 154 22.12 17.51 6.47
N ALA A 155 21.57 18.00 5.36
CA ALA A 155 21.21 17.11 4.27
C ALA A 155 22.45 16.46 3.64
N ALA A 156 23.50 17.24 3.43
CA ALA A 156 24.73 16.67 2.87
C ALA A 156 25.34 15.66 3.82
N LEU A 157 25.40 15.99 5.11
CA LEU A 157 25.92 15.05 6.10
C LEU A 157 25.09 13.76 6.12
N THR A 158 23.77 13.88 6.00
CA THR A 158 22.93 12.70 6.03
C THR A 158 23.19 11.81 4.81
N ALA A 159 23.44 12.41 3.65
CA ALA A 159 23.78 11.59 2.48
C ALA A 159 25.07 10.83 2.72
N ARG A 160 26.09 11.49 3.28
CA ARG A 160 27.36 10.80 3.53
C ARG A 160 27.22 9.78 4.67
N TYR A 161 26.45 10.12 5.70
CA TYR A 161 26.15 9.16 6.76
C TYR A 161 25.47 7.91 6.20
N ALA A 162 24.45 8.12 5.37
CA ALA A 162 23.76 7.00 4.73
C ALA A 162 24.74 6.10 3.97
N GLN A 163 25.65 6.72 3.21
CA GLN A 163 26.64 5.94 2.47
C GLN A 163 27.56 5.19 3.43
N SER A 164 27.88 5.80 4.57
CA SER A 164 28.81 5.15 5.50
C SER A 164 28.22 3.91 6.17
N ILE A 165 26.89 3.78 6.21
CA ILE A 165 26.23 2.64 6.84
C ILE A 165 25.65 1.68 5.82
N THR A 166 25.89 1.93 4.52
CA THR A 166 25.46 1.00 3.48
C THR A 166 26.60 0.74 2.52
N ARG A 167 26.75 1.58 1.49
CA ARG A 167 27.85 1.49 0.55
C ARG A 167 28.26 2.91 0.16
N GLU A 168 29.55 3.09 -0.09
CA GLU A 168 30.03 4.35 -0.65
C GLU A 168 29.31 4.72 -1.94
N SER A 169 28.81 3.73 -2.66
CA SER A 169 28.15 3.92 -3.95
C SER A 169 26.63 4.07 -3.84
N LEU A 170 26.07 4.01 -2.63
CA LEU A 170 24.63 4.24 -2.45
C LEU A 170 24.20 5.50 -3.17
N ARG A 171 23.26 5.35 -4.11
CA ARG A 171 22.78 6.49 -4.88
C ARG A 171 21.79 7.29 -4.05
N VAL A 172 22.14 8.54 -3.75
CA VAL A 172 21.29 9.41 -2.95
C VAL A 172 20.85 10.57 -3.83
N LEU A 173 19.54 10.81 -3.88
CA LEU A 173 18.99 11.99 -4.51
C LEU A 173 18.65 12.98 -3.42
N ILE A 174 19.14 14.22 -3.56
CA ILE A 174 18.72 15.33 -2.70
C ILE A 174 17.89 16.27 -3.56
N VAL A 175 16.61 16.42 -3.22
CA VAL A 175 15.74 17.38 -3.87
C VAL A 175 15.57 18.53 -2.89
N ASP A 176 15.93 19.74 -3.31
CA ASP A 176 15.95 20.90 -2.45
C ASP A 176 14.89 21.86 -2.96
N TRP A 177 13.73 21.88 -2.30
CA TRP A 177 12.62 22.73 -2.71
C TRP A 177 12.47 23.97 -1.84
N ASP A 178 13.37 24.19 -0.89
CA ASP A 178 13.50 25.50 -0.27
C ASP A 178 13.61 26.55 -1.37
N VAL A 179 13.02 27.72 -1.13
CA VAL A 179 13.01 28.77 -2.16
C VAL A 179 14.41 29.29 -2.48
N HIS A 180 15.40 29.05 -1.61
CA HIS A 180 16.77 29.49 -1.84
C HIS A 180 17.63 28.35 -2.38
N HIS A 181 18.65 28.72 -3.13
CA HIS A 181 19.62 27.74 -3.60
C HIS A 181 20.43 27.18 -2.43
N GLY A 182 20.57 25.87 -2.37
CA GLY A 182 21.44 25.24 -1.39
C GLY A 182 22.88 25.23 -1.87
N ASN A 183 23.52 26.41 -1.80
CA ASN A 183 24.89 26.55 -2.27
C ASN A 183 25.84 25.55 -1.63
N GLY A 184 25.68 25.31 -0.33
CA GLY A 184 26.57 24.38 0.34
C GLY A 184 26.40 22.96 -0.16
N THR A 185 25.15 22.52 -0.36
CA THR A 185 24.92 21.18 -0.86
C THR A 185 25.48 21.02 -2.26
N GLN A 186 25.22 22.00 -3.14
CA GLN A 186 25.79 21.95 -4.48
C GLN A 186 27.31 21.78 -4.45
N HIS A 187 27.97 22.61 -3.64
CA HIS A 187 29.44 22.59 -3.63
C HIS A 187 29.98 21.30 -3.05
N ILE A 188 29.36 20.79 -1.98
CA ILE A 188 29.84 19.56 -1.35
C ILE A 188 29.85 18.40 -2.35
N PHE A 189 28.83 18.33 -3.21
CA PHE A 189 28.68 17.20 -4.11
C PHE A 189 29.00 17.52 -5.56
N GLU A 190 29.60 18.68 -5.83
CA GLU A 190 29.69 19.14 -7.21
C GLU A 190 30.50 18.19 -8.10
N GLU A 191 31.50 17.51 -7.55
CA GLU A 191 32.30 16.58 -8.33
C GLU A 191 31.91 15.12 -8.08
N ASP A 192 30.68 14.88 -7.62
CA ASP A 192 30.27 13.56 -7.17
C ASP A 192 29.09 13.07 -7.99
N ASP A 193 29.17 11.85 -8.51
CA ASP A 193 28.09 11.24 -9.26
C ASP A 193 27.27 10.25 -8.42
N SER A 194 27.61 10.07 -7.14
CA SER A 194 26.82 9.21 -6.27
C SER A 194 25.70 9.97 -5.57
N VAL A 195 25.75 11.30 -5.55
CA VAL A 195 24.72 12.12 -4.95
C VAL A 195 24.24 13.09 -6.03
N LEU A 196 22.99 12.92 -6.45
CA LEU A 196 22.35 13.80 -7.41
C LEU A 196 21.67 14.94 -6.65
N TYR A 197 22.08 16.18 -6.92
CA TYR A 197 21.50 17.35 -6.29
C TYR A 197 20.60 18.07 -7.28
N ILE A 198 19.33 18.23 -6.93
CA ILE A 198 18.37 18.97 -7.74
C ILE A 198 17.77 20.05 -6.86
N SER A 199 17.96 21.31 -7.26
CA SER A 199 17.45 22.45 -6.52
C SER A 199 16.50 23.25 -7.41
N LEU A 200 15.34 23.57 -6.88
CA LEU A 200 14.47 24.59 -7.46
C LEU A 200 14.58 25.82 -6.56
N HIS A 201 14.72 27.00 -7.16
CA HIS A 201 14.97 28.16 -6.30
C HIS A 201 14.68 29.45 -7.06
N ARG A 202 14.22 30.44 -6.31
CA ARG A 202 14.16 31.80 -6.81
C ARG A 202 15.58 32.32 -7.03
N TYR A 203 15.83 32.83 -8.23
CA TYR A 203 17.17 33.21 -8.65
C TYR A 203 17.26 34.68 -9.01
N GLU A 204 16.34 35.17 -9.83
CA GLU A 204 16.29 36.58 -10.23
C GLU A 204 17.63 37.05 -10.78
N ASP A 205 18.18 36.26 -11.71
CA ASP A 205 19.44 36.60 -12.37
C ASP A 205 20.57 36.85 -11.36
N GLY A 206 20.56 36.11 -10.26
CA GLY A 206 21.60 36.20 -9.25
C GLY A 206 21.36 37.22 -8.16
N ALA A 207 20.22 37.91 -8.16
CA ALA A 207 19.98 38.96 -7.17
C ALA A 207 19.40 38.45 -5.85
N PHE A 208 18.78 37.29 -5.84
CA PHE A 208 18.15 36.74 -4.65
C PHE A 208 19.18 35.96 -3.84
N PHE A 209 19.04 36.00 -2.51
CA PHE A 209 19.97 35.28 -1.65
C PHE A 209 20.06 33.81 -2.09
N PRO A 210 21.26 33.21 -2.13
CA PRO A 210 22.55 33.71 -1.65
C PRO A 210 23.40 34.49 -2.66
N ASN A 211 22.76 35.05 -3.70
CA ASN A 211 23.36 36.11 -4.52
C ASN A 211 24.54 35.65 -5.37
N SER A 212 24.52 34.40 -5.84
CA SER A 212 25.63 33.88 -6.63
C SER A 212 25.14 33.26 -7.93
N GLU A 213 25.89 33.49 -9.00
CA GLU A 213 25.61 32.82 -10.26
C GLU A 213 25.88 31.32 -10.20
N ASP A 214 26.44 30.81 -9.09
CA ASP A 214 26.53 29.36 -8.91
C ASP A 214 25.16 28.69 -9.01
N ALA A 215 24.09 29.43 -8.78
CA ALA A 215 22.75 28.86 -8.75
C ALA A 215 22.11 28.80 -10.13
N ASN A 216 22.81 29.20 -11.19
CA ASN A 216 22.19 29.23 -12.50
C ASN A 216 22.14 27.83 -13.12
N TYR A 217 21.34 27.71 -14.18
CA TYR A 217 21.06 26.40 -14.79
C TYR A 217 22.26 25.81 -15.49
N ASP A 218 23.27 26.63 -15.84
CA ASP A 218 24.45 26.14 -16.55
C ASP A 218 25.48 25.51 -15.63
N LYS A 219 25.26 25.51 -14.32
CA LYS A 219 26.17 24.85 -13.39
C LYS A 219 25.66 23.42 -13.25
N VAL A 220 26.25 22.52 -14.04
CA VAL A 220 25.76 21.16 -14.18
C VAL A 220 26.59 20.15 -13.40
N GLY A 221 27.60 20.59 -12.68
CA GLY A 221 28.53 19.71 -12.01
C GLY A 221 29.89 19.73 -12.67
N LEU A 222 30.85 19.07 -12.00
CA LEU A 222 32.25 19.09 -12.40
C LEU A 222 32.81 17.68 -12.46
N GLY A 223 33.70 17.44 -13.41
CA GLY A 223 34.35 16.14 -13.50
C GLY A 223 33.34 15.01 -13.67
N LYS A 224 33.52 13.95 -12.89
CA LYS A 224 32.56 12.85 -12.96
C LYS A 224 31.17 13.28 -12.52
N GLY A 225 31.06 14.42 -11.83
CA GLY A 225 29.78 14.98 -11.42
C GLY A 225 29.03 15.75 -12.47
N ARG A 226 29.57 15.87 -13.69
CA ARG A 226 28.84 16.58 -14.74
C ARG A 226 27.53 15.87 -15.04
N GLY A 227 26.42 16.60 -14.91
CA GLY A 227 25.10 16.07 -15.05
C GLY A 227 24.38 15.80 -13.73
N TYR A 228 25.12 15.77 -12.63
CA TYR A 228 24.58 15.39 -11.32
C TYR A 228 24.30 16.60 -10.43
N ASN A 229 24.30 17.79 -11.01
CA ASN A 229 23.87 19.00 -10.32
C ASN A 229 22.86 19.68 -11.21
N VAL A 230 21.61 19.75 -10.78
CA VAL A 230 20.51 20.27 -11.58
C VAL A 230 19.93 21.47 -10.86
N ASN A 231 20.22 22.67 -11.37
CA ASN A 231 19.68 23.91 -10.85
C ASN A 231 18.50 24.34 -11.72
N ILE A 232 17.34 24.54 -11.08
CA ILE A 232 16.14 25.03 -11.75
C ILE A 232 15.87 26.43 -11.22
N PRO A 233 16.34 27.46 -11.90
CA PRO A 233 16.29 28.82 -11.35
C PRO A 233 15.10 29.61 -11.87
N TRP A 234 14.32 30.20 -10.97
CA TRP A 234 13.16 30.97 -11.35
C TRP A 234 13.51 32.46 -11.43
N ASN A 235 13.01 33.13 -12.46
CA ASN A 235 13.19 34.56 -12.63
C ASN A 235 11.85 35.21 -12.96
N GLY A 236 11.62 36.40 -12.39
CA GLY A 236 10.54 37.28 -12.83
C GLY A 236 9.15 36.69 -12.78
N GLY A 237 8.74 36.22 -11.62
CA GLY A 237 7.43 35.64 -11.47
C GLY A 237 7.21 35.08 -10.08
N LYS A 238 5.98 35.19 -9.59
CA LYS A 238 5.59 34.60 -8.31
C LYS A 238 5.20 33.16 -8.61
N MET A 239 6.14 32.24 -8.44
CA MET A 239 5.90 30.88 -8.88
C MET A 239 5.08 30.11 -7.85
N GLY A 240 4.36 29.11 -8.32
CA GLY A 240 3.47 28.35 -7.47
C GLY A 240 3.27 26.94 -7.95
N ASP A 241 2.13 26.34 -7.58
CA ASP A 241 1.91 24.93 -7.90
C ASP A 241 2.09 24.59 -9.37
N PRO A 242 1.56 25.34 -10.34
CA PRO A 242 1.73 24.93 -11.73
C PRO A 242 3.19 24.83 -12.15
N GLU A 243 4.01 25.79 -11.73
CA GLU A 243 5.41 25.80 -12.13
C GLU A 243 6.20 24.68 -11.46
N TYR A 244 5.93 24.42 -10.18
CA TYR A 244 6.64 23.34 -9.49
C TYR A 244 6.21 21.98 -10.03
N MET A 245 4.92 21.82 -10.35
CA MET A 245 4.46 20.57 -10.93
C MET A 245 5.08 20.34 -12.29
N ALA A 246 5.18 21.41 -13.10
CA ALA A 246 5.79 21.29 -14.42
C ALA A 246 7.27 20.98 -14.32
N ALA A 247 7.98 21.62 -13.38
CA ALA A 247 9.39 21.30 -13.20
C ALA A 247 9.58 19.84 -12.80
N PHE A 248 8.69 19.32 -11.96
CA PHE A 248 8.76 17.90 -11.60
C PHE A 248 8.48 17.01 -12.81
N HIS A 249 7.48 17.39 -13.61
CA HIS A 249 7.11 16.53 -14.73
C HIS A 249 8.19 16.50 -15.81
N HIS A 250 8.74 17.66 -16.15
CA HIS A 250 9.70 17.75 -17.25
C HIS A 250 11.13 17.48 -16.85
N LEU A 251 11.49 17.67 -15.58
CA LEU A 251 12.88 17.63 -15.18
C LEU A 251 13.14 16.70 -14.00
N VAL A 252 12.55 16.99 -12.83
CA VAL A 252 12.92 16.27 -11.62
C VAL A 252 12.65 14.79 -11.77
N MET A 253 11.45 14.43 -12.19
CA MET A 253 11.07 13.03 -12.23
C MET A 253 11.76 12.24 -13.34
N PRO A 254 11.86 12.76 -14.58
CA PRO A 254 12.62 12.00 -15.59
C PRO A 254 14.07 11.80 -15.20
N ILE A 255 14.74 12.83 -14.68
CA ILE A 255 16.13 12.67 -14.26
C ILE A 255 16.21 11.72 -13.08
N ALA A 256 15.35 11.90 -12.08
CA ALA A 256 15.41 11.06 -10.88
C ALA A 256 15.15 9.59 -11.22
N ARG A 257 14.18 9.32 -12.09
CA ARG A 257 13.92 7.92 -12.42
CA ARG A 257 13.90 7.93 -12.46
C ARG A 257 15.08 7.29 -13.18
N GLU A 258 15.77 8.06 -14.02
CA GLU A 258 16.94 7.52 -14.70
C GLU A 258 18.09 7.29 -13.73
N PHE A 259 18.27 8.19 -12.76
CA PHE A 259 19.31 8.01 -11.74
C PHE A 259 18.99 6.82 -10.84
N ALA A 260 17.70 6.58 -10.58
CA ALA A 260 17.21 5.48 -9.75
C ALA A 260 17.84 5.52 -8.37
N PRO A 261 17.57 6.56 -7.58
CA PRO A 261 18.16 6.65 -6.26
C PRO A 261 17.70 5.50 -5.37
N GLU A 262 18.54 5.20 -4.38
CA GLU A 262 18.23 4.25 -3.33
C GLU A 262 17.76 4.91 -2.05
N LEU A 263 17.94 6.24 -1.94
CA LEU A 263 17.44 7.04 -0.83
C LEU A 263 17.17 8.42 -1.38
N VAL A 264 16.04 9.01 -0.98
CA VAL A 264 15.70 10.38 -1.35
C VAL A 264 15.69 11.22 -0.09
N LEU A 265 16.52 12.26 -0.07
CA LEU A 265 16.49 13.27 0.97
C LEU A 265 15.86 14.53 0.41
N VAL A 266 14.90 15.08 1.11
CA VAL A 266 14.30 16.35 0.69
C VAL A 266 14.80 17.44 1.61
N SER A 267 15.53 18.39 1.04
CA SER A 267 15.80 19.65 1.74
C SER A 267 14.52 20.45 1.64
N ALA A 268 13.64 20.22 2.63
CA ALA A 268 12.25 20.67 2.57
C ALA A 268 12.13 21.98 3.33
N GLY A 269 12.58 23.06 2.71
CA GLY A 269 12.18 24.36 3.15
C GLY A 269 10.76 24.63 2.71
N PHE A 270 10.05 25.40 3.51
CA PHE A 270 8.69 25.80 3.16
C PHE A 270 8.57 27.30 2.99
N ASP A 271 9.67 27.93 2.54
CA ASP A 271 9.67 29.36 2.26
C ASP A 271 9.25 29.71 0.84
N ALA A 272 9.00 28.72 -0.02
CA ALA A 272 8.27 28.98 -1.26
C ALA A 272 6.76 28.97 -1.05
N ALA A 273 6.31 28.81 0.19
CA ALA A 273 4.89 28.65 0.48
C ALA A 273 4.13 29.96 0.35
N ARG A 274 2.87 29.84 -0.10
CA ARG A 274 1.92 30.93 0.05
C ARG A 274 1.93 31.42 1.49
N GLY A 275 2.08 32.74 1.66
CA GLY A 275 2.12 33.34 2.98
C GLY A 275 3.50 33.57 3.56
N ASP A 276 4.55 33.01 2.96
CA ASP A 276 5.87 33.20 3.55
C ASP A 276 6.24 34.67 3.53
N PRO A 277 6.82 35.21 4.61
CA PRO A 277 7.11 36.64 4.66
C PRO A 277 8.33 37.06 3.86
N LEU A 278 9.10 36.12 3.30
CA LEU A 278 10.26 36.52 2.52
C LEU A 278 10.46 35.78 1.20
N GLY A 279 9.79 34.64 0.98
CA GLY A 279 10.04 33.90 -0.24
C GLY A 279 9.43 34.53 -1.48
N GLY A 280 8.24 35.10 -1.33
CA GLY A 280 7.57 35.74 -2.45
C GLY A 280 6.85 34.82 -3.40
N PHE A 281 6.72 33.53 -3.06
CA PHE A 281 6.11 32.52 -3.92
C PHE A 281 4.78 32.07 -3.33
N GLN A 282 4.15 31.08 -3.97
CA GLN A 282 2.80 30.74 -3.54
C GLN A 282 2.48 29.25 -3.67
N VAL A 283 3.48 28.39 -3.45
CA VAL A 283 3.19 26.95 -3.39
C VAL A 283 2.24 26.67 -2.23
N THR A 284 1.22 25.86 -2.50
CA THR A 284 0.18 25.60 -1.50
C THR A 284 0.51 24.33 -0.74
N PRO A 285 -0.15 24.09 0.40
CA PRO A 285 0.07 22.83 1.11
C PRO A 285 -0.22 21.62 0.23
N GLU A 286 -1.27 21.72 -0.58
CA GLU A 286 -1.59 20.66 -1.54
C GLU A 286 -0.50 20.49 -2.58
N GLY A 287 0.14 21.59 -3.01
CA GLY A 287 1.27 21.48 -3.92
C GLY A 287 2.42 20.69 -3.32
N TYR A 288 2.76 21.00 -2.06
CA TYR A 288 3.82 20.25 -1.40
C TYR A 288 3.43 18.78 -1.24
N ALA A 289 2.16 18.50 -0.96
CA ALA A 289 1.71 17.11 -0.91
C ALA A 289 1.94 16.42 -2.25
N HIS A 290 1.58 17.11 -3.35
CA HIS A 290 1.79 16.54 -4.67
C HIS A 290 3.26 16.21 -4.90
N LEU A 291 4.15 17.14 -4.56
CA LEU A 291 5.58 16.90 -4.75
C LEU A 291 6.05 15.73 -3.91
N THR A 292 5.62 15.66 -2.65
CA THR A 292 6.02 14.55 -1.80
C THR A 292 5.57 13.22 -2.40
N HIS A 293 4.32 13.15 -2.84
CA HIS A 293 3.77 11.92 -3.39
C HIS A 293 4.52 11.49 -4.64
N GLN A 294 4.95 12.45 -5.46
CA GLN A 294 5.79 12.14 -6.62
C GLN A 294 7.10 11.50 -6.19
N LEU A 295 7.77 12.08 -5.18
CA LEU A 295 9.05 11.54 -4.75
C LEU A 295 8.90 10.15 -4.14
N MET A 296 7.72 9.85 -3.58
CA MET A 296 7.50 8.52 -3.00
C MET A 296 7.52 7.41 -4.04
N SER A 297 7.40 7.74 -5.32
CA SER A 297 7.54 6.73 -6.36
C SER A 297 9.00 6.37 -6.65
N LEU A 298 9.96 7.02 -6.00
CA LEU A 298 11.37 6.75 -6.18
C LEU A 298 11.89 5.96 -4.99
N ALA A 299 13.01 5.27 -5.22
CA ALA A 299 13.77 4.63 -4.16
C ALA A 299 12.92 3.65 -3.34
N ALA A 300 11.93 3.03 -3.98
CA ALA A 300 11.01 2.13 -3.28
C ALA A 300 10.35 2.82 -2.08
N GLY A 301 10.17 4.13 -2.17
CA GLY A 301 9.51 4.89 -1.12
C GLY A 301 10.40 5.36 0.00
N ARG A 302 11.72 5.11 -0.07
CA ARG A 302 12.64 5.49 0.99
C ARG A 302 12.96 6.97 0.89
N VAL A 303 12.12 7.78 1.56
CA VAL A 303 12.17 9.24 1.50
C VAL A 303 12.29 9.80 2.91
N LEU A 304 13.23 10.72 3.09
CA LEU A 304 13.39 11.45 4.35
C LEU A 304 13.20 12.94 4.07
N ILE A 305 12.20 13.53 4.72
N ILE A 305 12.21 13.55 4.72
CA ILE A 305 11.87 14.95 4.58
CA ILE A 305 11.89 14.96 4.54
C ILE A 305 12.56 15.70 5.71
C ILE A 305 12.50 15.75 5.68
N ILE A 306 13.42 16.65 5.37
CA ILE A 306 14.21 17.40 6.36
C ILE A 306 13.84 18.89 6.29
N LEU A 307 13.38 19.45 7.41
CA LEU A 307 13.03 20.86 7.42
C LEU A 307 14.24 21.74 7.15
N GLU A 308 14.10 22.68 6.22
CA GLU A 308 15.09 23.74 6.00
C GLU A 308 14.49 25.07 6.43
N GLY A 309 14.19 25.97 5.48
CA GLY A 309 13.59 27.26 5.79
C GLY A 309 12.08 27.21 5.80
N GLY A 310 11.48 28.41 5.75
CA GLY A 310 10.04 28.56 5.86
C GLY A 310 9.69 29.29 7.13
N TYR A 311 8.99 30.44 7.01
CA TYR A 311 8.94 31.41 8.10
C TYR A 311 7.55 31.87 8.48
N ASN A 312 6.51 31.50 7.73
CA ASN A 312 5.15 31.71 8.18
C ASN A 312 4.76 30.49 9.01
N LEU A 313 4.54 30.70 10.31
CA LEU A 313 4.36 29.56 11.20
C LEU A 313 3.16 28.73 10.79
N THR A 314 2.07 29.37 10.35
CA THR A 314 0.91 28.61 9.89
C THR A 314 1.21 27.88 8.59
N SER A 315 1.85 28.56 7.63
CA SER A 315 2.14 27.95 6.33
C SER A 315 3.05 26.74 6.49
N ILE A 316 4.12 26.86 7.29
CA ILE A 316 5.05 25.74 7.38
C ILE A 316 4.40 24.59 8.11
N SER A 317 3.53 24.88 9.09
CA SER A 317 2.88 23.82 9.85
C SER A 317 1.92 23.04 8.98
N GLU A 318 1.10 23.74 8.18
CA GLU A 318 0.18 23.08 7.29
CA GLU A 318 0.18 23.08 7.29
C GLU A 318 0.92 22.33 6.18
N SER A 319 1.96 22.96 5.62
CA SER A 319 2.66 22.36 4.49
C SER A 319 3.41 21.11 4.90
N MET A 320 4.17 21.18 5.99
CA MET A 320 4.94 19.99 6.37
C MET A 320 4.02 18.88 6.83
N SER A 321 2.92 19.21 7.52
CA SER A 321 1.95 18.20 7.93
CA SER A 321 1.99 18.18 7.93
C SER A 321 1.34 17.49 6.73
N MET A 322 1.06 18.25 5.66
CA MET A 322 0.53 17.62 4.46
CA MET A 322 0.53 17.63 4.45
C MET A 322 1.54 16.65 3.86
N CYS A 323 2.83 16.98 3.92
CA CYS A 323 3.86 16.06 3.45
C CYS A 323 3.86 14.79 4.28
N THR A 324 3.75 14.90 5.61
CA THR A 324 3.71 13.71 6.45
C THR A 324 2.49 12.86 6.14
N SER A 325 1.33 13.50 5.90
CA SER A 325 0.13 12.77 5.49
C SER A 325 0.39 11.94 4.24
N MET A 326 1.15 12.50 3.28
CA MET A 326 1.49 11.75 2.09
C MET A 326 2.37 10.55 2.42
N LEU A 327 3.40 10.76 3.24
CA LEU A 327 4.29 9.66 3.64
C LEU A 327 3.51 8.54 4.30
N LEU A 328 2.47 8.90 5.06
CA LEU A 328 1.63 7.92 5.76
C LEU A 328 0.69 7.17 4.83
N GLY A 329 0.65 7.52 3.54
CA GLY A 329 -0.17 6.82 2.58
C GLY A 329 -1.50 7.46 2.25
N ASP A 330 -1.78 8.66 2.77
CA ASP A 330 -3.06 9.30 2.47
C ASP A 330 -3.08 9.74 1.01
N SER A 331 -4.28 9.81 0.44
CA SER A 331 -4.39 10.09 -0.97
C SER A 331 -4.02 11.54 -1.26
N PRO A 332 -3.26 11.80 -2.33
CA PRO A 332 -2.86 13.17 -2.61
C PRO A 332 -4.03 13.99 -3.11
N PRO A 333 -4.05 15.28 -2.82
CA PRO A 333 -5.09 16.16 -3.38
C PRO A 333 -4.99 16.24 -4.89
N SER A 334 -6.12 16.39 -5.55
CA SER A 334 -6.16 16.53 -7.00
C SER A 334 -5.87 17.97 -7.37
N LEU A 335 -4.91 18.17 -8.28
CA LEU A 335 -4.54 19.49 -8.76
C LEU A 335 -4.71 19.57 -10.26
N ASP A 336 -4.78 20.80 -10.77
CA ASP A 336 -4.99 21.04 -12.19
C ASP A 336 -3.62 21.11 -12.89
N HIS A 337 -3.32 20.09 -13.68
CA HIS A 337 -2.08 20.02 -14.42
C HIS A 337 -2.12 20.80 -15.72
N LEU A 338 -3.26 21.43 -16.04
CA LEU A 338 -3.41 22.18 -17.28
C LEU A 338 -3.46 23.69 -17.06
N THR A 339 -3.24 24.16 -15.84
CA THR A 339 -3.09 25.60 -15.63
C THR A 339 -1.84 26.07 -16.37
N PRO A 340 -1.94 27.04 -17.27
CA PRO A 340 -0.75 27.48 -18.00
C PRO A 340 0.29 28.08 -17.06
N LEU A 341 1.55 27.89 -17.42
CA LEU A 341 2.64 28.41 -16.60
C LEU A 341 2.88 29.87 -16.90
N LYS A 342 3.37 30.59 -15.89
CA LYS A 342 3.88 31.92 -16.14
CA LYS A 342 3.88 31.92 -16.14
C LYS A 342 5.04 31.84 -17.11
N THR A 343 5.10 32.81 -18.05
CA THR A 343 5.98 32.67 -19.21
C THR A 343 7.44 32.45 -18.83
N SER A 344 7.93 33.15 -17.80
CA SER A 344 9.34 32.99 -17.45
C SER A 344 9.65 31.62 -16.89
N ALA A 345 8.64 30.92 -16.35
CA ALA A 345 8.87 29.56 -15.86
C ALA A 345 9.12 28.60 -17.01
N THR A 346 8.40 28.77 -18.12
CA THR A 346 8.66 27.96 -19.31
C THR A 346 10.08 28.21 -19.81
N VAL A 347 10.52 29.48 -19.79
CA VAL A 347 11.89 29.81 -20.20
C VAL A 347 12.91 29.09 -19.31
N SER A 348 12.70 29.14 -17.98
CA SER A 348 13.61 28.48 -17.06
C SER A 348 13.67 26.98 -17.31
N ILE A 349 12.50 26.32 -17.40
CA ILE A 349 12.48 24.88 -17.61
C ILE A 349 13.18 24.50 -18.90
N ASN A 350 12.97 25.27 -19.97
CA ASN A 350 13.61 24.96 -21.24
C ASN A 350 15.12 25.15 -21.16
N ASN A 351 15.58 26.15 -20.41
CA ASN A 351 17.01 26.34 -20.23
C ASN A 351 17.64 25.16 -19.51
N VAL A 352 16.97 24.64 -18.47
CA VAL A 352 17.50 23.47 -17.77
C VAL A 352 17.49 22.25 -18.67
N LEU A 353 16.43 22.06 -19.44
CA LEU A 353 16.38 20.93 -20.36
C LEU A 353 17.54 20.96 -21.35
N ARG A 354 17.86 22.14 -21.88
CA ARG A 354 18.97 22.23 -22.83
C ARG A 354 20.30 21.93 -22.15
N ALA A 355 20.47 22.38 -20.91
CA ALA A 355 21.73 22.17 -20.22
C ALA A 355 21.94 20.70 -19.86
N HIS A 356 20.85 19.96 -19.58
CA HIS A 356 20.97 18.61 -19.06
C HIS A 356 20.64 17.50 -20.04
N ALA A 357 20.01 17.81 -21.17
CA ALA A 357 19.84 16.82 -22.22
C ALA A 357 21.10 16.05 -22.58
N PRO A 358 22.30 16.65 -22.64
CA PRO A 358 23.50 15.85 -22.94
C PRO A 358 23.81 14.76 -21.93
N PHE A 359 23.28 14.85 -20.71
CA PHE A 359 23.65 13.94 -19.65
C PHE A 359 22.58 12.90 -19.32
N TRP A 360 21.35 13.09 -19.77
CA TRP A 360 20.22 12.27 -19.36
C TRP A 360 19.42 11.87 -20.59
N SER A 361 19.47 10.57 -20.92
CA SER A 361 18.76 10.09 -22.11
C SER A 361 17.26 10.31 -22.00
N SER A 362 16.72 10.35 -20.78
CA SER A 362 15.29 10.59 -20.60
C SER A 362 14.86 11.97 -21.08
N LEU A 363 15.80 12.90 -21.21
CA LEU A 363 15.50 14.24 -21.69
C LEU A 363 15.69 14.39 -23.19
N ARG A 364 16.18 13.37 -23.88
CA ARG A 364 16.44 13.45 -25.31
C ARG A 364 15.33 12.80 -26.12
N PRO B 8 34.30 -4.09 10.48
CA PRO B 8 34.33 -5.15 9.47
C PRO B 8 33.97 -6.51 10.05
N ILE B 9 32.73 -6.93 9.84
CA ILE B 9 32.24 -8.22 10.30
C ILE B 9 32.06 -9.13 9.08
N THR B 10 32.36 -10.41 9.25
CA THR B 10 32.11 -11.42 8.23
C THR B 10 30.93 -12.29 8.70
N GLY B 11 29.94 -12.45 7.83
CA GLY B 11 28.83 -13.32 8.12
C GLY B 11 29.07 -14.76 7.68
N LEU B 12 28.41 -15.68 8.36
CA LEU B 12 28.47 -17.09 7.97
C LEU B 12 27.08 -17.68 8.11
N VAL B 13 26.60 -18.36 7.07
CA VAL B 13 25.34 -19.08 7.14
C VAL B 13 25.58 -20.55 6.86
N TYR B 14 25.02 -21.40 7.73
CA TYR B 14 25.06 -22.84 7.61
C TYR B 14 23.88 -23.39 8.39
N ASP B 15 23.17 -24.34 7.80
CA ASP B 15 22.05 -24.96 8.49
C ASP B 15 22.03 -26.43 8.14
N GLN B 16 22.10 -27.28 9.18
CA GLN B 16 22.19 -28.72 8.99
CA GLN B 16 22.21 -28.72 8.95
C GLN B 16 21.00 -29.29 8.23
N ARG B 17 19.87 -28.59 8.22
CA ARG B 17 18.70 -29.07 7.47
C ARG B 17 19.02 -29.27 6.00
N MET B 18 19.99 -28.53 5.44
CA MET B 18 20.32 -28.72 4.03
C MET B 18 20.97 -30.06 3.75
N MET B 19 21.33 -30.82 4.78
CA MET B 19 21.85 -32.18 4.61
C MET B 19 20.78 -33.19 4.23
N LEU B 20 19.49 -32.85 4.37
CA LEU B 20 18.44 -33.86 4.20
C LEU B 20 18.21 -34.22 2.74
N HIS B 21 18.54 -33.34 1.80
CA HIS B 21 18.53 -33.67 0.37
C HIS B 21 19.55 -34.78 0.12
N HIS B 22 19.11 -35.90 -0.45
CA HIS B 22 20.02 -37.01 -0.63
C HIS B 22 19.57 -37.86 -1.80
N ASN B 23 20.49 -38.72 -2.26
CA ASN B 23 20.25 -39.63 -3.37
C ASN B 23 19.87 -40.98 -2.78
N MET B 24 18.59 -41.31 -2.88
CA MET B 24 18.02 -42.52 -2.29
CA MET B 24 18.15 -42.52 -2.22
C MET B 24 18.43 -43.79 -3.02
N TRP B 25 19.02 -43.69 -4.21
CA TRP B 25 19.35 -44.86 -5.00
C TRP B 25 20.84 -45.05 -5.21
N ASP B 26 21.66 -44.11 -4.75
CA ASP B 26 23.11 -44.26 -4.84
C ASP B 26 23.69 -43.52 -3.64
N SER B 27 23.98 -44.26 -2.57
CA SER B 27 24.50 -43.63 -1.36
C SER B 27 25.89 -43.05 -1.56
N HIS B 28 26.54 -43.34 -2.67
CA HIS B 28 27.89 -42.87 -2.95
C HIS B 28 27.91 -41.76 -3.99
N HIS B 29 26.76 -41.22 -4.35
CA HIS B 29 26.75 -40.13 -5.32
C HIS B 29 27.57 -38.96 -4.76
N PRO B 30 28.41 -38.32 -5.57
CA PRO B 30 29.36 -37.34 -5.02
C PRO B 30 28.73 -36.10 -4.39
N GLU B 31 27.50 -35.73 -4.74
CA GLU B 31 26.89 -34.52 -4.15
C GLU B 31 26.25 -34.91 -2.81
N LEU B 32 27.12 -35.17 -1.82
CA LEU B 32 26.81 -35.78 -0.53
C LEU B 32 26.35 -34.75 0.49
N PRO B 33 25.42 -35.13 1.36
CA PRO B 33 25.06 -34.27 2.50
C PRO B 33 26.26 -33.79 3.29
N GLN B 34 27.27 -34.64 3.45
CA GLN B 34 28.43 -34.35 4.28
C GLN B 34 29.32 -33.26 3.70
N ARG B 35 29.09 -32.86 2.45
CA ARG B 35 29.85 -31.74 1.90
C ARG B 35 29.73 -30.50 2.79
N ILE B 36 28.51 -30.17 3.21
CA ILE B 36 28.35 -28.94 3.98
C ILE B 36 28.73 -29.13 5.44
N SER B 37 28.44 -30.30 6.01
CA SER B 37 28.80 -30.51 7.42
C SER B 37 30.32 -30.58 7.61
N ARG B 38 31.06 -31.15 6.64
CA ARG B 38 32.52 -31.17 6.72
C ARG B 38 33.09 -29.76 6.62
N ILE B 39 32.57 -28.93 5.72
CA ILE B 39 33.06 -27.56 5.62
C ILE B 39 32.78 -26.81 6.92
N PHE B 40 31.56 -26.96 7.45
CA PHE B 40 31.22 -26.30 8.71
C PHE B 40 32.13 -26.78 9.85
N SER B 41 32.34 -28.10 9.95
CA SER B 41 33.20 -28.64 11.00
CA SER B 41 33.21 -28.65 10.99
C SER B 41 34.61 -28.08 10.90
N ARG B 42 35.12 -27.89 9.68
CA ARG B 42 36.47 -27.37 9.52
C ARG B 42 36.54 -25.91 9.97
N HIS B 43 35.46 -25.15 9.74
CA HIS B 43 35.42 -23.78 10.25
C HIS B 43 35.47 -23.75 11.77
N GLU B 44 34.83 -24.73 12.42
CA GLU B 44 34.89 -24.81 13.88
C GLU B 44 36.30 -25.18 14.33
N GLU B 45 36.89 -26.20 13.70
CA GLU B 45 38.21 -26.69 14.09
C GLU B 45 39.26 -25.60 13.94
N LEU B 46 39.16 -24.77 12.91
CA LEU B 46 40.11 -23.70 12.66
C LEU B 46 39.78 -22.42 13.42
N ARG B 47 38.74 -22.45 14.26
CA ARG B 47 38.36 -21.29 15.08
C ARG B 47 37.90 -20.11 14.22
N LEU B 48 37.40 -20.41 13.03
CA LEU B 48 36.86 -19.35 12.17
C LEU B 48 35.40 -19.03 12.51
N LEU B 49 34.64 -20.03 12.95
CA LEU B 49 33.22 -19.83 13.20
C LEU B 49 32.99 -18.77 14.26
N SER B 50 33.75 -18.82 15.36
CA SER B 50 33.56 -17.87 16.45
C SER B 50 33.96 -16.45 16.06
N ARG B 51 34.70 -16.28 14.97
CA ARG B 51 35.07 -14.96 14.48
C ARG B 51 34.02 -14.36 13.55
N CYS B 52 33.01 -15.13 13.16
CA CYS B 52 31.99 -14.68 12.23
C CYS B 52 30.71 -14.35 12.97
N HIS B 53 29.87 -13.55 12.33
CA HIS B 53 28.51 -13.31 12.76
C HIS B 53 27.61 -14.35 12.11
N ARG B 54 26.91 -15.15 12.91
CA ARG B 54 26.08 -16.21 12.37
C ARG B 54 24.81 -15.59 11.80
N ILE B 55 24.58 -15.80 10.51
CA ILE B 55 23.38 -15.33 9.82
C ILE B 55 22.44 -16.53 9.69
N PRO B 56 21.17 -16.40 10.06
CA PRO B 56 20.29 -17.56 10.00
C PRO B 56 19.87 -17.89 8.58
N ALA B 57 19.68 -19.19 8.34
CA ALA B 57 19.03 -19.63 7.12
C ALA B 57 17.55 -19.30 7.18
N ARG B 58 16.94 -19.17 6.00
CA ARG B 58 15.49 -19.07 5.89
C ARG B 58 15.10 -19.67 4.55
N LEU B 59 13.80 -19.96 4.42
CA LEU B 59 13.27 -20.39 3.14
C LEU B 59 13.13 -19.19 2.21
N ALA B 60 13.61 -19.34 0.98
CA ALA B 60 13.15 -18.46 -0.08
C ALA B 60 11.65 -18.66 -0.27
N THR B 61 10.96 -17.59 -0.63
CA THR B 61 9.56 -17.68 -0.98
C THR B 61 9.40 -17.99 -2.46
N GLU B 62 8.20 -18.47 -2.83
CA GLU B 62 7.92 -18.73 -4.23
C GLU B 62 7.97 -17.44 -5.05
N GLU B 63 7.57 -16.32 -4.45
CA GLU B 63 7.72 -15.03 -5.13
C GLU B 63 9.17 -14.72 -5.44
N GLU B 64 10.07 -14.98 -4.48
CA GLU B 64 11.50 -14.78 -4.72
C GLU B 64 12.04 -15.72 -5.80
N LEU B 65 11.60 -16.99 -5.79
CA LEU B 65 12.02 -17.88 -6.87
C LEU B 65 11.64 -17.35 -8.24
N ALA B 66 10.51 -16.66 -8.33
CA ALA B 66 10.04 -16.11 -9.61
C ALA B 66 10.90 -14.97 -10.12
N LEU B 67 11.87 -14.50 -9.33
CA LEU B 67 12.81 -13.52 -9.86
C LEU B 67 13.60 -14.09 -11.03
N CYS B 68 13.83 -15.41 -11.05
CA CYS B 68 14.58 -16.03 -12.14
C CYS B 68 13.90 -17.23 -12.77
N HIS B 69 12.93 -17.85 -12.12
CA HIS B 69 12.42 -19.14 -12.57
C HIS B 69 10.95 -19.05 -12.98
N SER B 70 10.57 -19.93 -13.90
CA SER B 70 9.21 -19.96 -14.41
C SER B 70 8.26 -20.56 -13.38
N SER B 71 6.98 -20.21 -13.51
CA SER B 71 5.97 -20.75 -12.61
CA SER B 71 5.96 -20.75 -12.62
C SER B 71 5.88 -22.27 -12.73
N LYS B 72 6.00 -22.79 -13.96
CA LYS B 72 5.92 -24.24 -14.15
C LYS B 72 7.06 -24.94 -13.43
N HIS B 73 8.28 -24.41 -13.56
CA HIS B 73 9.42 -25.05 -12.92
C HIS B 73 9.30 -25.03 -11.41
N ILE B 74 8.90 -23.88 -10.85
CA ILE B 74 8.70 -23.78 -9.41
C ILE B 74 7.66 -24.80 -8.95
N SER B 75 6.54 -24.89 -9.69
CA SER B 75 5.46 -25.78 -9.27
CA SER B 75 5.46 -25.79 -9.29
C SER B 75 5.89 -27.25 -9.33
N ILE B 76 6.69 -27.64 -10.31
CA ILE B 76 7.13 -29.02 -10.43
C ILE B 76 8.06 -29.40 -9.28
N ILE B 77 9.07 -28.56 -9.01
CA ILE B 77 9.97 -28.88 -7.90
C ILE B 77 9.23 -28.84 -6.58
N LYS B 78 8.33 -27.86 -6.41
CA LYS B 78 7.52 -27.81 -5.20
C LYS B 78 6.74 -29.10 -4.99
N SER B 79 6.18 -29.65 -6.08
CA SER B 79 5.38 -30.87 -5.98
C SER B 79 6.17 -32.08 -5.54
N SER B 80 7.49 -32.07 -5.74
CA SER B 80 8.29 -33.23 -5.39
C SER B 80 8.30 -33.50 -3.89
N GLU B 81 8.05 -32.48 -3.06
CA GLU B 81 8.04 -32.68 -1.62
C GLU B 81 7.06 -33.77 -1.20
N HIS B 82 5.96 -33.94 -1.93
CA HIS B 82 4.92 -34.89 -1.54
C HIS B 82 4.91 -36.16 -2.37
N MET B 83 5.95 -36.39 -3.18
CA MET B 83 6.01 -37.57 -4.02
C MET B 83 6.62 -38.74 -3.28
N LYS B 84 6.20 -39.93 -3.67
CA LYS B 84 6.74 -41.18 -3.17
C LYS B 84 8.00 -41.54 -3.95
N PRO B 85 8.84 -42.43 -3.41
CA PRO B 85 10.15 -42.71 -4.03
C PRO B 85 10.17 -43.00 -5.53
N ARG B 86 9.33 -43.90 -6.03
CA ARG B 86 9.43 -44.22 -7.44
C ARG B 86 8.97 -43.05 -8.31
N ASP B 87 8.05 -42.22 -7.81
CA ASP B 87 7.69 -41.02 -8.55
C ASP B 87 8.81 -39.99 -8.52
N LEU B 88 9.54 -39.91 -7.40
CA LEU B 88 10.71 -39.05 -7.34
C LEU B 88 11.79 -39.51 -8.31
N ASN B 89 11.97 -40.82 -8.44
CA ASN B 89 12.97 -41.32 -9.37
C ASN B 89 12.59 -41.01 -10.80
N ARG B 90 11.31 -41.18 -11.15
CA ARG B 90 10.85 -40.84 -12.49
C ARG B 90 11.03 -39.36 -12.78
N LEU B 91 10.70 -38.49 -11.81
CA LEU B 91 10.86 -37.06 -12.04
C LEU B 91 12.32 -36.69 -12.22
N GLY B 92 13.19 -37.19 -11.33
CA GLY B 92 14.60 -36.90 -11.45
C GLY B 92 15.18 -37.33 -12.78
N ASP B 93 14.75 -38.48 -13.27
CA ASP B 93 15.28 -39.04 -14.50
C ASP B 93 14.90 -38.23 -15.74
N GLU B 94 13.93 -37.33 -15.62
CA GLU B 94 13.55 -36.47 -16.74
C GLU B 94 14.54 -35.33 -16.96
N TYR B 95 15.41 -35.07 -15.99
CA TYR B 95 16.40 -34.01 -16.08
C TYR B 95 17.78 -34.61 -16.39
N ASN B 96 18.71 -33.73 -16.74
CA ASN B 96 20.10 -34.09 -16.93
C ASN B 96 20.78 -34.03 -15.56
N SER B 97 21.16 -35.19 -15.02
CA SER B 97 22.02 -35.29 -13.84
C SER B 97 21.38 -34.67 -12.60
N ILE B 98 20.21 -35.20 -12.23
CA ILE B 98 19.46 -34.74 -11.07
C ILE B 98 18.97 -35.95 -10.29
N PHE B 99 19.12 -35.91 -8.97
CA PHE B 99 18.41 -36.81 -8.07
C PHE B 99 17.56 -35.97 -7.13
N ILE B 100 16.42 -36.53 -6.70
CA ILE B 100 15.45 -35.81 -5.88
C ILE B 100 14.99 -36.71 -4.75
N SER B 101 14.93 -36.15 -3.54
CA SER B 101 14.25 -36.75 -2.41
C SER B 101 13.14 -35.79 -1.95
N ASN B 102 12.36 -36.22 -0.97
CA ASN B 102 11.24 -35.35 -0.57
C ASN B 102 11.68 -34.13 0.24
N GLU B 103 12.96 -34.01 0.57
CA GLU B 103 13.49 -32.81 1.20
C GLU B 103 14.23 -31.90 0.22
N SER B 104 14.35 -32.31 -1.04
CA SER B 104 15.14 -31.52 -2.00
C SER B 104 14.60 -30.10 -2.16
N TYR B 105 13.29 -29.97 -2.30
CA TYR B 105 12.69 -28.65 -2.48
C TYR B 105 12.99 -27.75 -1.28
N THR B 106 12.75 -28.26 -0.07
CA THR B 106 13.02 -27.49 1.13
C THR B 106 14.49 -27.08 1.20
N CYS B 107 15.39 -28.00 0.88
CA CYS B 107 16.82 -27.69 0.94
C CYS B 107 17.19 -26.62 -0.08
N ALA B 108 16.65 -26.71 -1.30
CA ALA B 108 16.93 -25.69 -2.31
C ALA B 108 16.39 -24.32 -1.87
N LEU B 109 15.23 -24.30 -1.22
CA LEU B 109 14.69 -23.05 -0.67
C LEU B 109 15.60 -22.49 0.41
N LEU B 110 16.14 -23.37 1.27
CA LEU B 110 17.03 -22.91 2.34
C LEU B 110 18.34 -22.39 1.79
N ALA B 111 18.87 -23.03 0.74
CA ALA B 111 20.11 -22.55 0.15
C ALA B 111 19.92 -21.14 -0.40
N ALA B 112 18.82 -20.91 -1.12
CA ALA B 112 18.55 -19.59 -1.67
C ALA B 112 18.26 -18.57 -0.57
N GLY B 113 17.38 -18.90 0.39
CA GLY B 113 17.05 -17.96 1.44
C GLY B 113 18.23 -17.58 2.30
N SER B 114 19.14 -18.54 2.53
CA SER B 114 20.37 -18.25 3.26
C SER B 114 21.17 -17.18 2.56
N CYS B 115 21.26 -17.27 1.23
CA CYS B 115 22.02 -16.28 0.47
C CYS B 115 21.31 -14.94 0.45
N PHE B 116 19.97 -14.94 0.40
CA PHE B 116 19.24 -13.67 0.49
C PHE B 116 19.53 -12.97 1.81
N ASN B 117 19.47 -13.72 2.93
CA ASN B 117 19.75 -13.11 4.22
C ASN B 117 21.18 -12.58 4.28
N SER B 118 22.11 -13.29 3.66
CA SER B 118 23.50 -12.85 3.64
C SER B 118 23.64 -11.57 2.81
N ALA B 119 23.03 -11.55 1.62
CA ALA B 119 23.09 -10.36 0.78
C ALA B 119 22.44 -9.17 1.47
N GLN B 120 21.32 -9.39 2.15
CA GLN B 120 20.67 -8.30 2.89
C GLN B 120 21.56 -7.77 4.00
N ALA B 121 22.25 -8.66 4.71
CA ALA B 121 23.14 -8.21 5.78
C ALA B 121 24.28 -7.38 5.22
N ILE B 122 24.82 -7.77 4.07
CA ILE B 122 25.90 -7.02 3.44
C ILE B 122 25.41 -5.65 3.00
N LEU B 123 24.21 -5.58 2.41
CA LEU B 123 23.76 -4.35 1.79
C LEU B 123 23.14 -3.36 2.76
N THR B 124 22.78 -3.80 3.97
CA THR B 124 22.23 -2.94 5.00
C THR B 124 23.26 -2.65 6.10
N GLY B 125 24.54 -2.89 5.82
CA GLY B 125 25.59 -2.51 6.74
C GLY B 125 25.71 -3.34 7.99
N GLN B 126 25.16 -4.56 8.00
CA GLN B 126 25.29 -5.42 9.17
C GLN B 126 26.59 -6.20 9.17
N VAL B 127 27.04 -6.64 7.99
CA VAL B 127 28.34 -7.28 7.83
C VAL B 127 28.99 -6.70 6.57
N ARG B 128 30.31 -6.88 6.48
CA ARG B 128 31.01 -6.45 5.28
C ARG B 128 30.92 -7.49 4.17
N ASN B 129 31.00 -8.76 4.53
CA ASN B 129 31.05 -9.84 3.56
C ASN B 129 30.52 -11.09 4.25
N ALA B 130 30.43 -12.20 3.51
CA ALA B 130 29.82 -13.37 4.10
C ALA B 130 30.15 -14.62 3.29
N VAL B 131 30.03 -15.78 3.96
CA VAL B 131 30.20 -17.10 3.35
CA VAL B 131 30.20 -17.10 3.35
C VAL B 131 28.91 -17.89 3.57
N ALA B 132 28.48 -18.60 2.54
CA ALA B 132 27.24 -19.39 2.58
C ALA B 132 27.56 -20.84 2.29
N ILE B 133 27.45 -21.68 3.32
CA ILE B 133 27.81 -23.09 3.22
C ILE B 133 26.49 -23.82 2.95
N VAL B 134 26.14 -23.96 1.66
CA VAL B 134 24.80 -24.35 1.25
C VAL B 134 24.84 -25.47 0.22
N ARG B 135 23.76 -26.26 0.18
CA ARG B 135 23.49 -27.23 -0.87
C ARG B 135 21.99 -27.48 -0.88
N PRO B 136 21.43 -27.98 -2.01
CA PRO B 136 22.07 -28.26 -3.30
C PRO B 136 22.61 -27.00 -3.98
N PRO B 137 23.54 -27.19 -4.92
CA PRO B 137 24.12 -26.04 -5.64
C PRO B 137 23.16 -25.44 -6.66
N GLY B 138 23.60 -24.42 -7.40
CA GLY B 138 22.66 -23.67 -8.21
C GLY B 138 23.01 -23.37 -9.67
N HIS B 139 24.29 -23.35 -10.05
CA HIS B 139 24.63 -22.59 -11.26
C HIS B 139 24.19 -23.23 -12.57
N HIS B 140 23.82 -24.51 -12.59
CA HIS B 140 23.32 -25.13 -13.80
C HIS B 140 21.82 -24.97 -13.97
N ALA B 141 21.11 -24.52 -12.94
CA ALA B 141 19.67 -24.40 -13.02
C ALA B 141 19.29 -23.26 -13.95
N GLU B 142 18.38 -23.54 -14.87
CA GLU B 142 17.89 -22.58 -15.85
C GLU B 142 16.57 -22.00 -15.37
N LYS B 143 16.10 -20.97 -16.08
CA LYS B 143 14.79 -20.41 -15.79
C LYS B 143 13.73 -21.50 -15.69
N ASP B 144 13.75 -22.47 -16.59
CA ASP B 144 12.65 -23.42 -16.71
C ASP B 144 13.04 -24.87 -16.38
N THR B 145 14.24 -25.14 -15.86
CA THR B 145 14.57 -26.55 -15.65
C THR B 145 15.69 -26.70 -14.62
N ALA B 146 15.70 -27.87 -13.99
CA ALA B 146 16.78 -28.30 -13.11
C ALA B 146 17.83 -29.00 -13.95
N CYS B 147 19.08 -29.01 -13.44
CA CYS B 147 20.15 -29.64 -14.19
C CYS B 147 21.38 -29.75 -13.30
N GLY B 148 22.12 -30.85 -13.45
CA GLY B 148 23.47 -30.91 -12.91
C GLY B 148 23.55 -30.68 -11.41
N PHE B 149 22.68 -31.32 -10.65
CA PHE B 149 22.60 -31.28 -9.19
C PHE B 149 21.93 -30.00 -8.69
N CYS B 150 21.42 -29.14 -9.57
CA CYS B 150 20.93 -27.81 -9.22
C CYS B 150 19.44 -27.71 -9.52
N PHE B 151 18.68 -27.15 -8.58
CA PHE B 151 17.25 -26.98 -8.76
C PHE B 151 16.85 -25.54 -9.07
N PHE B 152 17.37 -24.61 -8.29
CA PHE B 152 17.16 -23.19 -8.49
C PHE B 152 18.51 -22.51 -8.52
N ASN B 153 18.63 -21.44 -9.29
CA ASN B 153 19.93 -20.81 -9.46
C ASN B 153 20.15 -19.81 -8.34
N THR B 154 20.74 -20.32 -7.25
CA THR B 154 20.93 -19.56 -6.02
C THR B 154 21.67 -18.25 -6.27
N ALA B 155 22.78 -18.32 -7.02
CA ALA B 155 23.56 -17.10 -7.25
C ALA B 155 22.78 -16.08 -8.09
N ALA B 156 22.11 -16.55 -9.16
CA ALA B 156 21.33 -15.64 -9.99
C ALA B 156 20.19 -15.02 -9.19
N LEU B 157 19.48 -15.83 -8.41
CA LEU B 157 18.42 -15.32 -7.56
C LEU B 157 18.95 -14.30 -6.57
N THR B 158 20.14 -14.56 -6.00
CA THR B 158 20.70 -13.63 -5.04
C THR B 158 21.02 -12.30 -5.69
N ALA B 159 21.52 -12.31 -6.92
CA ALA B 159 21.76 -11.05 -7.62
C ALA B 159 20.46 -10.28 -7.81
N ARG B 160 19.41 -10.96 -8.25
CA ARG B 160 18.12 -10.29 -8.44
C ARG B 160 17.53 -9.85 -7.11
N TYR B 161 17.69 -10.67 -6.06
CA TYR B 161 17.22 -10.26 -4.74
C TYR B 161 17.93 -9.00 -4.28
N ALA B 162 19.25 -8.94 -4.47
CA ALA B 162 20.01 -7.75 -4.10
C ALA B 162 19.49 -6.52 -4.82
N GLN B 163 19.22 -6.65 -6.12
CA GLN B 163 18.65 -5.54 -6.87
C GLN B 163 17.29 -5.16 -6.33
N SER B 164 16.48 -6.14 -5.93
CA SER B 164 15.14 -5.85 -5.44
C SER B 164 15.13 -5.06 -4.13
N ILE B 165 16.19 -5.13 -3.33
CA ILE B 165 16.24 -4.42 -2.06
C ILE B 165 17.09 -3.16 -2.12
N THR B 166 17.68 -2.85 -3.28
CA THR B 166 18.50 -1.65 -3.45
C THR B 166 17.91 -0.81 -4.58
N ARG B 167 18.34 -1.08 -5.80
CA ARG B 167 17.77 -0.50 -7.01
C ARG B 167 17.93 -1.51 -8.13
N GLU B 168 17.08 -1.38 -9.16
CA GLU B 168 17.07 -2.36 -10.24
C GLU B 168 18.41 -2.49 -10.92
N SER B 169 19.16 -1.40 -11.02
CA SER B 169 20.41 -1.36 -11.77
C SER B 169 21.65 -1.60 -10.90
N LEU B 170 21.49 -2.02 -9.66
CA LEU B 170 22.66 -2.32 -8.83
C LEU B 170 23.60 -3.24 -9.59
N ARG B 171 24.87 -2.84 -9.66
CA ARG B 171 25.85 -3.59 -10.45
C ARG B 171 26.37 -4.76 -9.63
N VAL B 172 26.04 -5.97 -10.05
CA VAL B 172 26.46 -7.19 -9.37
C VAL B 172 27.43 -7.94 -10.28
N LEU B 173 28.60 -8.25 -9.74
CA LEU B 173 29.55 -9.14 -10.40
C LEU B 173 29.35 -10.54 -9.85
N ILE B 174 29.17 -11.51 -10.74
CA ILE B 174 29.19 -12.93 -10.37
C ILE B 174 30.45 -13.53 -10.97
N VAL B 175 31.38 -13.93 -10.11
CA VAL B 175 32.54 -14.71 -10.53
C VAL B 175 32.27 -16.17 -10.21
N ASP B 176 32.32 -17.01 -11.23
CA ASP B 176 32.00 -18.43 -11.10
C ASP B 176 33.29 -19.22 -11.32
N TRP B 177 33.89 -19.68 -10.23
CA TRP B 177 35.14 -20.42 -10.33
C TRP B 177 34.96 -21.92 -10.11
N ASP B 178 33.72 -22.38 -9.96
CA ASP B 178 33.44 -23.80 -10.12
C ASP B 178 34.05 -24.27 -11.43
N VAL B 179 34.53 -25.52 -11.46
CA VAL B 179 35.21 -26.05 -12.65
C VAL B 179 34.28 -26.17 -13.86
N HIS B 180 32.97 -26.15 -13.64
CA HIS B 180 32.00 -26.27 -14.73
C HIS B 180 31.43 -24.90 -15.09
N HIS B 181 31.01 -24.78 -16.33
CA HIS B 181 30.33 -23.55 -16.74
C HIS B 181 28.96 -23.45 -16.08
N GLY B 182 28.65 -22.27 -15.55
CA GLY B 182 27.32 -21.99 -15.03
C GLY B 182 26.37 -21.60 -16.13
N ASN B 183 25.94 -22.60 -16.91
CA ASN B 183 25.06 -22.35 -18.04
C ASN B 183 23.81 -21.58 -17.65
N GLY B 184 23.21 -21.92 -16.50
CA GLY B 184 21.99 -21.23 -16.10
C GLY B 184 22.24 -19.77 -15.78
N THR B 185 23.33 -19.49 -15.08
CA THR B 185 23.66 -18.11 -14.73
C THR B 185 23.92 -17.28 -15.99
N GLN B 186 24.72 -17.83 -16.92
CA GLN B 186 24.95 -17.14 -18.19
C GLN B 186 23.64 -16.78 -18.88
N HIS B 187 22.75 -17.78 -19.03
CA HIS B 187 21.51 -17.56 -19.76
C HIS B 187 20.59 -16.56 -19.07
N ILE B 188 20.50 -16.64 -17.73
CA ILE B 188 19.62 -15.72 -17.00
C ILE B 188 20.01 -14.28 -17.23
N PHE B 189 21.32 -13.99 -17.32
CA PHE B 189 21.80 -12.62 -17.43
C PHE B 189 22.33 -12.26 -18.80
N GLU B 190 22.13 -13.11 -19.81
CA GLU B 190 22.83 -12.94 -21.08
C GLU B 190 22.51 -11.61 -21.75
N GLU B 191 21.31 -11.07 -21.56
CA GLU B 191 20.92 -9.80 -22.17
C GLU B 191 20.99 -8.64 -21.19
N ASP B 192 21.69 -8.80 -20.07
CA ASP B 192 21.64 -7.86 -18.96
C ASP B 192 23.02 -7.24 -18.75
N ASP B 193 23.07 -5.91 -18.70
CA ASP B 193 24.31 -5.18 -18.42
C ASP B 193 24.46 -4.78 -16.96
N SER B 194 23.51 -5.13 -16.10
CA SER B 194 23.62 -4.84 -14.68
C SER B 194 24.27 -5.98 -13.90
N VAL B 195 24.36 -7.17 -14.48
CA VAL B 195 25.01 -8.31 -13.83
C VAL B 195 26.09 -8.80 -14.77
N LEU B 196 27.34 -8.64 -14.36
CA LEU B 196 28.50 -9.10 -15.10
C LEU B 196 28.78 -10.53 -14.66
N TYR B 197 28.72 -11.48 -15.59
CA TYR B 197 29.00 -12.88 -15.31
C TYR B 197 30.36 -13.24 -15.87
N ILE B 198 31.26 -13.70 -15.01
CA ILE B 198 32.59 -14.15 -15.41
C ILE B 198 32.75 -15.58 -14.92
N SER B 199 32.94 -16.51 -15.85
CA SER B 199 33.11 -17.92 -15.54
C SER B 199 34.47 -18.39 -16.03
N LEU B 200 35.19 -19.11 -15.16
CA LEU B 200 36.35 -19.89 -15.56
C LEU B 200 35.93 -21.34 -15.49
N HIS B 201 36.25 -22.12 -16.52
CA HIS B 201 35.71 -23.49 -16.52
C HIS B 201 36.50 -24.39 -17.45
N ARG B 202 36.57 -25.64 -17.07
CA ARG B 202 37.05 -26.66 -17.99
C ARG B 202 36.04 -26.82 -19.12
N TYR B 203 36.52 -26.73 -20.36
CA TYR B 203 35.66 -26.70 -21.54
C TYR B 203 35.93 -27.87 -22.46
N GLU B 204 37.19 -28.09 -22.84
CA GLU B 204 37.60 -29.22 -23.68
C GLU B 204 36.83 -29.22 -25.00
N ASP B 205 36.76 -28.05 -25.63
CA ASP B 205 36.09 -27.90 -26.94
C ASP B 205 34.63 -28.34 -26.89
N GLY B 206 33.98 -28.13 -25.75
CA GLY B 206 32.58 -28.45 -25.59
C GLY B 206 32.28 -29.85 -25.11
N ALA B 207 33.28 -30.65 -24.79
CA ALA B 207 33.08 -32.04 -24.40
C ALA B 207 32.86 -32.23 -22.91
N PHE B 208 33.25 -31.28 -22.08
CA PHE B 208 33.09 -31.40 -20.64
C PHE B 208 31.71 -30.89 -20.23
N PHE B 209 31.12 -31.50 -19.22
CA PHE B 209 29.80 -31.08 -18.75
C PHE B 209 29.83 -29.57 -18.47
N PRO B 210 28.79 -28.82 -18.86
CA PRO B 210 27.48 -29.28 -19.39
C PRO B 210 27.39 -29.43 -20.92
N ASN B 211 28.53 -29.58 -21.60
CA ASN B 211 28.57 -30.12 -22.97
C ASN B 211 28.00 -29.18 -24.01
N SER B 212 28.16 -27.86 -23.84
CA SER B 212 27.58 -26.90 -24.77
C SER B 212 28.61 -25.86 -25.20
N GLU B 213 28.57 -25.52 -26.49
CA GLU B 213 29.40 -24.43 -26.99
C GLU B 213 28.99 -23.07 -26.44
N ASP B 214 27.89 -22.99 -25.69
CA ASP B 214 27.54 -21.75 -25.00
C ASP B 214 28.65 -21.31 -24.05
N ALA B 215 29.50 -22.24 -23.61
CA ALA B 215 30.56 -21.94 -22.67
C ALA B 215 31.83 -21.42 -23.32
N ASN B 216 31.86 -21.28 -24.65
CA ASN B 216 33.09 -20.84 -25.30
C ASN B 216 33.30 -19.32 -25.14
N TYR B 217 34.52 -18.88 -25.45
CA TYR B 217 34.94 -17.51 -25.21
C TYR B 217 34.24 -16.49 -26.09
N ASP B 218 33.67 -16.93 -27.22
CA ASP B 218 33.01 -16.03 -28.14
C ASP B 218 31.59 -15.68 -27.71
N LYS B 219 31.09 -16.27 -26.63
CA LYS B 219 29.76 -15.94 -26.13
C LYS B 219 29.94 -14.78 -25.15
N VAL B 220 29.75 -13.56 -25.66
CA VAL B 220 30.10 -12.33 -24.95
C VAL B 220 28.87 -11.61 -24.40
N GLY B 221 27.69 -12.17 -24.59
CA GLY B 221 26.44 -11.54 -24.21
C GLY B 221 25.64 -11.10 -25.43
N LEU B 222 24.38 -10.75 -25.17
CA LEU B 222 23.43 -10.42 -26.22
C LEU B 222 22.85 -9.03 -25.98
N GLY B 223 22.64 -8.30 -27.06
CA GLY B 223 21.97 -7.00 -26.96
C GLY B 223 22.74 -6.04 -26.08
N LYS B 224 22.03 -5.39 -25.15
CA LYS B 224 22.70 -4.50 -24.22
C LYS B 224 23.62 -5.25 -23.28
N GLY B 225 23.49 -6.58 -23.19
CA GLY B 225 24.41 -7.40 -22.45
C GLY B 225 25.71 -7.71 -23.15
N ARG B 226 25.94 -7.22 -24.37
CA ARG B 226 27.20 -7.50 -25.06
C ARG B 226 28.39 -6.95 -24.29
N GLY B 227 29.35 -7.84 -24.01
CA GLY B 227 30.49 -7.54 -23.17
C GLY B 227 30.32 -7.94 -21.71
N TYR B 228 29.11 -8.26 -21.27
CA TYR B 228 28.84 -8.52 -19.86
C TYR B 228 28.76 -10.01 -19.54
N ASN B 229 29.24 -10.84 -20.45
CA ASN B 229 29.37 -12.28 -20.22
C ASN B 229 30.78 -12.65 -20.65
N VAL B 230 31.60 -13.10 -19.69
CA VAL B 230 33.00 -13.41 -19.95
C VAL B 230 33.23 -14.87 -19.62
N ASN B 231 33.42 -15.68 -20.66
CA ASN B 231 33.74 -17.10 -20.51
C ASN B 231 35.23 -17.31 -20.71
N ILE B 232 35.88 -17.95 -19.74
CA ILE B 232 37.31 -18.27 -19.82
C ILE B 232 37.40 -19.78 -19.86
N PRO B 233 37.47 -20.37 -21.04
CA PRO B 233 37.37 -21.83 -21.16
C PRO B 233 38.73 -22.49 -21.27
N TRP B 234 38.97 -23.52 -20.46
CA TRP B 234 40.23 -24.24 -20.47
C TRP B 234 40.13 -25.49 -21.33
N ASN B 235 41.18 -25.75 -22.11
CA ASN B 235 41.26 -26.93 -22.96
C ASN B 235 42.63 -27.58 -22.80
N GLY B 236 42.66 -28.91 -22.75
CA GLY B 236 43.90 -29.65 -22.88
C GLY B 236 44.99 -29.32 -21.89
N GLY B 237 44.70 -29.46 -20.61
CA GLY B 237 45.73 -29.24 -19.61
C GLY B 237 45.17 -29.28 -18.20
N LYS B 238 45.99 -29.74 -17.26
CA LYS B 238 45.63 -29.77 -15.85
C LYS B 238 45.93 -28.38 -15.30
N MET B 239 44.91 -27.55 -15.18
CA MET B 239 45.12 -26.16 -14.79
C MET B 239 45.14 -26.04 -13.26
N GLY B 240 45.75 -24.97 -12.79
CA GLY B 240 45.92 -24.77 -11.37
C GLY B 240 46.19 -23.33 -11.04
N ASP B 241 46.86 -23.11 -9.92
CA ASP B 241 47.11 -21.75 -9.44
C ASP B 241 47.71 -20.84 -10.51
N PRO B 242 48.76 -21.22 -11.24
CA PRO B 242 49.32 -20.26 -12.21
C PRO B 242 48.32 -19.78 -13.24
N GLU B 243 47.50 -20.68 -13.77
CA GLU B 243 46.55 -20.32 -14.81
C GLU B 243 45.40 -19.48 -14.26
N TYR B 244 44.92 -19.81 -13.06
CA TYR B 244 43.85 -19.02 -12.45
C TYR B 244 44.34 -17.64 -12.04
N MET B 245 45.56 -17.55 -11.49
CA MET B 245 46.11 -16.25 -11.17
C MET B 245 46.31 -15.40 -12.42
N ALA B 246 46.76 -16.02 -13.51
CA ALA B 246 46.96 -15.28 -14.75
C ALA B 246 45.64 -14.82 -15.34
N ALA B 247 44.61 -15.67 -15.27
CA ALA B 247 43.30 -15.25 -15.76
C ALA B 247 42.77 -14.07 -14.97
N PHE B 248 42.99 -14.06 -13.65
CA PHE B 248 42.58 -12.92 -12.84
C PHE B 248 43.38 -11.67 -13.21
N HIS B 249 44.68 -11.82 -13.45
CA HIS B 249 45.50 -10.67 -13.76
C HIS B 249 45.14 -10.05 -15.10
N HIS B 250 44.95 -10.87 -16.13
CA HIS B 250 44.75 -10.36 -17.49
C HIS B 250 43.29 -10.04 -17.78
N LEU B 251 42.36 -10.71 -17.11
CA LEU B 251 40.96 -10.65 -17.52
C LEU B 251 40.03 -10.27 -16.39
N VAL B 252 39.96 -11.09 -15.34
CA VAL B 252 38.91 -10.93 -14.33
C VAL B 252 39.03 -9.58 -13.65
N MET B 253 40.23 -9.26 -13.17
CA MET B 253 40.38 -8.03 -12.39
C MET B 253 40.31 -6.75 -13.23
N PRO B 254 40.94 -6.67 -14.41
CA PRO B 254 40.75 -5.44 -15.21
C PRO B 254 39.30 -5.20 -15.59
N ILE B 255 38.59 -6.24 -16.02
CA ILE B 255 37.19 -6.10 -16.37
C ILE B 255 36.36 -5.73 -15.15
N ALA B 256 36.55 -6.45 -14.05
CA ALA B 256 35.77 -6.18 -12.85
C ALA B 256 35.99 -4.75 -12.35
N ARG B 257 37.24 -4.28 -12.34
CA ARG B 257 37.50 -2.92 -11.89
C ARG B 257 36.81 -1.90 -12.78
N GLU B 258 36.78 -2.15 -14.09
CA GLU B 258 36.12 -1.22 -15.01
C GLU B 258 34.60 -1.23 -14.79
N PHE B 259 34.03 -2.41 -14.53
CA PHE B 259 32.61 -2.54 -14.24
C PHE B 259 32.25 -1.87 -12.91
N ALA B 260 33.17 -1.89 -11.94
CA ALA B 260 33.00 -1.28 -10.62
C ALA B 260 31.75 -1.85 -9.94
N PRO B 261 31.72 -3.16 -9.67
CA PRO B 261 30.53 -3.73 -9.04
C PRO B 261 30.29 -3.12 -7.67
N GLU B 262 29.02 -3.12 -7.29
CA GLU B 262 28.61 -2.68 -5.97
C GLU B 262 28.46 -3.84 -5.00
N LEU B 263 28.35 -5.05 -5.53
CA LEU B 263 28.31 -6.29 -4.77
C LEU B 263 28.97 -7.36 -5.62
N VAL B 264 29.75 -8.22 -4.99
CA VAL B 264 30.39 -9.34 -5.65
C VAL B 264 29.81 -10.64 -5.08
N LEU B 265 29.29 -11.50 -5.96
CA LEU B 265 28.89 -12.85 -5.59
C LEU B 265 29.88 -13.82 -6.21
N VAL B 266 30.30 -14.82 -5.45
CA VAL B 266 31.15 -15.87 -5.99
C VAL B 266 30.35 -17.16 -6.03
N SER B 267 30.15 -17.69 -7.24
CA SER B 267 29.73 -19.08 -7.38
C SER B 267 30.97 -19.92 -7.12
N ALA B 268 31.16 -20.23 -5.83
CA ALA B 268 32.40 -20.82 -5.34
C ALA B 268 32.25 -22.34 -5.28
N GLY B 269 32.34 -22.97 -6.44
CA GLY B 269 32.59 -24.39 -6.47
C GLY B 269 34.06 -24.64 -6.17
N PHE B 270 34.33 -25.77 -5.51
CA PHE B 270 35.70 -26.14 -5.22
C PHE B 270 36.05 -27.44 -5.93
N ASP B 271 35.45 -27.68 -7.09
CA ASP B 271 35.77 -28.86 -7.89
C ASP B 271 36.93 -28.66 -8.86
N ALA B 272 37.50 -27.46 -8.96
CA ALA B 272 38.79 -27.30 -9.61
C ALA B 272 39.94 -27.55 -8.64
N ALA B 273 39.65 -27.98 -7.42
CA ALA B 273 40.66 -28.14 -6.39
C ALA B 273 41.52 -29.37 -6.61
N ARG B 274 42.77 -29.25 -6.20
CA ARG B 274 43.63 -30.42 -6.03
C ARG B 274 42.90 -31.47 -5.20
N GLY B 275 42.86 -32.70 -5.70
CA GLY B 275 42.20 -33.79 -5.01
C GLY B 275 40.76 -34.04 -5.42
N ASP B 276 40.13 -33.13 -6.16
CA ASP B 276 38.75 -33.36 -6.52
C ASP B 276 38.65 -34.63 -7.37
N PRO B 277 37.62 -35.47 -7.14
CA PRO B 277 37.52 -36.73 -7.90
C PRO B 277 37.01 -36.58 -9.33
N LEU B 278 36.53 -35.41 -9.75
CA LEU B 278 36.03 -35.27 -11.11
C LEU B 278 36.49 -34.04 -11.86
N GLY B 279 37.02 -33.01 -11.19
CA GLY B 279 37.36 -31.78 -11.90
C GLY B 279 38.59 -31.90 -12.76
N GLY B 280 39.59 -32.67 -12.32
CA GLY B 280 40.81 -32.84 -13.09
C GLY B 280 41.82 -31.72 -12.96
N PHE B 281 41.60 -30.75 -12.07
CA PHE B 281 42.47 -29.59 -11.92
C PHE B 281 43.17 -29.63 -10.57
N GLN B 282 43.95 -28.59 -10.27
CA GLN B 282 44.79 -28.65 -9.08
C GLN B 282 44.92 -27.30 -8.39
N VAL B 283 43.87 -26.47 -8.41
CA VAL B 283 43.90 -25.24 -7.63
C VAL B 283 44.05 -25.59 -6.15
N THR B 284 44.96 -24.91 -5.47
CA THR B 284 45.27 -25.21 -4.07
C THR B 284 44.42 -24.35 -3.15
N PRO B 285 44.33 -24.71 -1.85
CA PRO B 285 43.59 -23.84 -0.92
C PRO B 285 44.15 -22.43 -0.90
N GLU B 286 45.48 -22.30 -0.95
CA GLU B 286 46.11 -20.99 -1.01
C GLU B 286 45.72 -20.27 -2.29
N GLY B 287 45.59 -20.99 -3.39
CA GLY B 287 45.12 -20.39 -4.63
C GLY B 287 43.75 -19.78 -4.49
N TYR B 288 42.83 -20.51 -3.87
CA TYR B 288 41.50 -19.96 -3.65
C TYR B 288 41.55 -18.75 -2.73
N ALA B 289 42.43 -18.78 -1.72
CA ALA B 289 42.60 -17.60 -0.87
C ALA B 289 43.07 -16.40 -1.67
N HIS B 290 44.04 -16.61 -2.57
CA HIS B 290 44.51 -15.52 -3.42
C HIS B 290 43.37 -14.92 -4.23
N LEU B 291 42.55 -15.78 -4.84
CA LEU B 291 41.44 -15.31 -5.66
C LEU B 291 40.43 -14.54 -4.82
N THR B 292 40.11 -15.04 -3.64
CA THR B 292 39.19 -14.33 -2.75
C THR B 292 39.75 -12.96 -2.39
N HIS B 293 41.03 -12.90 -2.03
CA HIS B 293 41.63 -11.63 -1.64
C HIS B 293 41.65 -10.65 -2.81
N GLN B 294 41.84 -11.15 -4.04
CA GLN B 294 41.73 -10.27 -5.21
C GLN B 294 40.33 -9.67 -5.31
N LEU B 295 39.29 -10.51 -5.18
CA LEU B 295 37.94 -10.00 -5.31
C LEU B 295 37.59 -9.04 -4.19
N MET B 296 38.22 -9.19 -3.03
CA MET B 296 37.96 -8.28 -1.91
C MET B 296 38.40 -6.85 -2.20
N SER B 297 39.23 -6.65 -3.22
CA SER B 297 39.60 -5.29 -3.62
C SER B 297 38.49 -4.58 -4.40
N LEU B 298 37.39 -5.26 -4.70
CA LEU B 298 36.25 -4.71 -5.42
C LEU B 298 35.12 -4.47 -4.43
N ALA B 299 34.24 -3.52 -4.77
CA ALA B 299 33.00 -3.30 -4.00
C ALA B 299 33.26 -3.06 -2.52
N ALA B 300 34.40 -2.42 -2.20
CA ALA B 300 34.82 -2.18 -0.81
C ALA B 300 34.82 -3.46 0.03
N GLY B 301 35.07 -4.59 -0.61
CA GLY B 301 35.11 -5.86 0.08
C GLY B 301 33.78 -6.56 0.28
N ARG B 302 32.71 -6.07 -0.33
CA ARG B 302 31.38 -6.68 -0.19
C ARG B 302 31.30 -7.89 -1.10
N VAL B 303 31.71 -9.03 -0.56
CA VAL B 303 31.82 -10.28 -1.29
C VAL B 303 31.01 -11.33 -0.56
N LEU B 304 30.16 -12.04 -1.31
CA LEU B 304 29.40 -13.17 -0.77
C LEU B 304 29.87 -14.44 -1.48
N ILE B 305 30.44 -15.36 -0.73
CA ILE B 305 30.96 -16.61 -1.26
CA ILE B 305 30.98 -16.61 -1.25
C ILE B 305 29.89 -17.69 -1.10
N ILE B 306 29.42 -18.22 -2.22
CA ILE B 306 28.33 -19.19 -2.24
C ILE B 306 28.85 -20.55 -2.71
N LEU B 307 28.70 -21.58 -1.87
CA LEU B 307 29.17 -22.90 -2.26
C LEU B 307 28.40 -23.42 -3.47
N GLU B 308 29.14 -23.88 -4.48
CA GLU B 308 28.56 -24.59 -5.61
C GLU B 308 28.98 -26.06 -5.55
N GLY B 309 29.84 -26.50 -6.47
CA GLY B 309 30.34 -27.87 -6.48
C GLY B 309 31.60 -28.06 -5.65
N GLY B 310 32.27 -29.19 -5.89
CA GLY B 310 33.46 -29.58 -5.13
C GLY B 310 33.17 -30.82 -4.31
N TYR B 311 33.94 -31.90 -4.52
CA TYR B 311 33.52 -33.24 -4.09
C TYR B 311 34.54 -33.98 -3.25
N ASN B 312 35.75 -33.48 -3.09
CA ASN B 312 36.69 -34.07 -2.14
C ASN B 312 36.44 -33.37 -0.81
N LEU B 313 35.99 -34.12 0.18
CA LEU B 313 35.52 -33.50 1.42
C LEU B 313 36.64 -32.73 2.11
N THR B 314 37.86 -33.25 2.08
CA THR B 314 38.99 -32.52 2.64
C THR B 314 39.33 -31.29 1.80
N SER B 315 39.37 -31.43 0.48
CA SER B 315 39.73 -30.30 -0.38
C SER B 315 38.76 -29.14 -0.22
N ILE B 316 37.45 -29.42 -0.21
CA ILE B 316 36.47 -28.34 -0.14
C ILE B 316 36.48 -27.70 1.24
N SER B 317 36.71 -28.49 2.29
CA SER B 317 36.75 -27.94 3.63
C SER B 317 37.94 -27.01 3.80
N GLU B 318 39.12 -27.43 3.33
CA GLU B 318 40.31 -26.58 3.43
C GLU B 318 40.17 -25.33 2.55
N SER B 319 39.67 -25.50 1.33
CA SER B 319 39.61 -24.40 0.39
C SER B 319 38.60 -23.35 0.84
N MET B 320 37.40 -23.78 1.22
CA MET B 320 36.41 -22.78 1.61
C MET B 320 36.80 -22.09 2.91
N SER B 321 37.42 -22.82 3.85
CA SER B 321 37.89 -22.20 5.08
CA SER B 321 37.87 -22.18 5.08
C SER B 321 38.94 -21.13 4.80
N MET B 322 39.83 -21.39 3.84
CA MET B 322 40.82 -20.38 3.45
CA MET B 322 40.81 -20.38 3.48
C MET B 322 40.15 -19.13 2.92
N CYS B 323 39.06 -19.31 2.16
CA CYS B 323 38.32 -18.15 1.66
C CYS B 323 37.73 -17.35 2.80
N THR B 324 37.12 -18.03 3.79
CA THR B 324 36.57 -17.31 4.93
C THR B 324 37.65 -16.57 5.70
N SER B 325 38.81 -17.20 5.85
CA SER B 325 39.95 -16.53 6.48
C SER B 325 40.28 -15.23 5.76
N MET B 326 40.22 -15.22 4.43
CA MET B 326 40.48 -13.99 3.68
C MET B 326 39.39 -12.96 3.95
N LEU B 327 38.12 -13.38 3.92
CA LEU B 327 37.03 -12.45 4.20
C LEU B 327 37.21 -11.78 5.55
N LEU B 328 37.73 -12.53 6.54
CA LEU B 328 37.95 -12.02 7.88
C LEU B 328 39.12 -11.05 7.96
N GLY B 329 39.90 -10.91 6.91
CA GLY B 329 41.00 -9.96 6.89
C GLY B 329 42.37 -10.57 7.10
N ASP B 330 42.48 -11.90 7.17
CA ASP B 330 43.77 -12.51 7.37
C ASP B 330 44.64 -12.31 6.13
N SER B 331 45.95 -12.32 6.35
CA SER B 331 46.87 -12.03 5.26
C SER B 331 46.85 -13.15 4.24
N PRO B 332 46.80 -12.84 2.94
CA PRO B 332 46.77 -13.88 1.93
C PRO B 332 48.12 -14.56 1.82
N PRO B 333 48.15 -15.82 1.42
CA PRO B 333 49.44 -16.50 1.20
C PRO B 333 50.17 -15.89 0.01
N SER B 334 51.50 -15.91 0.09
CA SER B 334 52.34 -15.42 -0.98
C SER B 334 52.54 -16.56 -1.97
N LEU B 335 52.17 -16.33 -3.23
CA LEU B 335 52.23 -17.34 -4.28
C LEU B 335 53.20 -16.90 -5.37
N ASP B 336 53.67 -17.88 -6.15
CA ASP B 336 54.57 -17.62 -7.26
C ASP B 336 53.77 -17.20 -8.48
N HIS B 337 53.98 -15.98 -8.96
CA HIS B 337 53.35 -15.48 -10.16
C HIS B 337 54.19 -15.70 -11.41
N LEU B 338 55.37 -16.30 -11.27
CA LEU B 338 56.30 -16.50 -12.38
C LEU B 338 56.38 -17.95 -12.86
N THR B 339 55.50 -18.83 -12.38
CA THR B 339 55.42 -20.18 -12.94
C THR B 339 54.83 -20.08 -14.33
N PRO B 340 55.49 -20.58 -15.36
CA PRO B 340 54.93 -20.46 -16.71
C PRO B 340 53.62 -21.24 -16.83
N LEU B 341 52.73 -20.73 -17.67
CA LEU B 341 51.43 -21.37 -17.86
C LEU B 341 51.54 -22.56 -18.79
N LYS B 342 50.64 -23.52 -18.60
CA LYS B 342 50.42 -24.52 -19.63
C LYS B 342 50.10 -23.80 -20.94
N THR B 343 50.63 -24.34 -22.04
CA THR B 343 50.56 -23.62 -23.31
CA THR B 343 50.56 -23.66 -23.33
C THR B 343 49.12 -23.33 -23.73
N SER B 344 48.20 -24.27 -23.54
CA SER B 344 46.83 -24.02 -23.94
C SER B 344 46.14 -22.95 -23.10
N ALA B 345 46.61 -22.74 -21.86
CA ALA B 345 46.02 -21.70 -21.03
C ALA B 345 46.34 -20.32 -21.58
N THR B 346 47.56 -20.13 -22.09
CA THR B 346 47.89 -18.88 -22.77
C THR B 346 47.00 -18.67 -23.98
N VAL B 347 46.77 -19.73 -24.77
CA VAL B 347 45.86 -19.63 -25.91
C VAL B 347 44.47 -19.21 -25.47
N SER B 348 43.94 -19.84 -24.40
CA SER B 348 42.62 -19.50 -23.91
C SER B 348 42.54 -18.04 -23.48
N ILE B 349 43.49 -17.60 -22.65
CA ILE B 349 43.45 -16.22 -22.17
C ILE B 349 43.50 -15.24 -23.34
N ASN B 350 44.35 -15.53 -24.33
CA ASN B 350 44.46 -14.63 -25.47
C ASN B 350 43.18 -14.61 -26.31
N ASN B 351 42.48 -15.75 -26.41
CA ASN B 351 41.21 -15.76 -27.12
C ASN B 351 40.16 -14.91 -26.41
N VAL B 352 40.12 -14.97 -25.08
CA VAL B 352 39.16 -14.16 -24.34
C VAL B 352 39.50 -12.68 -24.48
N LEU B 353 40.80 -12.35 -24.43
CA LEU B 353 41.22 -10.96 -24.58
C LEU B 353 40.80 -10.42 -25.93
N ARG B 354 40.92 -11.22 -27.00
CA ARG B 354 40.49 -10.74 -28.31
C ARG B 354 38.98 -10.56 -28.36
N ALA B 355 38.23 -11.46 -27.72
CA ALA B 355 36.77 -11.36 -27.75
C ALA B 355 36.29 -10.14 -26.98
N HIS B 356 36.98 -9.76 -25.91
CA HIS B 356 36.49 -8.73 -25.02
C HIS B 356 37.18 -7.38 -25.14
N ALA B 357 38.31 -7.30 -25.84
CA ALA B 357 38.95 -6.00 -26.08
C ALA B 357 38.02 -4.94 -26.66
N PRO B 358 37.07 -5.23 -27.55
CA PRO B 358 36.21 -4.15 -28.05
C PRO B 358 35.26 -3.60 -26.99
N PHE B 359 35.03 -4.32 -25.90
CA PHE B 359 34.05 -3.94 -24.90
C PHE B 359 34.64 -3.31 -23.66
N TRP B 360 35.91 -3.60 -23.35
CA TRP B 360 36.51 -3.18 -22.08
C TRP B 360 37.78 -2.39 -22.36
N SER B 361 37.74 -1.10 -22.07
CA SER B 361 38.87 -0.22 -22.36
C SER B 361 40.11 -0.58 -21.56
N SER B 362 39.96 -1.33 -20.47
CA SER B 362 41.11 -1.66 -19.61
C SER B 362 41.95 -2.80 -20.17
N LEU B 363 41.45 -3.58 -21.12
CA LEU B 363 42.16 -4.76 -21.56
C LEU B 363 43.31 -4.37 -22.49
N ARG B 364 44.41 -5.11 -22.38
CA ARG B 364 45.59 -4.87 -23.22
C ARG B 364 46.07 -6.15 -23.88
N ILE C 9 -18.90 -14.39 -41.82
CA ILE C 9 -20.24 -14.15 -41.30
C ILE C 9 -20.19 -13.39 -39.98
N THR C 10 -21.02 -12.36 -39.85
CA THR C 10 -21.14 -11.58 -38.62
C THR C 10 -22.51 -11.86 -38.01
N GLY C 11 -22.54 -12.20 -36.72
CA GLY C 11 -23.78 -12.37 -36.00
C GLY C 11 -24.29 -11.06 -35.41
N LEU C 12 -25.61 -10.98 -35.24
CA LEU C 12 -26.24 -9.84 -34.57
C LEU C 12 -27.37 -10.36 -33.71
N VAL C 13 -27.42 -9.91 -32.45
CA VAL C 13 -28.50 -10.25 -31.54
C VAL C 13 -29.15 -8.97 -31.04
N TYR C 14 -30.47 -8.93 -31.13
CA TYR C 14 -31.28 -7.83 -30.62
C TYR C 14 -32.65 -8.40 -30.34
N ASP C 15 -33.23 -8.02 -29.20
CA ASP C 15 -34.59 -8.45 -28.88
C ASP C 15 -35.34 -7.30 -28.20
N GLN C 16 -36.50 -6.94 -28.75
CA GLN C 16 -37.23 -5.79 -28.25
C GLN C 16 -37.73 -6.00 -26.82
N ARG C 17 -37.76 -7.23 -26.32
CA ARG C 17 -38.12 -7.45 -24.92
C ARG C 17 -37.17 -6.74 -23.97
N MET C 18 -35.92 -6.50 -24.39
CA MET C 18 -34.99 -5.78 -23.51
C MET C 18 -35.34 -4.31 -23.35
N MET C 19 -36.31 -3.80 -24.11
CA MET C 19 -36.82 -2.47 -23.90
C MET C 19 -37.73 -2.36 -22.68
N LEU C 20 -38.15 -3.49 -22.11
CA LEU C 20 -39.19 -3.45 -21.08
C LEU C 20 -38.68 -2.90 -19.74
N HIS C 21 -37.39 -3.07 -19.47
CA HIS C 21 -36.75 -2.46 -18.30
C HIS C 21 -36.76 -0.93 -18.43
N HIS C 22 -37.28 -0.24 -17.41
CA HIS C 22 -37.31 1.23 -17.52
C HIS C 22 -37.43 1.83 -16.13
N ASN C 23 -37.19 3.13 -16.07
CA ASN C 23 -37.25 3.90 -14.84
C ASN C 23 -38.69 4.35 -14.61
N MET C 24 -39.34 3.76 -13.61
CA MET C 24 -40.76 4.00 -13.34
CA MET C 24 -40.76 4.01 -13.38
C MET C 24 -41.03 5.43 -12.91
N TRP C 25 -40.02 6.14 -12.42
CA TRP C 25 -40.22 7.45 -11.83
C TRP C 25 -39.63 8.58 -12.66
N ASP C 26 -39.02 8.26 -13.80
CA ASP C 26 -38.37 9.28 -14.63
C ASP C 26 -38.39 8.76 -16.07
N SER C 27 -39.24 9.35 -16.90
CA SER C 27 -39.30 8.97 -18.32
C SER C 27 -38.15 9.55 -19.13
N HIS C 28 -37.30 10.38 -18.52
CA HIS C 28 -36.19 11.03 -19.20
C HIS C 28 -34.84 10.53 -18.71
N HIS C 29 -34.82 9.40 -18.02
CA HIS C 29 -33.55 8.88 -17.55
C HIS C 29 -32.68 8.50 -18.74
N PRO C 30 -31.37 8.72 -18.66
CA PRO C 30 -30.52 8.44 -19.83
C PRO C 30 -30.48 6.98 -20.25
N GLU C 31 -30.64 6.04 -19.33
CA GLU C 31 -30.59 4.61 -19.68
C GLU C 31 -31.98 4.16 -20.09
N LEU C 32 -32.38 4.60 -21.28
CA LEU C 32 -33.67 4.63 -21.97
C LEU C 32 -33.87 3.34 -22.78
N PRO C 33 -35.09 2.78 -22.77
CA PRO C 33 -35.40 1.68 -23.70
C PRO C 33 -35.00 1.96 -25.13
N GLN C 34 -35.18 3.20 -25.58
CA GLN C 34 -34.94 3.58 -26.97
C GLN C 34 -33.48 3.49 -27.36
N ARG C 35 -32.55 3.35 -26.40
CA ARG C 35 -31.15 3.15 -26.75
C ARG C 35 -30.98 1.98 -27.70
N ILE C 36 -31.58 0.83 -27.36
CA ILE C 36 -31.35 -0.35 -28.18
C ILE C 36 -32.18 -0.33 -29.45
N SER C 37 -33.41 0.19 -29.39
CA SER C 37 -34.22 0.23 -30.61
C SER C 37 -33.65 1.21 -31.63
N ARG C 38 -33.06 2.32 -31.17
CA ARG C 38 -32.43 3.24 -32.11
C ARG C 38 -31.21 2.62 -32.76
N ILE C 39 -30.40 1.88 -31.99
CA ILE C 39 -29.23 1.22 -32.59
C ILE C 39 -29.69 0.20 -33.63
N PHE C 40 -30.72 -0.59 -33.30
CA PHE C 40 -31.21 -1.60 -34.22
C PHE C 40 -31.77 -0.97 -35.48
N SER C 41 -32.56 0.11 -35.33
CA SER C 41 -33.11 0.80 -36.49
CA SER C 41 -33.11 0.80 -36.49
C SER C 41 -32.01 1.34 -37.39
N ARG C 42 -30.93 1.85 -36.81
CA ARG C 42 -29.85 2.37 -37.65
C ARG C 42 -29.17 1.26 -38.43
N HIS C 43 -29.05 0.06 -37.85
CA HIS C 43 -28.52 -1.08 -38.60
C HIS C 43 -29.40 -1.40 -39.81
N GLU C 44 -30.72 -1.26 -39.67
CA GLU C 44 -31.61 -1.45 -40.81
C GLU C 44 -31.43 -0.36 -41.85
N GLU C 45 -31.41 0.91 -41.41
CA GLU C 45 -31.27 2.03 -42.33
C GLU C 45 -29.98 1.94 -43.14
N LEU C 46 -28.88 1.55 -42.51
CA LEU C 46 -27.59 1.44 -43.19
C LEU C 46 -27.42 0.11 -43.92
N ARG C 47 -28.48 -0.69 -44.02
CA ARG C 47 -28.47 -1.93 -44.79
C ARG C 47 -27.45 -2.93 -44.25
N LEU C 48 -27.22 -2.89 -42.93
CA LEU C 48 -26.29 -3.81 -42.28
C LEU C 48 -26.99 -5.04 -41.72
N LEU C 49 -28.22 -4.87 -41.21
CA LEU C 49 -28.91 -5.98 -40.58
C LEU C 49 -29.07 -7.16 -41.53
N SER C 50 -29.43 -6.88 -42.79
CA SER C 50 -29.67 -7.95 -43.75
C SER C 50 -28.39 -8.71 -44.11
N ARG C 51 -27.23 -8.13 -43.82
CA ARG C 51 -25.94 -8.76 -44.07
C ARG C 51 -25.49 -9.65 -42.90
N CYS C 52 -26.17 -9.60 -41.77
CA CYS C 52 -25.76 -10.35 -40.59
C CYS C 52 -26.59 -11.62 -40.45
N HIS C 53 -26.01 -12.59 -39.74
CA HIS C 53 -26.74 -13.76 -39.28
C HIS C 53 -27.42 -13.40 -37.96
N ARG C 54 -28.75 -13.46 -37.94
CA ARG C 54 -29.48 -13.11 -36.74
C ARG C 54 -29.36 -14.22 -35.70
N ILE C 55 -28.79 -13.89 -34.54
CA ILE C 55 -28.63 -14.82 -33.43
C ILE C 55 -29.79 -14.57 -32.46
N PRO C 56 -30.52 -15.59 -32.05
CA PRO C 56 -31.66 -15.36 -31.16
C PRO C 56 -31.19 -15.05 -29.75
N ALA C 57 -31.95 -14.19 -29.06
CA ALA C 57 -31.76 -14.00 -27.65
C ALA C 57 -32.23 -15.24 -26.90
N ARG C 58 -31.67 -15.44 -25.71
CA ARG C 58 -32.19 -16.44 -24.79
C ARG C 58 -31.97 -15.95 -23.38
N LEU C 59 -32.60 -16.62 -22.43
CA LEU C 59 -32.43 -16.31 -21.02
C LEU C 59 -31.17 -16.98 -20.49
N ALA C 60 -30.36 -16.21 -19.78
CA ALA C 60 -29.34 -16.82 -18.93
C ALA C 60 -30.03 -17.66 -17.87
N THR C 61 -29.38 -18.74 -17.47
CA THR C 61 -29.86 -19.52 -16.34
C THR C 61 -29.21 -19.03 -15.06
N GLU C 62 -29.81 -19.41 -13.92
CA GLU C 62 -29.24 -19.00 -12.65
C GLU C 62 -27.89 -19.66 -12.39
N GLU C 63 -27.68 -20.88 -12.88
CA GLU C 63 -26.37 -21.51 -12.80
C GLU C 63 -25.34 -20.71 -13.60
N GLU C 64 -25.75 -20.18 -14.76
CA GLU C 64 -24.85 -19.34 -15.54
C GLU C 64 -24.51 -18.05 -14.80
N LEU C 65 -25.52 -17.42 -14.19
CA LEU C 65 -25.26 -16.22 -13.39
C LEU C 65 -24.28 -16.50 -12.26
N ALA C 66 -24.32 -17.72 -11.71
CA ALA C 66 -23.44 -18.09 -10.61
C ALA C 66 -21.99 -18.25 -11.03
N LEU C 67 -21.70 -18.21 -12.34
CA LEU C 67 -20.32 -18.17 -12.79
C LEU C 67 -19.58 -16.96 -12.23
N CYS C 68 -20.28 -15.84 -12.02
CA CYS C 68 -19.66 -14.63 -11.49
C CYS C 68 -20.35 -14.05 -10.26
N HIS C 69 -21.59 -14.41 -9.97
CA HIS C 69 -22.36 -13.70 -8.95
C HIS C 69 -22.73 -14.62 -7.79
N SER C 70 -22.83 -14.01 -6.61
CA SER C 70 -23.22 -14.74 -5.41
C SER C 70 -24.69 -15.16 -5.49
N SER C 71 -25.02 -16.24 -4.77
CA SER C 71 -26.40 -16.69 -4.71
C SER C 71 -27.30 -15.62 -4.08
N LYS C 72 -26.79 -14.89 -3.09
CA LYS C 72 -27.60 -13.86 -2.46
C LYS C 72 -27.92 -12.72 -3.44
N HIS C 73 -26.93 -12.30 -4.23
CA HIS C 73 -27.18 -11.23 -5.19
C HIS C 73 -28.20 -11.67 -6.23
N ILE C 74 -28.04 -12.89 -6.76
CA ILE C 74 -28.99 -13.41 -7.74
C ILE C 74 -30.39 -13.44 -7.16
N SER C 75 -30.53 -13.93 -5.91
CA SER C 75 -31.85 -14.05 -5.31
CA SER C 75 -31.84 -14.06 -5.29
C SER C 75 -32.49 -12.69 -5.06
N ILE C 76 -31.70 -11.69 -4.68
CA ILE C 76 -32.28 -10.37 -4.40
C ILE C 76 -32.79 -9.73 -5.68
N ILE C 77 -32.00 -9.77 -6.76
CA ILE C 77 -32.46 -9.20 -8.02
C ILE C 77 -33.68 -9.96 -8.54
N LYS C 78 -33.66 -11.28 -8.44
CA LYS C 78 -34.81 -12.07 -8.86
C LYS C 78 -36.05 -11.70 -8.07
N SER C 79 -35.89 -11.45 -6.76
CA SER C 79 -37.04 -11.12 -5.91
C SER C 79 -37.71 -9.83 -6.34
N SER C 80 -36.98 -8.95 -7.03
CA SER C 80 -37.55 -7.66 -7.41
C SER C 80 -38.75 -7.82 -8.33
N GLU C 81 -38.83 -8.90 -9.09
CA GLU C 81 -39.89 -8.99 -10.08
C GLU C 81 -41.27 -9.22 -9.46
N HIS C 82 -41.35 -9.53 -8.17
CA HIS C 82 -42.61 -9.70 -7.48
C HIS C 82 -43.08 -8.45 -6.75
N MET C 83 -42.27 -7.39 -6.76
CA MET C 83 -42.47 -6.27 -5.87
C MET C 83 -43.44 -5.24 -6.43
N LYS C 84 -44.19 -4.61 -5.53
CA LYS C 84 -44.94 -3.45 -5.96
C LYS C 84 -43.99 -2.26 -6.13
N PRO C 85 -44.44 -1.24 -6.87
CA PRO C 85 -43.56 -0.07 -7.13
C PRO C 85 -42.87 0.51 -5.90
N ARG C 86 -43.59 0.66 -4.79
CA ARG C 86 -42.97 1.22 -3.59
C ARG C 86 -41.76 0.40 -3.15
N ASP C 87 -41.86 -0.93 -3.23
CA ASP C 87 -40.76 -1.77 -2.79
C ASP C 87 -39.63 -1.80 -3.81
N LEU C 88 -39.97 -1.71 -5.10
CA LEU C 88 -38.94 -1.55 -6.13
C LEU C 88 -38.14 -0.28 -5.89
N ASN C 89 -38.82 0.81 -5.52
CA ASN C 89 -38.09 2.05 -5.27
C ASN C 89 -37.16 1.89 -4.07
N ARG C 90 -37.65 1.29 -2.99
CA ARG C 90 -36.80 1.07 -1.81
C ARG C 90 -35.59 0.22 -2.15
N LEU C 91 -35.81 -0.86 -2.89
CA LEU C 91 -34.71 -1.75 -3.23
C LEU C 91 -33.68 -1.04 -4.10
N GLY C 92 -34.14 -0.32 -5.13
CA GLY C 92 -33.20 0.36 -6.01
C GLY C 92 -32.37 1.39 -5.26
N ASP C 93 -32.99 2.08 -4.31
CA ASP C 93 -32.33 3.11 -3.54
C ASP C 93 -31.19 2.56 -2.67
N GLU C 94 -31.17 1.25 -2.40
CA GLU C 94 -30.09 0.66 -1.62
C GLU C 94 -28.77 0.57 -2.39
N TYR C 95 -28.81 0.66 -3.71
CA TYR C 95 -27.64 0.55 -4.56
C TYR C 95 -27.18 1.92 -5.01
N ASN C 96 -25.97 1.96 -5.57
CA ASN C 96 -25.43 3.17 -6.18
C ASN C 96 -25.95 3.25 -7.62
N SER C 97 -26.81 4.22 -7.91
CA SER C 97 -27.26 4.54 -9.27
C SER C 97 -27.96 3.35 -9.96
N ILE C 98 -29.05 2.89 -9.36
CA ILE C 98 -29.84 1.77 -9.88
C ILE C 98 -31.32 2.13 -9.84
N PHE C 99 -32.03 1.92 -10.94
CA PHE C 99 -33.48 1.84 -10.94
C PHE C 99 -33.91 0.42 -11.33
N ILE C 100 -35.02 -0.03 -10.76
CA ILE C 100 -35.53 -1.38 -11.00
C ILE C 100 -37.01 -1.30 -11.33
N SER C 101 -37.44 -2.06 -12.32
CA SER C 101 -38.85 -2.28 -12.60
C SER C 101 -39.15 -3.77 -12.55
N ASN C 102 -40.42 -4.13 -12.67
CA ASN C 102 -40.77 -5.54 -12.57
CA ASN C 102 -40.83 -5.53 -12.62
C ASN C 102 -40.18 -6.37 -13.70
N GLU C 103 -39.77 -5.74 -14.80
CA GLU C 103 -39.21 -6.40 -15.97
CA GLU C 103 -39.20 -6.48 -15.93
C GLU C 103 -37.69 -6.51 -15.93
N SER C 104 -37.03 -5.85 -14.96
CA SER C 104 -35.57 -5.71 -14.97
C SER C 104 -34.85 -7.05 -14.93
N TYR C 105 -35.27 -7.95 -14.03
CA TYR C 105 -34.61 -9.24 -13.94
C TYR C 105 -34.66 -10.00 -15.26
N THR C 106 -35.84 -10.07 -15.89
CA THR C 106 -35.93 -10.77 -17.16
C THR C 106 -35.04 -10.12 -18.21
N CYS C 107 -35.02 -8.79 -18.25
CA CYS C 107 -34.19 -8.12 -19.26
C CYS C 107 -32.72 -8.40 -19.03
N ALA C 108 -32.28 -8.41 -17.77
CA ALA C 108 -30.90 -8.72 -17.46
C ALA C 108 -30.56 -10.15 -17.85
N LEU C 109 -31.50 -11.09 -17.65
CA LEU C 109 -31.30 -12.47 -18.11
C LEU C 109 -31.15 -12.53 -19.63
N LEU C 110 -31.97 -11.76 -20.36
CA LEU C 110 -31.90 -11.77 -21.81
C LEU C 110 -30.62 -11.13 -22.32
N ALA C 111 -30.16 -10.07 -21.66
CA ALA C 111 -28.91 -9.44 -22.09
C ALA C 111 -27.75 -10.42 -21.97
N ALA C 112 -27.67 -11.14 -20.84
CA ALA C 112 -26.58 -12.11 -20.66
C ALA C 112 -26.74 -13.30 -21.60
N GLY C 113 -27.96 -13.85 -21.71
CA GLY C 113 -28.14 -15.02 -22.56
C GLY C 113 -27.90 -14.73 -24.02
N SER C 114 -28.25 -13.51 -24.48
CA SER C 114 -27.96 -13.11 -25.84
C SER C 114 -26.46 -13.14 -26.11
N CYS C 115 -25.68 -12.69 -25.14
CA CYS C 115 -24.23 -12.70 -25.29
C CYS C 115 -23.66 -14.11 -25.24
N PHE C 116 -24.24 -15.00 -24.40
CA PHE C 116 -23.80 -16.39 -24.40
C PHE C 116 -24.05 -17.04 -25.75
N ASN C 117 -25.24 -16.81 -26.34
CA ASN C 117 -25.52 -17.37 -27.66
C ASN C 117 -24.55 -16.83 -28.70
N SER C 118 -24.18 -15.55 -28.58
CA SER C 118 -23.23 -14.96 -29.53
C SER C 118 -21.85 -15.57 -29.36
N ALA C 119 -21.38 -15.68 -28.12
CA ALA C 119 -20.08 -16.32 -27.88
C ALA C 119 -20.08 -17.75 -28.38
N GLN C 120 -21.18 -18.48 -28.16
CA GLN C 120 -21.28 -19.86 -28.64
C GLN C 120 -21.21 -19.90 -30.16
N ALA C 121 -21.92 -19.00 -30.84
CA ALA C 121 -21.87 -18.98 -32.29
C ALA C 121 -20.46 -18.71 -32.79
N ILE C 122 -19.73 -17.83 -32.13
CA ILE C 122 -18.35 -17.53 -32.51
C ILE C 122 -17.46 -18.75 -32.27
N LEU C 123 -17.53 -19.33 -31.07
CA LEU C 123 -16.58 -20.36 -30.70
C LEU C 123 -16.81 -21.67 -31.44
N THR C 124 -18.04 -21.93 -31.91
CA THR C 124 -18.35 -23.11 -32.70
C THR C 124 -18.20 -22.87 -34.20
N GLY C 125 -17.84 -21.66 -34.62
CA GLY C 125 -17.60 -21.40 -36.02
C GLY C 125 -18.84 -21.10 -36.84
N GLN C 126 -20.00 -20.91 -36.20
CA GLN C 126 -21.18 -20.54 -36.97
C GLN C 126 -21.04 -19.13 -37.53
N VAL C 127 -20.39 -18.23 -36.78
CA VAL C 127 -20.07 -16.90 -37.25
C VAL C 127 -18.62 -16.61 -36.87
N ARG C 128 -18.03 -15.63 -37.54
CA ARG C 128 -16.67 -15.23 -37.18
C ARG C 128 -16.67 -14.27 -36.00
N ASN C 129 -17.62 -13.34 -36.00
CA ASN C 129 -17.67 -12.27 -35.01
C ASN C 129 -19.14 -11.91 -34.82
N ALA C 130 -19.42 -11.00 -33.88
CA ALA C 130 -20.82 -10.70 -33.60
C ALA C 130 -20.96 -9.41 -32.81
N VAL C 131 -22.17 -8.83 -32.89
CA VAL C 131 -22.55 -7.65 -32.12
CA VAL C 131 -22.54 -7.65 -32.13
C VAL C 131 -23.80 -7.97 -31.32
N ALA C 132 -23.84 -7.47 -30.09
CA ALA C 132 -24.96 -7.71 -29.18
C ALA C 132 -25.53 -6.37 -28.73
N ILE C 133 -26.74 -6.07 -29.21
CA ILE C 133 -27.42 -4.82 -28.91
C ILE C 133 -28.33 -5.09 -27.72
N VAL C 134 -27.78 -4.90 -26.51
CA VAL C 134 -28.41 -5.39 -25.28
C VAL C 134 -28.46 -4.29 -24.23
N ARG C 135 -29.45 -4.41 -23.34
CA ARG C 135 -29.53 -3.64 -22.11
C ARG C 135 -30.39 -4.44 -21.13
N PRO C 136 -30.28 -4.19 -19.81
CA PRO C 136 -29.38 -3.24 -19.14
C PRO C 136 -27.90 -3.63 -19.29
N PRO C 137 -27.03 -2.66 -19.11
CA PRO C 137 -25.58 -2.94 -19.23
C PRO C 137 -25.03 -3.73 -18.06
N GLY C 138 -23.73 -4.00 -18.06
CA GLY C 138 -23.17 -4.93 -17.09
C GLY C 138 -21.91 -4.58 -16.32
N HIS C 139 -21.05 -3.66 -16.82
CA HIS C 139 -19.66 -3.68 -16.35
C HIS C 139 -19.47 -3.14 -14.93
N HIS C 140 -20.44 -2.44 -14.35
CA HIS C 140 -20.33 -2.02 -12.97
C HIS C 140 -20.82 -3.07 -11.99
N ALA C 141 -21.52 -4.10 -12.47
CA ALA C 141 -22.06 -5.12 -11.58
C ALA C 141 -20.93 -5.94 -10.96
N GLU C 142 -20.98 -6.10 -9.64
CA GLU C 142 -19.99 -6.83 -8.87
C GLU C 142 -20.52 -8.23 -8.56
N LYS C 143 -19.65 -9.09 -8.03
CA LYS C 143 -20.09 -10.42 -7.65
C LYS C 143 -21.33 -10.37 -6.77
N ASP C 144 -21.36 -9.41 -5.84
CA ASP C 144 -22.38 -9.39 -4.79
C ASP C 144 -23.30 -8.17 -4.85
N THR C 145 -23.22 -7.33 -5.88
CA THR C 145 -24.09 -6.16 -5.87
C THR C 145 -24.29 -5.58 -7.27
N ALA C 146 -25.42 -4.90 -7.44
CA ALA C 146 -25.73 -4.12 -8.62
C ALA C 146 -25.18 -2.71 -8.45
N CYS C 147 -24.94 -2.03 -9.57
CA CYS C 147 -24.38 -0.69 -9.50
C CYS C 147 -24.45 -0.05 -10.88
N GLY C 148 -24.70 1.25 -10.91
CA GLY C 148 -24.47 2.04 -12.12
C GLY C 148 -25.20 1.53 -13.33
N PHE C 149 -26.50 1.27 -13.18
CA PHE C 149 -27.42 0.81 -14.21
C PHE C 149 -27.24 -0.68 -14.54
N CYS C 150 -26.36 -1.40 -13.82
CA CYS C 150 -25.98 -2.77 -14.17
C CYS C 150 -26.40 -3.74 -13.07
N PHE C 151 -26.99 -4.86 -13.46
CA PHE C 151 -27.42 -5.88 -12.50
C PHE C 151 -26.51 -7.08 -12.45
N PHE C 152 -26.20 -7.66 -13.61
CA PHE C 152 -25.28 -8.77 -13.72
C PHE C 152 -24.20 -8.38 -14.72
N ASN C 153 -22.99 -8.90 -14.52
CA ASN C 153 -21.87 -8.46 -15.36
C ASN C 153 -21.83 -9.30 -16.62
N THR C 154 -22.58 -8.85 -17.63
CA THR C 154 -22.74 -9.59 -18.88
C THR C 154 -21.41 -9.98 -19.52
N ALA C 155 -20.47 -9.03 -19.63
CA ALA C 155 -19.19 -9.34 -20.27
C ALA C 155 -18.38 -10.35 -19.46
N ALA C 156 -18.34 -10.18 -18.14
CA ALA C 156 -17.62 -11.12 -17.29
C ALA C 156 -18.25 -12.51 -17.37
N LEU C 157 -19.58 -12.56 -17.32
CA LEU C 157 -20.29 -13.83 -17.45
C LEU C 157 -20.01 -14.49 -18.79
N THR C 158 -19.94 -13.69 -19.86
CA THR C 158 -19.68 -14.26 -21.18
C THR C 158 -18.29 -14.88 -21.25
N ALA C 159 -17.30 -14.26 -20.61
CA ALA C 159 -15.96 -14.83 -20.57
C ALA C 159 -15.98 -16.19 -19.86
N ARG C 160 -16.66 -16.26 -18.72
CA ARG C 160 -16.74 -17.53 -17.99
C ARG C 160 -17.58 -18.54 -18.74
N TYR C 161 -18.65 -18.09 -19.40
CA TYR C 161 -19.43 -19.00 -20.22
C TYR C 161 -18.58 -19.60 -21.33
N ALA C 162 -17.80 -18.77 -22.01
CA ALA C 162 -16.91 -19.24 -23.07
C ALA C 162 -15.94 -20.30 -22.55
N GLN C 163 -15.34 -20.05 -21.39
CA GLN C 163 -14.47 -21.06 -20.80
C GLN C 163 -15.24 -22.35 -20.49
N SER C 164 -16.51 -22.22 -20.07
CA SER C 164 -17.29 -23.39 -19.69
C SER C 164 -17.60 -24.30 -20.87
N ILE C 165 -17.66 -23.76 -22.09
CA ILE C 165 -17.96 -24.56 -23.28
C ILE C 165 -16.70 -24.88 -24.08
N THR C 166 -15.53 -24.48 -23.59
CA THR C 166 -14.28 -24.87 -24.21
C THR C 166 -13.40 -25.53 -23.15
N ARG C 167 -12.48 -24.76 -22.56
CA ARG C 167 -11.65 -25.24 -21.47
C ARG C 167 -11.45 -24.08 -20.50
N GLU C 168 -11.18 -24.42 -19.24
CA GLU C 168 -11.08 -23.41 -18.20
C GLU C 168 -10.04 -22.36 -18.53
N SER C 169 -8.96 -22.73 -19.21
CA SER C 169 -7.85 -21.82 -19.45
C SER C 169 -7.98 -21.02 -20.76
N LEU C 170 -9.11 -21.12 -21.46
CA LEU C 170 -9.32 -20.32 -22.67
C LEU C 170 -8.97 -18.86 -22.39
N ARG C 171 -8.10 -18.29 -23.21
CA ARG C 171 -7.65 -16.92 -22.99
C ARG C 171 -8.65 -15.93 -23.57
N VAL C 172 -9.25 -15.13 -22.70
CA VAL C 172 -10.27 -14.15 -23.11
C VAL C 172 -9.72 -12.76 -22.82
N LEU C 173 -9.73 -11.90 -23.84
CA LEU C 173 -9.45 -10.49 -23.67
C LEU C 173 -10.77 -9.73 -23.60
N ILE C 174 -10.93 -8.91 -22.57
CA ILE C 174 -12.04 -7.97 -22.47
C ILE C 174 -11.45 -6.57 -22.63
N VAL C 175 -11.81 -5.89 -23.70
CA VAL C 175 -11.46 -4.48 -23.90
C VAL C 175 -12.69 -3.65 -23.57
N ASP C 176 -12.57 -2.74 -22.61
CA ASP C 176 -13.70 -1.97 -22.13
C ASP C 176 -13.45 -0.52 -22.51
N TRP C 177 -14.11 -0.06 -23.58
CA TRP C 177 -13.95 1.31 -24.05
C TRP C 177 -15.12 2.23 -23.68
N ASP C 178 -16.07 1.74 -22.89
CA ASP C 178 -16.99 2.63 -22.20
C ASP C 178 -16.19 3.70 -21.46
N VAL C 179 -16.71 4.93 -21.40
CA VAL C 179 -15.97 6.02 -20.78
C VAL C 179 -15.75 5.80 -19.28
N HIS C 180 -16.52 4.91 -18.67
CA HIS C 180 -16.40 4.63 -17.24
C HIS C 180 -15.60 3.35 -17.02
N HIS C 181 -14.96 3.29 -15.85
CA HIS C 181 -14.24 2.08 -15.47
C HIS C 181 -15.21 0.95 -15.17
N GLY C 182 -14.92 -0.24 -15.70
CA GLY C 182 -15.71 -1.41 -15.38
C GLY C 182 -15.25 -2.04 -14.07
N ASN C 183 -15.62 -1.41 -12.95
CA ASN C 183 -15.14 -1.85 -11.64
C ASN C 183 -15.48 -3.31 -11.39
N GLY C 184 -16.67 -3.74 -11.81
CA GLY C 184 -17.08 -5.12 -11.57
C GLY C 184 -16.23 -6.10 -12.36
N THR C 185 -15.97 -5.78 -13.63
CA THR C 185 -15.15 -6.67 -14.44
C THR C 185 -13.73 -6.77 -13.90
N GLN C 186 -13.14 -5.65 -13.49
CA GLN C 186 -11.82 -5.69 -12.88
C GLN C 186 -11.81 -6.58 -11.65
N HIS C 187 -12.77 -6.39 -10.75
CA HIS C 187 -12.78 -7.16 -9.51
C HIS C 187 -13.01 -8.64 -9.76
N ILE C 188 -13.90 -8.99 -10.67
CA ILE C 188 -14.19 -10.41 -10.92
C ILE C 188 -12.94 -11.14 -11.38
N PHE C 189 -12.09 -10.49 -12.17
CA PHE C 189 -10.94 -11.15 -12.79
C PHE C 189 -9.61 -10.71 -12.18
N GLU C 190 -9.62 -10.02 -11.04
CA GLU C 190 -8.42 -9.36 -10.56
C GLU C 190 -7.27 -10.32 -10.29
N GLU C 191 -7.58 -11.55 -9.86
CA GLU C 191 -6.56 -12.54 -9.55
C GLU C 191 -6.41 -13.58 -10.65
N ASP C 192 -6.95 -13.33 -11.83
CA ASP C 192 -7.06 -14.32 -12.89
C ASP C 192 -6.17 -13.93 -14.05
N ASP C 193 -5.32 -14.85 -14.49
CA ASP C 193 -4.47 -14.61 -15.66
C ASP C 193 -5.04 -15.21 -16.94
N SER C 194 -6.22 -15.83 -16.90
CA SER C 194 -6.83 -16.33 -18.11
C SER C 194 -7.74 -15.31 -18.78
N VAL C 195 -8.05 -14.22 -18.08
CA VAL C 195 -8.90 -13.15 -18.61
C VAL C 195 -8.14 -11.84 -18.44
N LEU C 196 -7.71 -11.28 -19.55
CA LEU C 196 -7.02 -9.98 -19.57
C LEU C 196 -8.07 -8.89 -19.67
N TYR C 197 -8.09 -7.99 -18.68
CA TYR C 197 -9.02 -6.88 -18.67
C TYR C 197 -8.25 -5.61 -18.98
N ILE C 198 -8.64 -4.92 -20.06
CA ILE C 198 -8.06 -3.64 -20.43
C ILE C 198 -9.17 -2.62 -20.49
N SER C 199 -9.08 -1.59 -19.64
CA SER C 199 -10.09 -0.53 -19.60
C SER C 199 -9.44 0.79 -19.92
N LEU C 200 -10.07 1.56 -20.80
CA LEU C 200 -9.79 2.98 -20.98
C LEU C 200 -10.97 3.73 -20.39
N HIS C 201 -10.68 4.78 -19.61
CA HIS C 201 -11.80 5.42 -18.92
C HIS C 201 -11.39 6.80 -18.45
N ARG C 202 -12.37 7.68 -18.43
CA ARG C 202 -12.22 8.96 -17.76
C ARG C 202 -12.10 8.71 -16.26
N TYR C 203 -11.07 9.29 -15.65
CA TYR C 203 -10.73 9.02 -14.25
C TYR C 203 -10.76 10.28 -13.40
N GLU C 204 -10.07 11.33 -13.81
CA GLU C 204 -10.07 12.61 -13.10
C GLU C 204 -9.67 12.45 -11.64
N ASP C 205 -8.56 11.74 -11.41
CA ASP C 205 -8.02 11.53 -10.07
C ASP C 205 -9.04 10.89 -9.14
N GLY C 206 -9.92 10.06 -9.68
CA GLY C 206 -10.93 9.38 -8.90
C GLY C 206 -12.23 10.14 -8.71
N ALA C 207 -12.40 11.31 -9.34
CA ALA C 207 -13.60 12.09 -9.13
C ALA C 207 -14.77 11.66 -10.02
N PHE C 208 -14.50 10.98 -11.13
CA PHE C 208 -15.52 10.56 -12.08
C PHE C 208 -16.07 9.20 -11.68
N PHE C 209 -17.36 8.98 -11.95
CA PHE C 209 -17.99 7.70 -11.63
C PHE C 209 -17.18 6.56 -12.23
N PRO C 210 -16.96 5.44 -11.49
CA PRO C 210 -17.55 5.12 -10.19
C PRO C 210 -16.76 5.56 -8.95
N ASN C 211 -15.90 6.57 -9.09
CA ASN C 211 -15.37 7.34 -7.96
C ASN C 211 -14.42 6.55 -7.08
N SER C 212 -13.63 5.65 -7.66
CA SER C 212 -12.73 4.81 -6.87
C SER C 212 -11.32 4.83 -7.46
N GLU C 213 -10.33 4.87 -6.56
CA GLU C 213 -8.94 4.72 -7.00
C GLU C 213 -8.61 3.34 -7.53
N ASP C 214 -9.55 2.39 -7.45
CA ASP C 214 -9.37 1.09 -8.10
C ASP C 214 -9.15 1.24 -9.60
N ALA C 215 -9.58 2.35 -10.19
CA ALA C 215 -9.47 2.58 -11.62
C ALA C 215 -8.13 3.17 -12.04
N ASN C 216 -7.20 3.38 -11.10
CA ASN C 216 -5.94 4.01 -11.48
C ASN C 216 -4.99 3.01 -12.14
N TYR C 217 -3.95 3.55 -12.79
CA TYR C 217 -3.05 2.74 -13.60
C TYR C 217 -2.20 1.78 -12.76
N ASP C 218 -2.03 2.05 -11.47
CA ASP C 218 -1.22 1.19 -10.63
C ASP C 218 -1.95 -0.05 -10.14
N LYS C 219 -3.23 -0.21 -10.49
CA LYS C 219 -3.95 -1.44 -10.16
C LYS C 219 -3.73 -2.39 -11.33
N VAL C 220 -2.71 -3.25 -11.19
CA VAL C 220 -2.23 -4.09 -12.28
C VAL C 220 -2.71 -5.53 -12.16
N GLY C 221 -3.49 -5.84 -11.13
CA GLY C 221 -3.91 -7.19 -10.84
C GLY C 221 -3.25 -7.72 -9.57
N LEU C 222 -3.76 -8.85 -9.10
CA LEU C 222 -3.31 -9.44 -7.84
C LEU C 222 -2.84 -10.86 -8.07
N GLY C 223 -1.79 -11.27 -7.35
CA GLY C 223 -1.34 -12.65 -7.41
C GLY C 223 -0.94 -13.05 -8.82
N LYS C 224 -1.41 -14.22 -9.24
CA LYS C 224 -1.14 -14.67 -10.61
C LYS C 224 -1.76 -13.74 -11.65
N GLY C 225 -2.69 -12.87 -11.24
CA GLY C 225 -3.27 -11.90 -12.12
C GLY C 225 -2.46 -10.64 -12.33
N ARG C 226 -1.29 -10.52 -11.69
CA ARG C 226 -0.50 -9.32 -11.86
C ARG C 226 -0.05 -9.16 -13.31
N GLY C 227 -0.34 -7.99 -13.88
CA GLY C 227 -0.13 -7.74 -15.29
C GLY C 227 -1.35 -7.94 -16.16
N TYR C 228 -2.39 -8.60 -15.63
CA TYR C 228 -3.56 -8.96 -16.41
C TYR C 228 -4.74 -8.03 -16.18
N ASN C 229 -4.50 -6.91 -15.51
CA ASN C 229 -5.47 -5.83 -15.39
C ASN C 229 -4.79 -4.54 -15.80
N VAL C 230 -5.26 -3.95 -16.90
CA VAL C 230 -4.63 -2.79 -17.51
C VAL C 230 -5.63 -1.65 -17.49
N ASN C 231 -5.42 -0.69 -16.60
CA ASN C 231 -6.26 0.51 -16.50
C ASN C 231 -5.56 1.66 -17.20
N ILE C 232 -6.24 2.26 -18.17
CA ILE C 232 -5.74 3.44 -18.88
C ILE C 232 -6.59 4.62 -18.45
N PRO C 233 -6.21 5.35 -17.41
CA PRO C 233 -7.07 6.41 -16.88
C PRO C 233 -6.76 7.79 -17.46
N TRP C 234 -7.79 8.48 -17.94
CA TRP C 234 -7.63 9.82 -18.48
C TRP C 234 -7.91 10.88 -17.42
N ASN C 235 -7.07 11.93 -17.41
CA ASN C 235 -7.20 13.05 -16.50
C ASN C 235 -7.07 14.36 -17.28
N GLY C 236 -8.04 15.25 -17.10
CA GLY C 236 -7.89 16.62 -17.55
C GLY C 236 -8.17 16.92 -19.01
N GLY C 237 -7.90 15.99 -19.91
CA GLY C 237 -8.09 16.25 -21.33
C GLY C 237 -9.44 15.79 -21.85
N LYS C 238 -9.92 16.48 -22.89
CA LYS C 238 -11.11 16.07 -23.62
C LYS C 238 -10.67 15.10 -24.71
N MET C 239 -10.72 13.81 -24.39
CA MET C 239 -10.08 12.81 -25.24
C MET C 239 -10.96 12.45 -26.43
N GLY C 240 -10.29 12.13 -27.54
CA GLY C 240 -10.96 11.76 -28.78
C GLY C 240 -10.19 10.75 -29.59
N ASP C 241 -10.41 10.73 -30.90
CA ASP C 241 -9.78 9.72 -31.76
C ASP C 241 -8.27 9.64 -31.60
N PRO C 242 -7.50 10.74 -31.66
CA PRO C 242 -6.04 10.59 -31.58
C PRO C 242 -5.59 9.93 -30.30
N GLU C 243 -6.25 10.25 -29.18
CA GLU C 243 -5.83 9.71 -27.89
C GLU C 243 -6.14 8.23 -27.79
N TYR C 244 -7.34 7.82 -28.24
CA TYR C 244 -7.67 6.40 -28.22
C TYR C 244 -6.81 5.61 -29.20
N MET C 245 -6.51 6.19 -30.36
CA MET C 245 -5.64 5.52 -31.31
C MET C 245 -4.24 5.34 -30.75
N ALA C 246 -3.74 6.35 -30.03
CA ALA C 246 -2.42 6.23 -29.44
C ALA C 246 -2.39 5.21 -28.30
N ALA C 247 -3.45 5.17 -27.49
CA ALA C 247 -3.52 4.16 -26.44
C ALA C 247 -3.55 2.76 -27.03
N PHE C 248 -4.25 2.58 -28.16
CA PHE C 248 -4.25 1.27 -28.81
C PHE C 248 -2.88 0.93 -29.37
N HIS C 249 -2.19 1.92 -29.95
CA HIS C 249 -0.89 1.67 -30.57
C HIS C 249 0.16 1.31 -29.54
N HIS C 250 0.22 2.05 -28.43
CA HIS C 250 1.28 1.87 -27.44
C HIS C 250 0.96 0.84 -26.37
N LEU C 251 -0.32 0.54 -26.13
CA LEU C 251 -0.67 -0.27 -24.97
C LEU C 251 -1.59 -1.44 -25.33
N VAL C 252 -2.81 -1.13 -25.80
CA VAL C 252 -3.81 -2.17 -25.97
C VAL C 252 -3.32 -3.25 -26.92
N MET C 253 -2.87 -2.86 -28.11
CA MET C 253 -2.50 -3.84 -29.12
C MET C 253 -1.21 -4.60 -28.78
N PRO C 254 -0.14 -3.95 -28.31
CA PRO C 254 1.06 -4.74 -27.93
C PRO C 254 0.77 -5.72 -26.81
N ILE C 255 0.03 -5.32 -25.77
CA ILE C 255 -0.31 -6.23 -24.70
C ILE C 255 -1.21 -7.34 -25.21
N ALA C 256 -2.25 -6.99 -25.96
CA ALA C 256 -3.18 -7.99 -26.47
C ALA C 256 -2.48 -9.02 -27.36
N ARG C 257 -1.59 -8.56 -28.25
CA ARG C 257 -0.87 -9.49 -29.13
CA ARG C 257 -0.90 -9.51 -29.13
C ARG C 257 -0.01 -10.46 -28.32
N GLU C 258 0.63 -9.96 -27.26
CA GLU C 258 1.46 -10.84 -26.44
C GLU C 258 0.61 -11.84 -25.67
N PHE C 259 -0.53 -11.41 -25.15
CA PHE C 259 -1.46 -12.31 -24.46
C PHE C 259 -2.02 -13.38 -25.40
N ALA C 260 -2.19 -13.05 -26.68
CA ALA C 260 -2.69 -13.96 -27.70
C ALA C 260 -4.05 -14.53 -27.32
N PRO C 261 -5.07 -13.69 -27.21
CA PRO C 261 -6.39 -14.17 -26.79
C PRO C 261 -6.98 -15.12 -27.82
N GLU C 262 -7.83 -16.00 -27.33
CA GLU C 262 -8.61 -16.89 -28.19
C GLU C 262 -10.01 -16.37 -28.42
N LEU C 263 -10.43 -15.35 -27.67
CA LEU C 263 -11.73 -14.70 -27.85
C LEU C 263 -11.56 -13.28 -27.33
N VAL C 264 -12.10 -12.32 -28.06
CA VAL C 264 -12.10 -10.92 -27.65
C VAL C 264 -13.55 -10.50 -27.39
N LEU C 265 -13.80 -10.00 -26.19
CA LEU C 265 -15.07 -9.38 -25.84
C LEU C 265 -14.82 -7.89 -25.70
N VAL C 266 -15.69 -7.07 -26.30
CA VAL C 266 -15.62 -5.62 -26.14
C VAL C 266 -16.79 -5.18 -25.26
N SER C 267 -16.45 -4.60 -24.10
CA SER C 267 -17.46 -3.88 -23.31
C SER C 267 -17.57 -2.54 -24.01
N ALA C 268 -18.47 -2.49 -24.99
CA ALA C 268 -18.56 -1.39 -25.94
C ALA C 268 -19.64 -0.41 -25.48
N GLY C 269 -19.28 0.40 -24.50
CA GLY C 269 -20.05 1.60 -24.26
C GLY C 269 -19.70 2.66 -25.30
N PHE C 270 -20.68 3.48 -25.63
CA PHE C 270 -20.45 4.58 -26.56
C PHE C 270 -20.65 5.93 -25.90
N ASP C 271 -20.34 6.00 -24.60
CA ASP C 271 -20.43 7.25 -23.85
C ASP C 271 -19.15 8.08 -23.90
N ALA C 272 -18.08 7.58 -24.51
CA ALA C 272 -16.97 8.45 -24.90
C ALA C 272 -17.21 9.14 -26.23
N ALA C 273 -18.37 8.96 -26.84
CA ALA C 273 -18.64 9.47 -28.17
C ALA C 273 -18.86 10.98 -28.17
N ARG C 274 -18.42 11.62 -29.25
CA ARG C 274 -18.87 12.97 -29.56
C ARG C 274 -20.39 13.04 -29.45
N GLY C 275 -20.87 14.02 -28.68
CA GLY C 275 -22.29 14.22 -28.50
C GLY C 275 -22.88 13.57 -27.25
N ASP C 276 -22.14 12.71 -26.55
CA ASP C 276 -22.70 12.11 -25.36
C ASP C 276 -23.02 13.18 -24.33
N PRO C 277 -24.17 13.09 -23.66
CA PRO C 277 -24.54 14.13 -22.68
C PRO C 277 -23.78 14.06 -21.36
N LEU C 278 -23.03 12.99 -21.08
CA LEU C 278 -22.33 12.88 -19.80
C LEU C 278 -20.87 12.46 -19.89
N GLY C 279 -20.41 11.90 -21.00
CA GLY C 279 -19.05 11.38 -21.05
C GLY C 279 -17.98 12.47 -21.11
N GLY C 280 -18.27 13.56 -21.81
CA GLY C 280 -17.32 14.66 -21.94
C GLY C 280 -16.22 14.46 -22.96
N PHE C 281 -16.27 13.39 -23.76
CA PHE C 281 -15.23 13.08 -24.73
C PHE C 281 -15.78 13.26 -26.14
N GLN C 282 -14.95 12.92 -27.14
CA GLN C 282 -15.30 13.24 -28.53
C GLN C 282 -14.79 12.17 -29.51
N VAL C 283 -14.85 10.89 -29.12
CA VAL C 283 -14.54 9.82 -30.06
C VAL C 283 -15.61 9.79 -31.14
N THR C 284 -15.18 9.68 -32.40
CA THR C 284 -16.09 9.74 -33.54
C THR C 284 -16.49 8.33 -33.95
N PRO C 285 -17.55 8.21 -34.76
CA PRO C 285 -17.90 6.88 -35.27
C PRO C 285 -16.77 6.25 -36.07
N GLU C 286 -16.07 7.07 -36.86
CA GLU C 286 -14.90 6.57 -37.58
C GLU C 286 -13.83 6.09 -36.62
N GLY C 287 -13.69 6.77 -35.47
CA GLY C 287 -12.76 6.31 -34.45
C GLY C 287 -13.11 4.93 -33.91
N TYR C 288 -14.38 4.73 -33.56
CA TYR C 288 -14.79 3.42 -33.10
C TYR C 288 -14.59 2.36 -34.18
N ALA C 289 -14.79 2.73 -35.45
CA ALA C 289 -14.52 1.78 -36.53
C ALA C 289 -13.05 1.35 -36.52
N HIS C 290 -12.14 2.31 -36.32
CA HIS C 290 -10.72 1.97 -36.33
C HIS C 290 -10.35 1.11 -35.13
N LEU C 291 -10.91 1.39 -33.95
CA LEU C 291 -10.66 0.53 -32.79
C LEU C 291 -11.14 -0.89 -33.05
N THR C 292 -12.36 -1.03 -33.60
CA THR C 292 -12.89 -2.35 -33.92
C THR C 292 -11.99 -3.08 -34.91
N HIS C 293 -11.57 -2.37 -35.96
CA HIS C 293 -10.75 -3.01 -36.99
C HIS C 293 -9.44 -3.53 -36.43
N GLN C 294 -8.84 -2.79 -35.48
CA GLN C 294 -7.61 -3.26 -34.85
C GLN C 294 -7.84 -4.52 -34.02
N LEU C 295 -8.94 -4.55 -33.25
CA LEU C 295 -9.23 -5.75 -32.45
C LEU C 295 -9.50 -6.96 -33.33
N MET C 296 -9.99 -6.75 -34.56
CA MET C 296 -10.26 -7.85 -35.48
C MET C 296 -9.00 -8.60 -35.88
N SER C 297 -7.82 -8.00 -35.69
CA SER C 297 -6.56 -8.67 -35.98
C SER C 297 -6.16 -9.67 -34.90
N LEU C 298 -6.93 -9.79 -33.84
CA LEU C 298 -6.65 -10.68 -32.72
C LEU C 298 -7.58 -11.89 -32.77
N ALA C 299 -7.13 -12.98 -32.13
CA ALA C 299 -7.95 -14.16 -31.89
C ALA C 299 -8.56 -14.73 -33.17
N ALA C 300 -7.81 -14.67 -34.27
CA ALA C 300 -8.33 -15.07 -35.58
C ALA C 300 -9.67 -14.41 -35.90
N GLY C 301 -9.87 -13.18 -35.43
CA GLY C 301 -11.06 -12.41 -35.73
C GLY C 301 -12.25 -12.65 -34.82
N ARG C 302 -12.10 -13.46 -33.77
CA ARG C 302 -13.23 -13.85 -32.93
C ARG C 302 -13.52 -12.75 -31.92
N VAL C 303 -14.38 -11.81 -32.33
CA VAL C 303 -14.66 -10.59 -31.57
C VAL C 303 -16.16 -10.50 -31.36
N LEU C 304 -16.57 -10.26 -30.12
CA LEU C 304 -17.96 -10.01 -29.76
C LEU C 304 -18.06 -8.61 -29.14
N ILE C 305 -18.84 -7.74 -29.77
CA ILE C 305 -19.03 -6.37 -29.32
C ILE C 305 -20.33 -6.31 -28.53
N ILE C 306 -20.24 -5.94 -27.25
CA ILE C 306 -21.37 -5.94 -26.31
C ILE C 306 -21.67 -4.52 -25.89
N LEU C 307 -22.90 -4.05 -26.15
CA LEU C 307 -23.27 -2.70 -25.76
C LEU C 307 -23.21 -2.52 -24.24
N GLU C 308 -22.54 -1.45 -23.79
CA GLU C 308 -22.58 -1.03 -22.39
C GLU C 308 -23.34 0.29 -22.30
N GLY C 309 -22.65 1.40 -21.98
CA GLY C 309 -23.26 2.71 -21.89
C GLY C 309 -23.31 3.45 -23.21
N GLY C 310 -23.53 4.76 -23.13
CA GLY C 310 -23.74 5.59 -24.30
C GLY C 310 -25.16 6.10 -24.35
N TYR C 311 -25.36 7.42 -24.40
CA TYR C 311 -26.66 8.02 -24.10
C TYR C 311 -27.16 9.03 -25.11
N ASN C 312 -26.37 9.42 -26.10
CA ASN C 312 -26.87 10.20 -27.22
C ASN C 312 -27.35 9.20 -28.27
N LEU C 313 -28.66 9.19 -28.52
CA LEU C 313 -29.24 8.13 -29.34
C LEU C 313 -28.64 8.14 -30.74
N THR C 314 -28.39 9.32 -31.29
CA THR C 314 -27.75 9.39 -32.60
C THR C 314 -26.31 8.92 -32.55
N SER C 315 -25.55 9.36 -31.54
CA SER C 315 -24.14 8.99 -31.43
C SER C 315 -23.97 7.48 -31.30
N ILE C 316 -24.73 6.86 -30.41
CA ILE C 316 -24.54 5.42 -30.19
C ILE C 316 -25.00 4.63 -31.40
N SER C 317 -26.04 5.08 -32.09
CA SER C 317 -26.53 4.36 -33.25
C SER C 317 -25.53 4.39 -34.39
N GLU C 318 -24.95 5.57 -34.66
CA GLU C 318 -23.94 5.66 -35.71
C GLU C 318 -22.66 4.94 -35.30
N SER C 319 -22.27 5.05 -34.02
CA SER C 319 -21.01 4.46 -33.59
C SER C 319 -21.07 2.94 -33.61
N MET C 320 -22.12 2.35 -33.03
CA MET C 320 -22.19 0.90 -33.03
C MET C 320 -22.36 0.33 -34.42
N SER C 321 -23.14 1.02 -35.27
CA SER C 321 -23.31 0.55 -36.65
CA SER C 321 -23.31 0.53 -36.64
C SER C 321 -21.99 0.54 -37.40
N MET C 322 -21.13 1.53 -37.15
CA MET C 322 -19.82 1.54 -37.79
C MET C 322 -18.97 0.37 -37.34
N CYS C 323 -19.09 -0.02 -36.06
CA CYS C 323 -18.39 -1.20 -35.58
C CYS C 323 -18.87 -2.46 -36.31
N THR C 324 -20.19 -2.62 -36.46
CA THR C 324 -20.70 -3.76 -37.20
C THR C 324 -20.24 -3.75 -38.65
N SER C 325 -20.20 -2.58 -39.27
CA SER C 325 -19.68 -2.46 -40.63
C SER C 325 -18.25 -3.00 -40.71
N MET C 326 -17.43 -2.71 -39.70
CA MET C 326 -16.08 -3.23 -39.67
C MET C 326 -16.07 -4.75 -39.52
N LEU C 327 -16.89 -5.28 -38.61
CA LEU C 327 -16.96 -6.73 -38.44
C LEU C 327 -17.37 -7.43 -39.72
N LEU C 328 -18.22 -6.80 -40.51
CA LEU C 328 -18.65 -7.36 -41.79
C LEU C 328 -17.56 -7.31 -42.85
N GLY C 329 -16.43 -6.66 -42.57
CA GLY C 329 -15.33 -6.59 -43.50
C GLY C 329 -15.27 -5.35 -44.36
N ASP C 330 -16.09 -4.34 -44.09
CA ASP C 330 -16.02 -3.11 -44.87
C ASP C 330 -14.71 -2.37 -44.58
N SER C 331 -14.26 -1.60 -45.57
CA SER C 331 -13.00 -0.88 -45.42
C SER C 331 -13.13 0.21 -44.36
N PRO C 332 -12.14 0.38 -43.50
CA PRO C 332 -12.22 1.42 -42.48
C PRO C 332 -12.29 2.80 -43.09
N PRO C 333 -13.10 3.68 -42.54
CA PRO C 333 -13.21 5.05 -43.07
C PRO C 333 -11.95 5.83 -42.78
N SER C 334 -11.75 6.89 -43.57
CA SER C 334 -10.54 7.69 -43.42
C SER C 334 -10.59 8.50 -42.12
N LEU C 335 -9.44 8.62 -41.47
CA LEU C 335 -9.31 9.43 -40.27
C LEU C 335 -8.53 10.70 -40.56
N PRO C 340 -2.13 15.46 -33.77
CA PRO C 340 -1.51 16.05 -32.58
C PRO C 340 -2.18 15.60 -31.29
N LEU C 341 -1.46 14.83 -30.50
CA LEU C 341 -2.00 14.25 -29.29
C LEU C 341 -2.05 15.27 -28.17
N LYS C 342 -3.12 15.21 -27.36
CA LYS C 342 -3.17 16.03 -26.15
C LYS C 342 -2.12 15.53 -25.17
N THR C 343 -1.35 16.47 -24.61
CA THR C 343 -0.22 16.08 -23.77
C THR C 343 -0.67 15.34 -22.51
N SER C 344 -1.88 15.62 -22.01
CA SER C 344 -2.38 14.89 -20.86
C SER C 344 -2.57 13.42 -21.17
N ALA C 345 -2.97 13.09 -22.41
CA ALA C 345 -3.11 11.69 -22.79
C ALA C 345 -1.76 10.99 -22.82
N THR C 346 -0.72 11.68 -23.31
CA THR C 346 0.62 11.10 -23.31
C THR C 346 1.10 10.81 -21.90
N VAL C 347 0.78 11.70 -20.94
CA VAL C 347 1.13 11.44 -19.55
C VAL C 347 0.49 10.15 -19.06
N SER C 348 -0.81 9.98 -19.32
CA SER C 348 -1.50 8.76 -18.93
C SER C 348 -0.88 7.52 -19.57
N ILE C 349 -0.64 7.59 -20.88
CA ILE C 349 -0.05 6.44 -21.59
C ILE C 349 1.29 6.08 -20.98
N ASN C 350 2.12 7.09 -20.67
CA ASN C 350 3.43 6.80 -20.08
C ASN C 350 3.30 6.23 -18.66
N ASN C 351 2.31 6.68 -17.89
CA ASN C 351 2.08 6.08 -16.58
C ASN C 351 1.76 4.59 -16.69
N VAL C 352 0.87 4.24 -17.63
CA VAL C 352 0.51 2.83 -17.81
C VAL C 352 1.72 2.02 -18.30
N LEU C 353 2.50 2.58 -19.23
CA LEU C 353 3.70 1.90 -19.69
C LEU C 353 4.65 1.60 -18.54
N ARG C 354 4.84 2.55 -17.63
CA ARG C 354 5.72 2.33 -16.50
C ARG C 354 5.19 1.22 -15.59
N ALA C 355 3.87 1.17 -15.40
CA ALA C 355 3.30 0.17 -14.50
C ALA C 355 3.34 -1.23 -15.12
N HIS C 356 3.23 -1.34 -16.44
CA HIS C 356 3.06 -2.64 -17.08
C HIS C 356 4.28 -3.17 -17.82
N ALA C 357 5.27 -2.32 -18.07
CA ALA C 357 6.55 -2.80 -18.59
C ALA C 357 7.11 -4.00 -17.83
N PRO C 358 7.02 -4.10 -16.49
CA PRO C 358 7.52 -5.31 -15.82
C PRO C 358 6.84 -6.59 -16.24
N PHE C 359 5.62 -6.52 -16.76
CA PHE C 359 4.84 -7.73 -17.02
C PHE C 359 4.76 -8.11 -18.49
N TRP C 360 5.12 -7.21 -19.41
CA TRP C 360 4.89 -7.44 -20.83
C TRP C 360 6.16 -7.08 -21.60
N SER C 361 6.81 -8.11 -22.15
CA SER C 361 8.06 -7.89 -22.90
C SER C 361 7.84 -6.99 -24.09
N SER C 362 6.62 -6.94 -24.64
CA SER C 362 6.35 -6.07 -25.77
C SER C 362 6.46 -4.60 -25.39
N LEU C 363 6.41 -4.27 -24.11
CA LEU C 363 6.57 -2.89 -23.65
C LEU C 363 8.01 -2.57 -23.26
N ARG C 364 8.89 -3.56 -23.25
CA ARG C 364 10.30 -3.35 -22.90
C ARG C 364 11.17 -3.38 -24.15
N ILE D 9 -28.20 -7.14 7.62
CA ILE D 9 -29.55 -6.90 8.12
C ILE D 9 -29.53 -6.16 9.45
N THR D 10 -30.41 -5.18 9.61
CA THR D 10 -30.56 -4.44 10.85
C THR D 10 -31.92 -4.78 11.45
N GLY D 11 -31.91 -5.21 12.70
CA GLY D 11 -33.15 -5.45 13.42
C GLY D 11 -33.67 -4.21 14.12
N LEU D 12 -34.98 -4.18 14.33
CA LEU D 12 -35.62 -3.09 15.07
C LEU D 12 -36.70 -3.68 15.93
N VAL D 13 -36.72 -3.30 17.21
CA VAL D 13 -37.79 -3.70 18.12
C VAL D 13 -38.46 -2.46 18.70
N TYR D 14 -39.78 -2.46 18.67
CA TYR D 14 -40.60 -1.40 19.23
C TYR D 14 -41.96 -2.01 19.51
N ASP D 15 -42.54 -1.67 20.65
CA ASP D 15 -43.88 -2.15 20.96
C ASP D 15 -44.62 -1.07 21.73
N GLN D 16 -45.80 -0.71 21.24
CA GLN D 16 -46.58 0.38 21.83
C GLN D 16 -47.02 0.09 23.26
N ARG D 17 -46.99 -1.17 23.69
CA ARG D 17 -47.32 -1.46 25.09
C ARG D 17 -46.35 -0.79 26.05
N MET D 18 -45.13 -0.49 25.61
CA MET D 18 -44.21 0.19 26.51
C MET D 18 -44.59 1.64 26.77
N MET D 19 -45.57 2.17 26.03
CA MET D 19 -46.12 3.49 26.32
C MET D 19 -46.99 3.50 27.57
N LEU D 20 -47.40 2.34 28.10
CA LEU D 20 -48.40 2.29 29.14
C LEU D 20 -47.87 2.78 30.49
N HIS D 21 -46.58 2.65 30.72
CA HIS D 21 -45.94 3.21 31.92
C HIS D 21 -45.98 4.74 31.87
N HIS D 22 -46.48 5.37 32.94
CA HIS D 22 -46.56 6.83 32.92
C HIS D 22 -46.63 7.35 34.34
N ASN D 23 -46.41 8.66 34.44
CA ASN D 23 -46.43 9.37 35.72
C ASN D 23 -47.86 9.82 36.01
N MET D 24 -48.49 9.17 37.00
CA MET D 24 -49.90 9.39 37.30
C MET D 24 -50.19 10.77 37.85
N TRP D 25 -49.16 11.48 38.30
CA TRP D 25 -49.34 12.74 39.00
C TRP D 25 -48.78 13.93 38.25
N ASP D 26 -48.21 13.71 37.06
CA ASP D 26 -47.61 14.79 36.27
C ASP D 26 -47.64 14.35 34.82
N SER D 27 -48.57 14.92 34.04
CA SER D 27 -48.66 14.60 32.62
C SER D 27 -47.56 15.26 31.80
N HIS D 28 -46.72 16.08 32.41
CA HIS D 28 -45.64 16.76 31.72
C HIS D 28 -44.27 16.25 32.14
N HIS D 29 -44.21 15.11 32.82
CA HIS D 29 -42.93 14.58 33.23
C HIS D 29 -42.11 14.26 31.99
N PRO D 30 -40.81 14.57 31.98
CA PRO D 30 -40.02 14.37 30.76
C PRO D 30 -39.94 12.92 30.29
N GLU D 31 -40.04 11.94 31.17
CA GLU D 31 -39.97 10.53 30.75
C GLU D 31 -41.36 10.06 30.33
N LEU D 32 -41.77 10.55 29.16
CA LEU D 32 -43.10 10.54 28.57
C LEU D 32 -43.29 9.30 27.71
N PRO D 33 -44.51 8.73 27.67
CA PRO D 33 -44.79 7.65 26.71
C PRO D 33 -44.46 8.01 25.28
N GLN D 34 -44.67 9.28 24.90
CA GLN D 34 -44.47 9.71 23.53
C GLN D 34 -43.02 9.69 23.11
N ARG D 35 -42.08 9.54 24.04
CA ARG D 35 -40.67 9.39 23.67
C ARG D 35 -40.49 8.27 22.64
N ILE D 36 -41.04 7.09 22.93
CA ILE D 36 -40.80 5.95 22.04
C ILE D 36 -41.67 6.00 20.80
N SER D 37 -42.92 6.47 20.92
CA SER D 37 -43.77 6.56 19.74
C SER D 37 -43.26 7.59 18.75
N ARG D 38 -42.69 8.71 19.24
CA ARG D 38 -42.11 9.70 18.34
C ARG D 38 -40.87 9.15 17.61
N ILE D 39 -40.00 8.43 18.33
CA ILE D 39 -38.85 7.84 17.67
C ILE D 39 -39.31 6.84 16.60
N PHE D 40 -40.27 5.99 16.95
CA PHE D 40 -40.77 5.02 15.99
C PHE D 40 -41.38 5.70 14.78
N SER D 41 -42.18 6.75 15.01
CA SER D 41 -42.80 7.47 13.90
CA SER D 41 -42.80 7.47 13.90
C SER D 41 -41.75 8.07 12.98
N ARG D 42 -40.66 8.60 13.55
CA ARG D 42 -39.63 9.19 12.70
C ARG D 42 -38.95 8.13 11.84
N HIS D 43 -38.79 6.92 12.38
CA HIS D 43 -38.27 5.81 11.58
C HIS D 43 -39.19 5.51 10.40
N GLU D 44 -40.50 5.60 10.60
CA GLU D 44 -41.43 5.39 9.49
C GLU D 44 -41.31 6.51 8.47
N GLU D 45 -41.29 7.75 8.94
CA GLU D 45 -41.24 8.91 8.04
C GLU D 45 -39.99 8.89 7.17
N LEU D 46 -38.86 8.49 7.73
CA LEU D 46 -37.59 8.47 7.01
C LEU D 46 -37.40 7.18 6.21
N ARG D 47 -38.41 6.30 6.18
CA ARG D 47 -38.37 5.03 5.46
C ARG D 47 -37.37 4.05 6.04
N LEU D 48 -36.92 4.28 7.27
CA LEU D 48 -35.96 3.38 7.89
C LEU D 48 -36.62 2.10 8.36
N LEU D 49 -37.86 2.18 8.84
CA LEU D 49 -38.53 1.02 9.42
C LEU D 49 -38.63 -0.10 8.39
N SER D 50 -39.04 0.21 7.17
CA SER D 50 -39.22 -0.81 6.15
C SER D 50 -37.90 -1.40 5.66
N ARG D 51 -36.77 -0.78 6.00
CA ARG D 51 -35.46 -1.32 5.67
C ARG D 51 -34.93 -2.26 6.74
N CYS D 52 -35.59 -2.34 7.89
CA CYS D 52 -35.16 -3.18 9.01
C CYS D 52 -35.98 -4.45 9.06
N HIS D 53 -35.41 -5.45 9.74
CA HIS D 53 -36.13 -6.66 10.10
C HIS D 53 -36.78 -6.43 11.46
N ARG D 54 -38.09 -6.56 11.53
CA ARG D 54 -38.81 -6.28 12.76
C ARG D 54 -38.66 -7.45 13.73
N ILE D 55 -38.08 -7.19 14.89
CA ILE D 55 -37.91 -8.18 15.93
C ILE D 55 -39.03 -7.99 16.96
N PRO D 56 -39.74 -9.05 17.36
CA PRO D 56 -40.84 -8.86 18.29
C PRO D 56 -40.35 -8.63 19.70
N ALA D 57 -41.12 -7.84 20.45
CA ALA D 57 -40.89 -7.74 21.89
C ALA D 57 -41.29 -9.05 22.55
N ARG D 58 -40.71 -9.30 23.73
CA ARG D 58 -41.16 -10.38 24.60
C ARG D 58 -40.93 -9.93 26.04
N LEU D 59 -41.53 -10.66 26.96
CA LEU D 59 -41.34 -10.40 28.38
C LEU D 59 -40.06 -11.06 28.86
N ALA D 60 -39.25 -10.31 29.60
CA ALA D 60 -38.20 -10.97 30.37
C ALA D 60 -38.85 -11.84 31.44
N THR D 61 -38.17 -12.94 31.78
CA THR D 61 -38.62 -13.79 32.87
C THR D 61 -37.96 -13.34 34.17
N GLU D 62 -38.53 -13.76 35.29
CA GLU D 62 -37.92 -13.43 36.58
C GLU D 62 -36.53 -14.08 36.73
N GLU D 63 -36.33 -15.26 36.15
CA GLU D 63 -35.00 -15.86 36.18
C GLU D 63 -34.00 -15.00 35.41
N GLU D 64 -34.43 -14.43 34.29
CA GLU D 64 -33.58 -13.51 33.55
C GLU D 64 -33.27 -12.25 34.35
N LEU D 65 -34.28 -11.67 35.01
CA LEU D 65 -34.03 -10.51 35.86
C LEU D 65 -33.01 -10.82 36.95
N ALA D 66 -33.01 -12.06 37.46
CA ALA D 66 -32.09 -12.48 38.50
C ALA D 66 -30.65 -12.58 38.02
N LEU D 67 -30.39 -12.45 36.72
CA LEU D 67 -29.02 -12.40 36.24
C LEU D 67 -28.28 -11.19 36.81
N CYS D 68 -29.00 -10.11 37.11
CA CYS D 68 -28.40 -8.91 37.68
C CYS D 68 -29.07 -8.40 38.95
N HIS D 69 -30.32 -8.78 39.23
CA HIS D 69 -31.07 -8.14 40.31
C HIS D 69 -31.39 -9.12 41.43
N SER D 70 -31.49 -8.57 42.64
CA SER D 70 -31.83 -9.37 43.80
C SER D 70 -33.29 -9.81 43.74
N SER D 71 -33.60 -10.92 44.42
N SER D 71 -33.58 -10.93 44.41
CA SER D 71 -34.99 -11.36 44.47
CA SER D 71 -34.96 -11.39 44.53
C SER D 71 -35.86 -10.38 45.26
C SER D 71 -35.83 -10.35 45.23
N LYS D 72 -35.29 -9.69 46.25
CA LYS D 72 -36.05 -8.68 46.98
C LYS D 72 -36.46 -7.54 46.05
N HIS D 73 -35.52 -7.04 45.25
CA HIS D 73 -35.84 -5.95 44.34
C HIS D 73 -36.86 -6.38 43.30
N ILE D 74 -36.68 -7.57 42.71
CA ILE D 74 -37.65 -8.07 41.74
C ILE D 74 -39.03 -8.16 42.37
N SER D 75 -39.12 -8.68 43.59
CA SER D 75 -40.42 -8.88 44.24
C SER D 75 -41.10 -7.56 44.55
N ILE D 76 -40.32 -6.54 44.94
CA ILE D 76 -40.93 -5.25 45.28
C ILE D 76 -41.51 -4.58 44.05
N ILE D 77 -40.73 -4.51 42.97
CA ILE D 77 -41.25 -3.91 41.74
C ILE D 77 -42.44 -4.69 41.21
N LYS D 78 -42.36 -6.03 41.25
CA LYS D 78 -43.50 -6.84 40.82
C LYS D 78 -44.74 -6.53 41.67
N SER D 79 -44.55 -6.34 42.98
CA SER D 79 -45.69 -6.10 43.85
C SER D 79 -46.40 -4.80 43.53
N SER D 80 -45.72 -3.85 42.88
CA SER D 80 -46.34 -2.56 42.59
C SER D 80 -47.56 -2.72 41.69
N GLU D 81 -47.62 -3.77 40.89
CA GLU D 81 -48.72 -3.86 39.94
C GLU D 81 -50.06 -4.19 40.58
N HIS D 82 -50.09 -4.53 41.88
CA HIS D 82 -51.33 -4.75 42.59
C HIS D 82 -51.79 -3.53 43.39
N MET D 83 -51.02 -2.45 43.40
CA MET D 83 -51.23 -1.38 44.35
C MET D 83 -52.23 -0.35 43.85
N LYS D 84 -52.95 0.24 44.79
CA LYS D 84 -53.73 1.41 44.47
C LYS D 84 -52.81 2.62 44.31
N PRO D 85 -53.30 3.68 43.64
CA PRO D 85 -52.45 4.86 43.38
C PRO D 85 -51.74 5.43 44.60
N ARG D 86 -52.43 5.58 45.73
CA ARG D 86 -51.77 6.15 46.91
C ARG D 86 -50.55 5.32 47.31
N ASP D 87 -50.66 3.99 47.22
CA ASP D 87 -49.53 3.14 47.59
C ASP D 87 -48.43 3.15 46.52
N LEU D 88 -48.80 3.26 45.25
CA LEU D 88 -47.80 3.45 44.21
C LEU D 88 -47.00 4.72 44.45
N ASN D 89 -47.68 5.79 44.85
CA ASN D 89 -46.96 7.03 45.11
C ASN D 89 -46.00 6.87 46.28
N ARG D 90 -46.46 6.25 47.37
CA ARG D 90 -45.59 6.05 48.53
C ARG D 90 -44.40 5.18 48.18
N LEU D 91 -44.61 4.11 47.41
CA LEU D 91 -43.51 3.26 47.01
C LEU D 91 -42.50 4.01 46.17
N GLY D 92 -42.96 4.70 45.12
CA GLY D 92 -42.04 5.40 44.25
C GLY D 92 -41.24 6.47 44.98
N ASP D 93 -41.88 7.13 45.94
CA ASP D 93 -41.23 8.21 46.67
C ASP D 93 -40.07 7.72 47.51
N GLU D 94 -40.02 6.42 47.82
CA GLU D 94 -38.91 5.85 48.58
C GLU D 94 -37.62 5.77 47.77
N TYR D 95 -37.70 5.83 46.44
CA TYR D 95 -36.53 5.77 45.57
C TYR D 95 -36.11 7.18 45.18
N ASN D 96 -34.92 7.29 44.61
CA ASN D 96 -34.44 8.53 44.02
C ASN D 96 -35.00 8.64 42.61
N SER D 97 -35.91 9.58 42.38
CA SER D 97 -36.37 9.96 41.04
C SER D 97 -37.04 8.80 40.30
N ILE D 98 -38.10 8.26 40.91
CA ILE D 98 -38.87 7.15 40.34
C ILE D 98 -40.36 7.49 40.46
N PHE D 99 -41.10 7.28 39.37
CA PHE D 99 -42.54 7.19 39.42
C PHE D 99 -42.97 5.80 38.95
N ILE D 100 -44.07 5.30 39.49
CA ILE D 100 -44.54 3.95 39.23
C ILE D 100 -46.03 4.01 38.94
N SER D 101 -46.47 3.29 37.91
CA SER D 101 -47.88 3.07 37.66
C SER D 101 -48.14 1.58 37.64
N ASN D 102 -49.40 1.19 37.52
CA ASN D 102 -49.69 -0.24 37.57
C ASN D 102 -49.11 -1.01 36.39
N GLU D 103 -48.78 -0.32 35.31
CA GLU D 103 -48.24 -0.92 34.10
C GLU D 103 -46.70 -0.98 34.12
N SER D 104 -46.05 -0.38 35.11
CA SER D 104 -44.61 -0.20 35.05
C SER D 104 -43.85 -1.52 35.01
N TYR D 105 -44.24 -2.49 35.86
CA TYR D 105 -43.53 -3.76 35.89
C TYR D 105 -43.58 -4.45 34.53
N THR D 106 -44.77 -4.53 33.94
CA THR D 106 -44.89 -5.16 32.62
C THR D 106 -44.04 -4.43 31.58
N CYS D 107 -44.08 -3.10 31.59
CA CYS D 107 -43.27 -2.35 30.61
C CYS D 107 -41.79 -2.62 30.79
N ALA D 108 -41.33 -2.67 32.05
CA ALA D 108 -39.92 -2.97 32.29
C ALA D 108 -39.55 -4.37 31.81
N LEU D 109 -40.47 -5.34 31.97
CA LEU D 109 -40.24 -6.69 31.43
C LEU D 109 -40.15 -6.67 29.93
N LEU D 110 -40.99 -5.88 29.25
CA LEU D 110 -40.96 -5.81 27.80
C LEU D 110 -39.70 -5.12 27.30
N ALA D 111 -39.24 -4.09 28.01
CA ALA D 111 -38.03 -3.40 27.59
C ALA D 111 -36.86 -4.38 27.61
N ALA D 112 -36.74 -5.14 28.69
CA ALA D 112 -35.63 -6.09 28.82
C ALA D 112 -35.76 -7.22 27.80
N GLY D 113 -36.94 -7.83 27.70
CA GLY D 113 -37.11 -8.95 26.78
C GLY D 113 -36.94 -8.55 25.33
N SER D 114 -37.32 -7.33 24.97
CA SER D 114 -37.08 -6.82 23.62
C SER D 114 -35.60 -6.82 23.30
N CYS D 115 -34.78 -6.41 24.28
CA CYS D 115 -33.34 -6.39 24.09
C CYS D 115 -32.76 -7.79 24.06
N PHE D 116 -33.30 -8.71 24.88
CA PHE D 116 -32.83 -10.10 24.80
C PHE D 116 -33.08 -10.67 23.41
N ASN D 117 -34.28 -10.44 22.86
CA ASN D 117 -34.58 -10.95 21.52
C ASN D 117 -33.66 -10.32 20.48
N SER D 118 -33.31 -9.05 20.65
CA SER D 118 -32.41 -8.40 19.70
C SER D 118 -31.00 -8.98 19.82
N ALA D 119 -30.50 -9.13 21.05
CA ALA D 119 -29.19 -9.76 21.22
C ALA D 119 -29.15 -11.17 20.65
N GLN D 120 -30.22 -11.95 20.86
CA GLN D 120 -30.28 -13.30 20.30
C GLN D 120 -30.26 -13.26 18.78
N ALA D 121 -31.00 -12.33 18.18
CA ALA D 121 -31.01 -12.23 16.72
C ALA D 121 -29.63 -11.89 16.19
N ILE D 122 -28.90 -11.02 16.89
CA ILE D 122 -27.54 -10.69 16.47
C ILE D 122 -26.62 -11.89 16.64
N LEU D 123 -26.66 -12.53 17.81
CA LEU D 123 -25.67 -13.57 18.10
C LEU D 123 -25.90 -14.86 17.31
N THR D 124 -27.12 -15.10 16.84
CA THR D 124 -27.40 -16.25 15.98
C THR D 124 -27.24 -15.92 14.50
N GLY D 125 -26.97 -14.66 14.17
CA GLY D 125 -26.78 -14.26 12.79
C GLY D 125 -28.03 -13.99 12.01
N GLN D 126 -29.19 -13.86 12.66
CA GLN D 126 -30.39 -13.47 11.95
C GLN D 126 -30.31 -12.03 11.47
N VAL D 127 -29.64 -11.18 12.24
CA VAL D 127 -29.35 -9.81 11.85
C VAL D 127 -27.90 -9.55 12.22
N ARG D 128 -27.33 -8.50 11.65
CA ARG D 128 -25.97 -8.07 12.00
C ARG D 128 -25.97 -7.15 13.20
N ASN D 129 -26.94 -6.23 13.26
CA ASN D 129 -27.00 -5.22 14.30
C ASN D 129 -28.48 -4.91 14.53
N ALA D 130 -28.77 -4.06 15.53
CA ALA D 130 -30.16 -3.83 15.86
C ALA D 130 -30.33 -2.59 16.72
N VAL D 131 -31.55 -2.07 16.72
CA VAL D 131 -31.96 -0.92 17.53
CA VAL D 131 -31.93 -0.93 17.54
C VAL D 131 -33.17 -1.31 18.35
N ALA D 132 -33.19 -0.88 19.61
CA ALA D 132 -34.28 -1.18 20.53
C ALA D 132 -34.88 0.13 21.03
N ILE D 133 -36.11 0.41 20.60
CA ILE D 133 -36.82 1.64 20.98
C ILE D 133 -37.70 1.26 22.18
N VAL D 134 -37.11 1.39 23.39
CA VAL D 134 -37.70 0.83 24.61
C VAL D 134 -37.75 1.87 25.72
N ARG D 135 -38.71 1.70 26.62
CA ARG D 135 -38.79 2.39 27.90
C ARG D 135 -39.60 1.52 28.84
N PRO D 136 -39.46 1.70 30.17
CA PRO D 136 -38.57 2.62 30.87
C PRO D 136 -37.10 2.28 30.66
N PRO D 137 -36.22 3.27 30.87
CA PRO D 137 -34.78 3.05 30.70
C PRO D 137 -34.19 2.20 31.81
N GLY D 138 -32.89 1.95 31.76
CA GLY D 138 -32.28 0.99 32.66
C GLY D 138 -31.01 1.34 33.41
N HIS D 139 -30.20 2.31 32.95
CA HIS D 139 -28.79 2.30 33.38
C HIS D 139 -28.56 2.74 34.82
N HIS D 140 -29.53 3.41 35.46
CA HIS D 140 -29.39 3.75 36.88
C HIS D 140 -29.84 2.64 37.81
N ALA D 141 -30.51 1.60 37.29
CA ALA D 141 -31.02 0.55 38.16
C ALA D 141 -29.86 -0.29 38.68
N GLU D 142 -29.85 -0.51 39.99
CA GLU D 142 -28.82 -1.27 40.68
C GLU D 142 -29.32 -2.68 40.93
N LYS D 143 -28.42 -3.55 41.38
CA LYS D 143 -28.83 -4.91 41.74
C LYS D 143 -30.05 -4.90 42.65
N ASP D 144 -30.08 -3.98 43.62
CA ASP D 144 -31.07 -4.03 44.70
C ASP D 144 -32.02 -2.85 44.73
N THR D 145 -31.99 -1.96 43.73
CA THR D 145 -32.88 -0.81 43.83
C THR D 145 -33.15 -0.17 42.47
N ALA D 146 -34.29 0.51 42.39
CA ALA D 146 -34.67 1.34 41.25
C ALA D 146 -34.13 2.76 41.46
N CYS D 147 -33.92 3.47 40.37
CA CYS D 147 -33.36 4.81 40.49
C CYS D 147 -33.51 5.53 39.16
N GLY D 148 -33.77 6.84 39.21
CA GLY D 148 -33.63 7.69 38.04
C GLY D 148 -34.36 7.21 36.82
N PHE D 149 -35.65 6.89 36.99
CA PHE D 149 -36.58 6.45 35.95
C PHE D 149 -36.37 4.99 35.55
N CYS D 150 -35.46 4.26 36.19
CA CYS D 150 -35.06 2.92 35.76
C CYS D 150 -35.43 1.90 36.82
N PHE D 151 -36.01 0.79 36.38
CA PHE D 151 -36.41 -0.28 37.29
C PHE D 151 -35.47 -1.46 37.26
N PHE D 152 -35.15 -1.96 36.06
CA PHE D 152 -34.21 -3.05 35.88
C PHE D 152 -33.17 -2.60 34.86
N ASN D 153 -31.95 -3.10 35.00
CA ASN D 153 -30.86 -2.59 34.17
C ASN D 153 -30.84 -3.37 32.86
N THR D 154 -31.62 -2.88 31.91
CA THR D 154 -31.80 -3.56 30.62
C THR D 154 -30.46 -3.88 29.94
N ALA D 155 -29.55 -2.90 29.88
CA ALA D 155 -28.28 -3.14 29.20
C ALA D 155 -27.46 -4.20 29.93
N ALA D 156 -27.37 -4.09 31.26
CA ALA D 156 -26.63 -5.06 32.04
C ALA D 156 -27.22 -6.46 31.90
N LEU D 157 -28.55 -6.56 31.96
CA LEU D 157 -29.22 -7.85 31.79
C LEU D 157 -28.95 -8.42 30.41
N THR D 158 -28.94 -7.58 29.39
CA THR D 158 -28.69 -8.05 28.03
C THR D 158 -27.28 -8.62 27.89
N ALA D 159 -26.30 -7.99 28.54
CA ALA D 159 -24.94 -8.54 28.54
C ALA D 159 -24.90 -9.94 29.17
N ARG D 160 -25.55 -10.11 30.33
CA ARG D 160 -25.59 -11.43 30.96
C ARG D 160 -26.42 -12.41 30.14
N TYR D 161 -27.53 -11.95 29.56
CA TYR D 161 -28.31 -12.82 28.70
C TYR D 161 -27.48 -13.31 27.52
N ALA D 162 -26.74 -12.40 26.88
CA ALA D 162 -25.87 -12.79 25.78
C ALA D 162 -24.86 -13.84 26.19
N GLN D 163 -24.24 -13.67 27.37
CA GLN D 163 -23.31 -14.65 27.89
C GLN D 163 -24.00 -15.99 28.11
N SER D 164 -25.26 -15.97 28.53
CA SER D 164 -25.97 -17.22 28.79
C SER D 164 -26.26 -18.04 27.55
N ILE D 165 -26.32 -17.42 26.36
CA ILE D 165 -26.61 -18.13 25.13
C ILE D 165 -25.38 -18.33 24.26
N THR D 166 -24.21 -17.93 24.75
CA THR D 166 -22.96 -18.17 24.05
C THR D 166 -21.98 -18.87 24.97
N ARG D 167 -21.23 -18.11 25.74
CA ARG D 167 -20.39 -18.64 26.81
C ARG D 167 -20.30 -17.56 27.89
N GLU D 168 -20.09 -18.01 29.13
CA GLU D 168 -20.09 -17.10 30.27
C GLU D 168 -19.09 -15.97 30.11
N SER D 169 -17.96 -16.23 29.44
CA SER D 169 -16.89 -15.25 29.31
C SER D 169 -16.96 -14.43 28.02
N LEU D 170 -18.09 -14.45 27.31
CA LEU D 170 -18.23 -13.65 26.10
C LEU D 170 -17.88 -12.19 26.42
N ARG D 171 -17.01 -11.61 25.61
CA ARG D 171 -16.56 -10.23 25.84
C ARG D 171 -17.62 -9.26 25.34
N VAL D 172 -18.23 -8.53 26.26
CA VAL D 172 -19.27 -7.56 25.93
C VAL D 172 -18.76 -6.17 26.29
N LEU D 173 -18.79 -5.27 25.33
CA LEU D 173 -18.56 -3.85 25.57
C LEU D 173 -19.90 -3.15 25.73
N ILE D 174 -20.05 -2.39 26.80
CA ILE D 174 -21.18 -1.49 26.97
C ILE D 174 -20.64 -0.07 26.87
N VAL D 175 -21.05 0.66 25.84
CA VAL D 175 -20.75 2.08 25.70
C VAL D 175 -22.00 2.84 26.10
N ASP D 176 -21.87 3.72 27.09
CA ASP D 176 -23.02 4.43 27.65
C ASP D 176 -22.81 5.91 27.33
N TRP D 177 -23.50 6.41 26.31
CA TRP D 177 -23.37 7.81 25.92
C TRP D 177 -24.54 8.67 26.36
N ASP D 178 -25.47 8.11 27.14
CA ASP D 178 -26.40 8.94 27.88
C ASP D 178 -25.62 10.00 28.66
N VAL D 179 -26.18 11.20 28.80
CA VAL D 179 -25.46 12.29 29.46
C VAL D 179 -25.20 12.00 30.93
N HIS D 180 -25.94 11.07 31.53
CA HIS D 180 -25.76 10.72 32.94
C HIS D 180 -24.94 9.45 33.08
N HIS D 181 -24.23 9.36 34.20
CA HIS D 181 -23.48 8.15 34.52
C HIS D 181 -24.43 7.00 34.76
N GLY D 182 -24.13 5.84 34.15
CA GLY D 182 -24.89 4.63 34.43
C GLY D 182 -24.38 3.95 35.68
N ASN D 183 -24.73 4.51 36.85
CA ASN D 183 -24.21 4.00 38.11
C ASN D 183 -24.50 2.52 38.29
N GLY D 184 -25.67 2.07 37.85
CA GLY D 184 -26.04 0.68 38.05
C GLY D 184 -25.21 -0.26 37.19
N THR D 185 -24.98 0.12 35.93
CA THR D 185 -24.16 -0.71 35.06
C THR D 185 -22.73 -0.81 35.59
N GLN D 186 -22.16 0.33 36.00
CA GLN D 186 -20.82 0.30 36.60
C GLN D 186 -20.77 -0.66 37.78
N HIS D 187 -21.72 -0.55 38.70
CA HIS D 187 -21.66 -1.37 39.90
C HIS D 187 -21.87 -2.84 39.61
N ILE D 188 -22.79 -3.17 38.68
CA ILE D 188 -23.05 -4.58 38.37
C ILE D 188 -21.80 -5.26 37.84
N PHE D 189 -20.98 -4.54 37.07
CA PHE D 189 -19.83 -5.14 36.40
C PHE D 189 -18.50 -4.72 37.01
N GLU D 190 -18.50 -4.09 38.19
CA GLU D 190 -17.31 -3.43 38.68
C GLU D 190 -16.16 -4.41 38.90
N GLU D 191 -16.44 -5.66 39.26
CA GLU D 191 -15.43 -6.66 39.51
C GLU D 191 -15.26 -7.64 38.36
N ASP D 192 -15.77 -7.30 37.18
CA ASP D 192 -15.89 -8.24 36.07
C ASP D 192 -15.02 -7.77 34.92
N ASP D 193 -14.16 -8.65 34.41
CA ASP D 193 -13.33 -8.35 33.25
C ASP D 193 -13.91 -8.88 31.94
N SER D 194 -15.10 -9.50 31.97
CA SER D 194 -15.76 -9.94 30.74
C SER D 194 -16.69 -8.87 30.16
N VAL D 195 -17.05 -7.86 30.93
CA VAL D 195 -17.90 -6.76 30.47
C VAL D 195 -17.13 -5.47 30.70
N LEU D 196 -16.71 -4.84 29.62
CA LEU D 196 -16.04 -3.55 29.68
C LEU D 196 -17.10 -2.46 29.63
N TYR D 197 -17.15 -1.62 30.66
CA TYR D 197 -18.12 -0.53 30.73
C TYR D 197 -17.40 0.79 30.47
N ILE D 198 -17.82 1.50 29.44
CA ILE D 198 -17.28 2.83 29.13
C ILE D 198 -18.43 3.83 29.13
N SER D 199 -18.37 4.81 30.02
CA SER D 199 -19.41 5.83 30.14
C SER D 199 -18.81 7.21 29.89
N LEU D 200 -19.47 7.98 29.05
CA LEU D 200 -19.21 9.40 28.93
C LEU D 200 -20.37 10.12 29.60
N HIS D 201 -20.08 11.11 30.42
CA HIS D 201 -21.20 11.71 31.16
C HIS D 201 -20.83 13.07 31.71
N ARG D 202 -21.84 13.93 31.78
CA ARG D 202 -21.72 15.17 32.52
C ARG D 202 -21.55 14.85 34.00
N TYR D 203 -20.53 15.43 34.62
CA TYR D 203 -20.13 15.09 35.98
C TYR D 203 -20.17 16.30 36.89
N GLU D 204 -19.54 17.41 36.49
CA GLU D 204 -19.54 18.65 37.24
C GLU D 204 -19.06 18.43 38.67
N ASP D 205 -17.92 17.75 38.78
CA ASP D 205 -17.30 17.47 40.08
C ASP D 205 -18.28 16.80 41.04
N GLY D 206 -19.16 15.95 40.51
CA GLY D 206 -20.10 15.23 41.33
C GLY D 206 -21.42 15.92 41.58
N ALA D 207 -21.64 17.10 41.01
CA ALA D 207 -22.87 17.85 41.29
C ALA D 207 -24.05 17.45 40.42
N PHE D 208 -23.83 16.76 39.30
CA PHE D 208 -24.86 16.42 38.35
C PHE D 208 -25.38 15.01 38.66
N PHE D 209 -26.67 14.79 38.41
CA PHE D 209 -27.28 13.49 38.71
C PHE D 209 -26.50 12.38 38.02
N PRO D 210 -26.24 11.24 38.69
CA PRO D 210 -26.77 10.84 40.00
C PRO D 210 -25.96 11.28 41.23
N ASN D 211 -25.09 12.29 41.10
CA ASN D 211 -24.57 13.04 42.25
C ASN D 211 -23.57 12.24 43.09
N SER D 212 -22.80 11.36 42.46
CA SER D 212 -21.88 10.50 43.18
C SER D 212 -20.49 10.55 42.57
N GLU D 213 -19.47 10.56 43.42
CA GLU D 213 -18.10 10.49 42.93
C GLU D 213 -17.74 9.14 42.33
N ASP D 214 -18.64 8.15 42.42
CA ASP D 214 -18.44 6.90 41.70
C ASP D 214 -18.24 7.13 40.22
N ALA D 215 -18.73 8.25 39.69
CA ALA D 215 -18.66 8.55 38.27
C ALA D 215 -17.34 9.20 37.86
N ASN D 216 -16.41 9.40 38.79
CA ASN D 216 -15.16 10.07 38.42
C ASN D 216 -14.20 9.13 37.69
N TYR D 217 -13.20 9.73 37.04
CA TYR D 217 -12.27 8.99 36.19
C TYR D 217 -11.40 8.00 36.95
N ASP D 218 -11.22 8.20 38.26
CA ASP D 218 -10.35 7.33 39.04
C ASP D 218 -11.04 6.04 39.46
N LYS D 219 -12.31 5.84 39.11
CA LYS D 219 -12.99 4.58 39.40
C LYS D 219 -12.78 3.67 38.20
N VAL D 220 -11.75 2.82 38.29
CA VAL D 220 -11.27 2.05 37.16
C VAL D 220 -11.72 0.59 37.20
N GLY D 221 -12.49 0.20 38.21
CA GLY D 221 -12.85 -1.18 38.43
C GLY D 221 -12.16 -1.75 39.66
N LEU D 222 -12.61 -2.94 40.06
CA LEU D 222 -12.16 -3.59 41.29
C LEU D 222 -11.72 -5.01 40.99
N GLY D 223 -10.67 -5.46 41.69
CA GLY D 223 -10.27 -6.85 41.55
C GLY D 223 -9.81 -7.15 40.15
N LYS D 224 -10.23 -8.31 39.63
CA LYS D 224 -9.92 -8.63 38.24
C LYS D 224 -10.59 -7.66 37.26
N GLY D 225 -11.55 -6.86 37.72
CA GLY D 225 -12.16 -5.83 36.93
C GLY D 225 -11.36 -4.54 36.79
N ARG D 226 -10.19 -4.44 37.42
CA ARG D 226 -9.40 -3.21 37.30
C ARG D 226 -9.01 -2.98 35.85
N GLY D 227 -9.36 -1.79 35.34
CA GLY D 227 -9.17 -1.44 33.95
C GLY D 227 -10.42 -1.59 33.10
N TYR D 228 -11.44 -2.29 33.59
CA TYR D 228 -12.61 -2.62 32.79
C TYR D 228 -13.80 -1.72 33.11
N ASN D 229 -13.55 -0.61 33.80
CA ASN D 229 -14.55 0.43 34.02
C ASN D 229 -13.90 1.75 33.65
N VAL D 230 -14.41 2.40 32.60
CA VAL D 230 -13.82 3.62 32.07
C VAL D 230 -14.84 4.74 32.16
N ASN D 231 -14.63 5.66 33.09
CA ASN D 231 -15.50 6.83 33.25
C ASN D 231 -14.83 8.04 32.59
N ILE D 232 -15.57 8.69 31.69
CA ILE D 232 -15.11 9.90 31.01
C ILE D 232 -16.00 11.03 31.49
N PRO D 233 -15.59 11.75 32.54
CA PRO D 233 -16.48 12.73 33.15
C PRO D 233 -16.24 14.13 32.62
N TRP D 234 -17.30 14.80 32.20
CA TRP D 234 -17.19 16.17 31.72
C TRP D 234 -17.52 17.18 32.80
N ASN D 235 -16.75 18.26 32.85
CA ASN D 235 -16.92 19.33 33.83
C ASN D 235 -16.83 20.68 33.13
N GLY D 236 -17.69 21.62 33.53
CA GLY D 236 -17.50 23.03 33.19
C GLY D 236 -17.39 23.32 31.70
N GLY D 237 -18.37 22.86 30.94
CA GLY D 237 -18.38 23.10 29.51
C GLY D 237 -19.58 22.49 28.81
N LYS D 238 -20.08 23.19 27.78
CA LYS D 238 -21.22 22.70 27.00
C LYS D 238 -20.65 21.79 25.92
N MET D 239 -20.52 20.50 26.24
CA MET D 239 -19.82 19.58 25.36
C MET D 239 -20.68 19.21 24.16
N GLY D 240 -20.01 18.93 23.05
CA GLY D 240 -20.70 18.58 21.82
C GLY D 240 -19.90 17.62 20.97
N ASP D 241 -20.18 17.63 19.66
CA ASP D 241 -19.50 16.72 18.74
C ASP D 241 -17.98 16.72 18.88
N PRO D 242 -17.29 17.87 18.92
CA PRO D 242 -15.81 17.80 19.00
C PRO D 242 -15.32 16.99 20.19
N GLU D 243 -15.90 17.21 21.36
CA GLU D 243 -15.44 16.54 22.57
C GLU D 243 -15.77 15.06 22.54
N TYR D 244 -16.96 14.69 22.06
CA TYR D 244 -17.32 13.28 21.99
C TYR D 244 -16.49 12.54 20.95
N MET D 245 -16.26 13.15 19.79
CA MET D 245 -15.43 12.52 18.78
C MET D 245 -13.99 12.37 19.26
N ALA D 246 -13.48 13.35 19.99
CA ALA D 246 -12.14 13.23 20.54
C ALA D 246 -12.07 12.16 21.62
N ALA D 247 -13.09 12.05 22.46
CA ALA D 247 -13.10 10.99 23.47
C ALA D 247 -13.08 9.63 22.81
N PHE D 248 -13.78 9.48 21.68
CA PHE D 248 -13.75 8.20 20.97
C PHE D 248 -12.37 7.94 20.37
N HIS D 249 -11.75 8.99 19.81
CA HIS D 249 -10.46 8.83 19.15
C HIS D 249 -9.36 8.45 20.15
N HIS D 250 -9.31 9.13 21.30
CA HIS D 250 -8.23 8.94 22.26
C HIS D 250 -8.50 7.82 23.26
N LEU D 251 -9.77 7.51 23.56
CA LEU D 251 -10.07 6.59 24.64
C LEU D 251 -10.97 5.43 24.23
N VAL D 252 -12.20 5.72 23.81
CA VAL D 252 -13.18 4.65 23.60
C VAL D 252 -12.68 3.64 22.58
N MET D 253 -12.25 4.13 21.41
CA MET D 253 -11.86 3.21 20.35
C MET D 253 -10.54 2.50 20.61
N PRO D 254 -9.48 3.16 21.08
CA PRO D 254 -8.26 2.39 21.40
C PRO D 254 -8.47 1.31 22.46
N ILE D 255 -9.22 1.62 23.51
CA ILE D 255 -9.50 0.63 24.55
C ILE D 255 -10.38 -0.48 24.00
N ALA D 256 -11.46 -0.11 23.29
CA ALA D 256 -12.37 -1.12 22.78
C ALA D 256 -11.69 -2.06 21.80
N ARG D 257 -10.82 -1.53 20.94
CA ARG D 257 -10.12 -2.39 19.98
CA ARG D 257 -10.14 -2.41 19.99
C ARG D 257 -9.21 -3.39 20.69
N GLU D 258 -8.56 -2.94 21.78
CA GLU D 258 -7.69 -3.85 22.52
C GLU D 258 -8.48 -4.90 23.27
N PHE D 259 -9.66 -4.52 23.79
CA PHE D 259 -10.57 -5.46 24.44
C PHE D 259 -11.12 -6.48 23.46
N ALA D 260 -11.33 -6.09 22.20
CA ALA D 260 -11.82 -6.97 21.15
C ALA D 260 -13.16 -7.58 21.53
N PRO D 261 -14.20 -6.76 21.72
CA PRO D 261 -15.48 -7.32 22.17
C PRO D 261 -16.08 -8.21 21.10
N GLU D 262 -16.90 -9.15 21.56
CA GLU D 262 -17.68 -9.99 20.68
C GLU D 262 -19.11 -9.50 20.51
N LEU D 263 -19.52 -8.51 21.30
CA LEU D 263 -20.82 -7.87 21.19
C LEU D 263 -20.68 -6.48 21.78
N VAL D 264 -21.27 -5.49 21.12
CA VAL D 264 -21.29 -4.11 21.59
C VAL D 264 -22.73 -3.75 21.92
N LEU D 265 -22.97 -3.32 23.15
CA LEU D 265 -24.26 -2.78 23.56
C LEU D 265 -24.05 -1.29 23.78
N VAL D 266 -24.96 -0.48 23.26
CA VAL D 266 -24.93 0.96 23.50
C VAL D 266 -26.07 1.30 24.43
N SER D 267 -25.75 1.82 25.61
CA SER D 267 -26.74 2.53 26.42
C SER D 267 -26.88 3.90 25.80
N ALA D 268 -27.83 4.00 24.87
CA ALA D 268 -27.95 5.14 23.96
C ALA D 268 -29.05 6.05 24.49
N GLY D 269 -28.70 6.83 25.52
CA GLY D 269 -29.49 7.99 25.84
C GLY D 269 -29.17 9.11 24.86
N PHE D 270 -30.18 9.91 24.55
CA PHE D 270 -30.00 11.06 23.68
C PHE D 270 -30.22 12.37 24.42
N ASP D 271 -29.93 12.39 25.72
CA ASP D 271 -30.03 13.59 26.53
C ASP D 271 -28.79 14.46 26.52
N ALA D 272 -27.70 14.03 25.86
CA ALA D 272 -26.62 14.96 25.53
C ALA D 272 -26.88 15.74 24.25
N ALA D 273 -28.05 15.55 23.65
CA ALA D 273 -28.36 16.13 22.36
C ALA D 273 -28.62 17.63 22.47
N ARG D 274 -28.21 18.35 21.43
CA ARG D 274 -28.67 19.71 21.25
C ARG D 274 -30.19 19.76 21.35
N GLY D 275 -30.69 20.67 22.18
CA GLY D 275 -32.11 20.82 22.41
C GLY D 275 -32.67 20.06 23.60
N ASP D 276 -31.92 19.16 24.20
CA ASP D 276 -32.47 18.44 25.34
C ASP D 276 -32.82 19.42 26.45
N PRO D 277 -33.96 19.25 27.12
CA PRO D 277 -34.35 20.23 28.15
C PRO D 277 -33.56 20.12 29.45
N LEU D 278 -32.77 19.07 29.66
CA LEU D 278 -32.04 18.94 30.92
C LEU D 278 -30.57 18.55 30.81
N GLY D 279 -30.10 18.05 29.66
CA GLY D 279 -28.73 17.57 29.58
C GLY D 279 -27.69 18.68 29.55
N GLY D 280 -28.01 19.80 28.90
CA GLY D 280 -27.10 20.94 28.84
C GLY D 280 -26.01 20.86 27.81
N PHE D 281 -26.00 19.84 26.95
CA PHE D 281 -24.96 19.61 25.96
C PHE D 281 -25.51 19.84 24.56
N GLN D 282 -24.68 19.59 23.55
CA GLN D 282 -25.04 19.98 22.18
C GLN D 282 -24.55 18.98 21.14
N VAL D 283 -24.55 17.69 21.47
CA VAL D 283 -24.25 16.67 20.46
C VAL D 283 -25.34 16.69 19.40
N THR D 284 -24.93 16.65 18.13
CA THR D 284 -25.88 16.73 17.02
C THR D 284 -26.26 15.33 16.54
N PRO D 285 -27.33 15.20 15.74
CA PRO D 285 -27.64 13.87 15.19
C PRO D 285 -26.51 13.30 14.36
N GLU D 286 -25.81 14.15 13.60
CA GLU D 286 -24.65 13.71 12.85
C GLU D 286 -23.55 13.23 13.80
N GLY D 287 -23.41 13.86 14.97
CA GLY D 287 -22.46 13.38 15.95
C GLY D 287 -22.78 11.97 16.43
N TYR D 288 -24.03 11.71 16.76
CA TYR D 288 -24.41 10.36 17.17
C TYR D 288 -24.20 9.37 16.03
N ALA D 289 -24.49 9.79 14.80
CA ALA D 289 -24.20 8.94 13.64
C ALA D 289 -22.73 8.58 13.57
N HIS D 290 -21.87 9.57 13.78
CA HIS D 290 -20.43 9.33 13.75
C HIS D 290 -20.03 8.31 14.81
N LEU D 291 -20.55 8.47 16.03
CA LEU D 291 -20.23 7.54 17.10
C LEU D 291 -20.71 6.13 16.78
N THR D 292 -21.93 6.00 16.26
CA THR D 292 -22.44 4.67 15.88
C THR D 292 -21.54 4.03 14.83
N HIS D 293 -21.16 4.80 13.81
CA HIS D 293 -20.35 4.25 12.74
C HIS D 293 -18.99 3.79 13.25
N GLN D 294 -18.42 4.51 14.22
CA GLN D 294 -17.18 4.06 14.86
C GLN D 294 -17.37 2.71 15.54
N LEU D 295 -18.44 2.56 16.32
CA LEU D 295 -18.66 1.31 17.05
C LEU D 295 -18.91 0.14 16.12
N MET D 296 -19.46 0.41 14.93
CA MET D 296 -19.70 -0.64 13.94
C MET D 296 -18.41 -1.31 13.46
N SER D 297 -17.25 -0.70 13.69
CA SER D 297 -15.98 -1.31 13.32
C SER D 297 -15.53 -2.36 14.33
N LEU D 298 -16.29 -2.58 15.39
CA LEU D 298 -15.98 -3.53 16.43
C LEU D 298 -16.89 -4.74 16.33
N ALA D 299 -16.43 -5.85 16.90
CA ALA D 299 -17.25 -7.04 17.11
C ALA D 299 -17.87 -7.55 15.82
N ALA D 300 -17.15 -7.41 14.70
CA ALA D 300 -17.67 -7.80 13.39
C ALA D 300 -19.01 -7.14 13.09
N GLY D 301 -19.20 -5.93 13.61
CA GLY D 301 -20.41 -5.16 13.40
C GLY D 301 -21.57 -5.50 14.31
N ARG D 302 -21.38 -6.36 15.31
CA ARG D 302 -22.48 -6.81 16.17
C ARG D 302 -22.74 -5.77 17.25
N VAL D 303 -23.65 -4.85 16.94
CA VAL D 303 -23.96 -3.69 17.76
C VAL D 303 -25.46 -3.64 18.01
N LEU D 304 -25.85 -3.47 19.28
CA LEU D 304 -27.23 -3.27 19.68
C LEU D 304 -27.35 -1.92 20.36
N ILE D 305 -28.18 -1.04 19.79
N ILE D 305 -28.20 -1.04 19.82
CA ILE D 305 -28.42 0.31 20.30
CA ILE D 305 -28.40 0.32 20.32
C ILE D 305 -29.67 0.25 21.17
C ILE D 305 -29.67 0.33 21.15
N ILE D 306 -29.54 0.57 22.46
CA ILE D 306 -30.66 0.49 23.41
C ILE D 306 -31.01 1.89 23.91
N LEU D 307 -32.25 2.32 23.70
CA LEU D 307 -32.65 3.64 24.17
C LEU D 307 -32.54 3.74 25.69
N GLU D 308 -31.91 4.82 26.16
CA GLU D 308 -31.93 5.17 27.58
C GLU D 308 -32.71 6.46 27.77
N GLY D 309 -32.04 7.57 28.10
CA GLY D 309 -32.69 8.85 28.28
C GLY D 309 -32.76 9.67 26.99
N GLY D 310 -33.01 10.98 27.18
CA GLY D 310 -33.26 11.87 26.06
C GLY D 310 -34.70 12.32 26.04
N TYR D 311 -34.93 13.64 26.08
CA TYR D 311 -36.24 14.18 26.43
C TYR D 311 -36.78 15.22 25.47
N ASN D 312 -36.02 15.68 24.50
CA ASN D 312 -36.55 16.53 23.45
C ASN D 312 -37.05 15.58 22.36
N LEU D 313 -38.36 15.57 22.14
CA LEU D 313 -38.95 14.56 21.26
C LEU D 313 -38.39 14.66 19.85
N THR D 314 -38.15 15.88 19.37
CA THR D 314 -37.55 16.02 18.05
C THR D 314 -36.08 15.59 18.06
N SER D 315 -35.32 16.01 19.07
CA SER D 315 -33.90 15.68 19.14
C SER D 315 -33.68 14.17 19.20
N ILE D 316 -34.44 13.48 20.06
CA ILE D 316 -34.22 12.03 20.20
C ILE D 316 -34.67 11.29 18.95
N SER D 317 -35.73 11.77 18.30
CA SER D 317 -36.21 11.09 17.09
C SER D 317 -35.21 11.21 15.96
N GLU D 318 -34.65 12.42 15.76
CA GLU D 318 -33.64 12.61 14.73
C GLU D 318 -32.36 11.86 15.06
N SER D 319 -31.94 11.92 16.32
CA SER D 319 -30.67 11.33 16.70
C SER D 319 -30.73 9.81 16.61
N MET D 320 -31.76 9.18 17.17
CA MET D 320 -31.80 7.73 17.12
C MET D 320 -31.99 7.23 15.69
N SER D 321 -32.78 7.95 14.88
CA SER D 321 -32.97 7.56 13.48
CA SER D 321 -32.95 7.52 13.50
C SER D 321 -31.65 7.62 12.72
N MET D 322 -30.81 8.62 13.01
CA MET D 322 -29.52 8.70 12.35
C MET D 322 -28.63 7.53 12.75
N CYS D 323 -28.74 7.06 13.99
CA CYS D 323 -28.00 5.87 14.39
C CYS D 323 -28.45 4.66 13.59
N THR D 324 -29.77 4.47 13.45
CA THR D 324 -30.28 3.36 12.65
C THR D 324 -29.82 3.45 11.20
N SER D 325 -29.82 4.66 10.63
CA SER D 325 -29.31 4.85 9.28
C SER D 325 -27.87 4.35 9.14
N MET D 326 -27.04 4.62 10.16
CA MET D 326 -25.67 4.11 10.15
C MET D 326 -25.65 2.59 10.20
N LEU D 327 -26.44 1.99 11.10
CA LEU D 327 -26.50 0.54 11.20
C LEU D 327 -26.88 -0.09 9.87
N LEU D 328 -27.76 0.55 9.12
CA LEU D 328 -28.21 0.06 7.83
C LEU D 328 -27.17 0.21 6.74
N GLY D 329 -26.05 0.89 7.01
CA GLY D 329 -24.98 1.01 6.06
C GLY D 329 -24.90 2.32 5.32
N ASP D 330 -25.70 3.31 5.69
CA ASP D 330 -25.65 4.59 4.99
C ASP D 330 -24.34 5.32 5.31
N SER D 331 -23.90 6.14 4.37
CA SER D 331 -22.61 6.81 4.50
C SER D 331 -22.63 7.77 5.69
N PRO D 332 -21.58 7.78 6.51
CA PRO D 332 -21.58 8.65 7.69
C PRO D 332 -21.45 10.11 7.28
N PRO D 333 -22.03 11.03 8.05
CA PRO D 333 -21.92 12.45 7.74
C PRO D 333 -20.54 13.00 8.09
N SER D 334 -20.07 13.93 7.27
CA SER D 334 -18.78 14.54 7.48
C SER D 334 -18.89 15.65 8.52
N LEU D 335 -17.97 15.64 9.48
CA LEU D 335 -17.99 16.59 10.59
C LEU D 335 -16.64 17.31 10.67
N ASP D 336 -16.59 18.35 11.49
CA ASP D 336 -15.39 19.16 11.65
C ASP D 336 -14.52 18.51 12.71
N HIS D 337 -13.46 17.84 12.29
CA HIS D 337 -12.49 17.23 13.19
C HIS D 337 -11.38 18.18 13.59
N LEU D 338 -11.38 19.40 13.05
CA LEU D 338 -10.37 20.40 13.37
C LEU D 338 -10.83 21.40 14.43
N THR D 339 -12.05 21.28 14.92
CA THR D 339 -12.55 22.21 15.93
C THR D 339 -11.81 21.97 17.24
N PRO D 340 -11.13 22.96 17.81
CA PRO D 340 -10.45 22.75 19.10
C PRO D 340 -11.45 22.40 20.18
N LEU D 341 -11.04 21.53 21.09
CA LEU D 341 -11.90 21.11 22.18
C LEU D 341 -11.95 22.19 23.26
N LYS D 342 -13.04 22.21 24.00
CA LYS D 342 -13.06 23.00 25.23
C LYS D 342 -11.96 22.52 26.16
N THR D 343 -11.30 23.47 26.82
CA THR D 343 -10.12 23.15 27.63
C THR D 343 -10.42 22.08 28.66
N SER D 344 -11.57 22.16 29.32
CA SER D 344 -11.87 21.18 30.36
C SER D 344 -12.06 19.78 29.78
N ALA D 345 -12.45 19.68 28.51
CA ALA D 345 -12.60 18.36 27.90
C ALA D 345 -11.24 17.72 27.67
N THR D 346 -10.25 18.52 27.25
CA THR D 346 -8.89 18.00 27.16
C THR D 346 -8.39 17.55 28.52
N VAL D 347 -8.67 18.34 29.57
CA VAL D 347 -8.29 17.96 30.93
C VAL D 347 -8.92 16.62 31.31
N SER D 348 -10.22 16.47 31.05
CA SER D 348 -10.91 15.22 31.36
C SER D 348 -10.29 14.04 30.62
N ILE D 349 -10.12 14.17 29.31
CA ILE D 349 -9.56 13.08 28.52
C ILE D 349 -8.20 12.68 29.04
N ASN D 350 -7.34 13.67 29.33
CA ASN D 350 -6.01 13.35 29.83
C ASN D 350 -6.05 12.70 31.21
N ASN D 351 -7.01 13.09 32.06
CA ASN D 351 -7.16 12.41 33.35
C ASN D 351 -7.52 10.95 33.17
N VAL D 352 -8.45 10.64 32.25
CA VAL D 352 -8.81 9.26 31.99
C VAL D 352 -7.63 8.50 31.42
N LEU D 353 -6.89 9.12 30.48
CA LEU D 353 -5.72 8.47 29.91
C LEU D 353 -4.71 8.09 30.98
N ARG D 354 -4.44 9.00 31.92
CA ARG D 354 -3.50 8.68 32.98
C ARG D 354 -4.01 7.56 33.88
N ALA D 355 -5.32 7.53 34.12
CA ALA D 355 -5.87 6.50 35.01
C ALA D 355 -5.84 5.13 34.37
N HIS D 356 -6.00 5.05 33.04
CA HIS D 356 -6.15 3.77 32.36
C HIS D 356 -4.91 3.31 31.60
N ALA D 357 -3.92 4.18 31.42
CA ALA D 357 -2.65 3.76 30.83
C ALA D 357 -2.06 2.51 31.49
N PRO D 358 -2.11 2.33 32.81
CA PRO D 358 -1.53 1.10 33.38
C PRO D 358 -2.21 -0.18 32.92
N PHE D 359 -3.43 -0.11 32.41
CA PHE D 359 -4.20 -1.29 32.10
C PHE D 359 -4.34 -1.60 30.62
N TRP D 360 -3.99 -0.65 29.74
CA TRP D 360 -4.24 -0.81 28.31
C TRP D 360 -2.99 -0.37 27.56
N SER D 361 -2.30 -1.34 26.93
CA SER D 361 -1.07 -1.04 26.22
C SER D 361 -1.30 -0.05 25.09
N SER D 362 -2.52 0.02 24.56
CA SER D 362 -2.82 0.97 23.49
C SER D 362 -2.76 2.41 23.96
N LEU D 363 -2.77 2.65 25.27
CA LEU D 363 -2.64 3.98 25.83
C LEU D 363 -1.22 4.27 26.31
N ARG D 364 -0.27 3.36 26.04
CA ARG D 364 1.13 3.55 26.45
C ARG D 364 2.04 3.68 25.24
C10 A1A6L E . 18.29 35.09 4.76
C13 A1A6L E . 18.82 36.51 5.09
C15 A1A6L E . 18.60 37.22 2.67
C20 A1A6L E . 19.82 41.84 2.53
C21 A1A6L E . 20.52 43.08 2.59
C22 A1A6L E . 19.79 44.28 2.63
C24 A1A6L E . 17.70 43.04 2.54
C26 A1A6L E . 17.19 38.40 4.36
C28 A1A6L E . 16.65 38.74 5.75
C01 A1A6L E . 18.17 28.28 5.33
C02 A1A6L E . 16.93 28.16 4.48
C05 A1A6L E . 16.73 31.20 3.93
C07 A1A6L E . 17.32 32.57 4.23
C08 A1A6L E . 16.46 33.63 4.26
C09 A1A6L E . 16.92 34.89 4.53
C11 A1A6L E . 19.17 34.04 4.72
C12 A1A6L E . 18.70 32.76 4.46
C16 A1A6L E . 19.25 38.48 2.10
C19 A1A6L E . 20.65 40.56 2.47
C23 A1A6L E . 18.39 44.27 2.62
C25 A1A6L E . 18.42 41.83 2.51
C29 A1A6L E . 17.45 38.92 6.85
C30 A1A6L E . 16.87 39.26 8.08
C31 A1A6L E . 15.51 39.46 8.16
C32 A1A6L E . 14.71 39.30 7.04
C33 A1A6L E . 15.29 38.95 5.81
C35 A1A6L E . 13.43 40.19 9.46
C36 A1A6L E . 15.73 40.02 10.63
N03 A1A6L E . 16.99 28.90 3.22
N04 A1A6L E . 17.60 30.18 3.45
N14 A1A6L E . 18.23 37.40 4.08
N18 A1A6L E . 19.99 39.39 3.01
N34 A1A6L E . 14.89 39.85 9.43
O06 A1A6L E . 15.59 30.94 4.09
O17 A1A6L E . 19.15 38.72 0.91
O27 A1A6L E . 16.77 39.00 3.43
C1 EDO F . 20.48 0.50 1.03
O1 EDO F . 19.66 -0.38 1.73
C2 EDO F . 20.47 0.12 -0.45
O2 EDO F . 19.34 0.66 -1.06
C1 EDO G . 34.52 33.41 10.60
O1 EDO G . 35.07 32.99 9.38
C2 EDO G . 34.94 32.42 11.69
O2 EDO G . 36.31 32.17 11.53
C1 EDO H . 22.79 32.70 25.13
O1 EDO H . 24.07 32.35 24.69
C2 EDO H . 22.05 31.54 25.78
O2 EDO H . 21.97 31.76 27.15
C1 EDO I . 20.29 39.99 14.58
O1 EDO I . 20.63 39.02 13.63
C2 EDO I . 21.56 40.62 15.13
O2 EDO I . 22.59 39.67 14.98
ZN ZN J . 15.20 29.28 2.24
K K K . 16.25 25.06 -3.35
K K L . 26.35 16.04 -7.55
C10 A1A6L M . 27.85 -33.86 -13.02
C13 A1A6L M . 27.40 -35.19 -13.67
C15 A1A6L M . 28.91 -34.81 -15.66
C20 A1A6L M . 28.51 -38.61 -18.51
C21 A1A6L M . 29.74 -38.77 -17.83
C22 A1A6L M . 30.49 -39.95 -18.04
C24 A1A6L M . 28.80 -40.76 -19.58
C26 A1A6L M . 29.39 -36.77 -14.20
C28 A1A6L M . 29.18 -37.74 -13.02
C01 A1A6L M . 26.85 -27.91 -9.66
C02 A1A6L M . 28.35 -27.68 -9.55
C05 A1A6L M . 29.16 -30.21 -11.17
C07 A1A6L M . 28.69 -31.50 -11.84
C08 A1A6L M . 29.48 -32.60 -11.79
C09 A1A6L M . 29.09 -33.80 -12.35
C11 A1A6L M . 27.05 -32.74 -13.10
C12 A1A6L M . 27.43 -31.55 -12.51
C16 A1A6L M . 28.80 -35.57 -16.98
C19 A1A6L M . 27.65 -37.36 -18.35
C23 A1A6L M . 30.02 -40.94 -18.90
C25 A1A6L M . 28.05 -39.59 -19.39
C29 A1A6L M . 27.95 -38.26 -12.68
C30 A1A6L M . 27.85 -39.17 -11.62
C31 A1A6L M . 29.00 -39.55 -10.95
C32 A1A6L M . 30.22 -39.07 -11.31
C33 A1A6L M . 30.33 -38.16 -12.37
C35 A1A6L M . 30.20 -41.00 -9.23
C36 A1A6L M . 27.62 -41.08 -9.44
N03 A1A6L M . 29.07 -27.83 -10.83
N04 A1A6L M . 28.56 -28.98 -11.53
N14 A1A6L M . 28.52 -35.63 -14.50
N18 A1A6L M . 27.78 -36.66 -17.09
N34 A1A6L M . 28.93 -40.53 -9.86
O06 A1A6L M . 30.01 -30.22 -10.35
O17 A1A6L M . 29.52 -35.31 -17.92
O27 A1A6L M . 30.30 -36.95 -14.94
C1 EDO N . 14.50 -44.30 -13.77
O1 EDO N . 15.24 -44.96 -14.75
C2 EDO N . 13.06 -44.20 -14.24
O2 EDO N . 12.24 -43.92 -13.13
C1 EDO O . 21.30 -42.32 -9.08
O1 EDO O . 21.68 -40.98 -9.22
C2 EDO O . 19.89 -42.49 -9.63
O2 EDO O . 19.07 -41.54 -9.00
ZN ZN P . 31.14 -28.04 -10.79
K K Q . 32.70 -21.74 -13.66
K K R . 25.44 -10.48 -18.26
C10 A1A6L S . -24.19 7.01 -13.88
C13 A1A6L S . -24.85 7.85 -12.76
C15 A1A6L S . -22.69 9.11 -12.31
C20 A1A6L S . -23.61 12.22 -8.82
C21 A1A6L S . -23.93 12.85 -7.59
C22 A1A6L S . -24.25 14.22 -7.57
C24 A1A6L S . -23.91 14.34 -9.98
C26 A1A6L S . -24.62 10.43 -13.12
C28 A1A6L S . -26.06 10.69 -13.59
C01 A1A6L S . -23.00 1.17 -17.46
C02 A1A6L S . -22.21 1.97 -18.46
C05 A1A6L S . -22.41 4.78 -17.08
C07 A1A6L S . -23.02 5.56 -15.92
C08 A1A6L S . -23.42 6.84 -16.16
C09 A1A6L S . -24.00 7.58 -15.15
C11 A1A6L S . -23.80 5.72 -13.64
C12 A1A6L S . -23.23 4.98 -14.65
C16 A1A6L S . -22.43 9.90 -11.01
C19 A1A6L S . -23.26 10.74 -8.78
C23 A1A6L S . -24.23 14.96 -8.75
C25 A1A6L S . -23.58 12.96 -10.00
C29 A1A6L S . -27.15 10.15 -12.94
C30 A1A6L S . -28.44 10.47 -13.39
C31 A1A6L S . -28.58 11.31 -14.48
C32 A1A6L S . -27.49 11.86 -15.11
C33 A1A6L S . -26.20 11.54 -14.65
C35 A1A6L S . -31.13 11.15 -14.29
C36 A1A6L S . -30.02 12.69 -16.07
N03 A1A6L S . -21.15 2.78 -17.84
N04 A1A6L S . -21.70 3.55 -16.79
N14 A1A6L S . -24.10 9.12 -12.70
N18 A1A6L S . -23.52 10.03 -10.01
N34 A1A6L S . -29.91 11.68 -14.97
O06 A1A6L S . -22.50 5.12 -18.20
O17 A1A6L S . -21.33 10.39 -10.83
O27 A1A6L S . -23.87 11.34 -13.06
C1 EDO T . -41.23 -0.58 -25.32
O1 EDO T . -41.11 -1.63 -24.39
C2 EDO T . -40.59 0.72 -24.77
O2 EDO T . -41.34 1.24 -23.70
C1 EDO U . -37.25 5.72 -31.45
O1 EDO U . -36.90 4.50 -30.82
C2 EDO U . -37.19 6.87 -30.45
O2 EDO U . -35.92 7.46 -30.48
C1 EDO V . -3.05 20.63 -24.16
O1 EDO V . -4.25 20.18 -23.63
C2 EDO V . -2.58 19.61 -25.19
O2 EDO V . -3.43 19.75 -26.31
C1 EDO W . -32.57 6.10 -11.14
O1 EDO W . -31.49 5.68 -10.35
C2 EDO W . -33.37 7.17 -10.38
O2 EDO W . -34.52 6.56 -9.86
ZN ZN X . -20.36 4.36 -19.13
K K Y . -13.85 1.53 -19.69
K K Z . -7.34 -10.17 -15.03
C10 A1A6L AA . -33.52 12.75 36.55
C13 A1A6L AA . -34.18 13.52 37.72
C15 A1A6L AA . -32.04 14.82 38.18
C20 A1A6L AA . -32.87 17.87 41.78
C21 A1A6L AA . -32.85 18.64 40.59
C22 A1A6L AA . -33.14 20.01 40.66
C24 A1A6L AA . -33.46 19.82 43.07
C26 A1A6L AA . -34.00 16.12 37.44
C28 A1A6L AA . -35.45 16.41 37.01
C01 A1A6L AA . -32.27 7.16 32.65
C02 A1A6L AA . -31.53 8.04 31.66
C05 A1A6L AA . -31.77 10.71 33.20
C07 A1A6L AA . -32.37 11.42 34.41
C08 A1A6L AA . -32.78 12.71 34.24
C09 A1A6L AA . -33.36 13.39 35.30
C11 A1A6L AA . -33.12 11.44 36.71
C12 A1A6L AA . -32.54 10.76 35.66
C16 A1A6L AA . -31.76 15.57 39.49
C19 A1A6L AA . -32.56 16.38 41.77
C23 A1A6L AA . -33.43 20.60 41.89
C25 A1A6L AA . -33.16 18.45 43.01
C29 A1A6L AA . -35.63 17.33 36.00
C30 A1A6L AA . -36.91 17.66 35.58
C31 A1A6L AA . -37.99 17.06 36.19
C32 A1A6L AA . -37.83 16.15 37.20
C33 A1A6L AA . -36.54 15.82 37.63
C35 A1A6L AA . -39.50 18.53 34.71
C36 A1A6L AA . -40.53 16.85 36.40
N03 A1A6L AA . -30.48 8.83 32.30
N04 A1A6L AA . -31.02 9.52 33.43
N14 A1A6L AA . -33.47 14.81 37.83
N18 A1A6L AA . -32.84 15.69 40.51
N34 A1A6L AA . -39.33 17.45 35.74
O06 A1A6L AA . -31.92 11.11 32.11
O17 A1A6L AA . -30.67 16.05 39.66
O27 A1A6L AA . -33.25 17.03 37.54
C1 EDO BA . -52.21 14.69 36.52
O1 EDO BA . -51.65 13.49 36.10
C2 EDO BA . -53.74 14.57 36.46
O2 EDO BA . -54.13 13.68 37.48
C1 EDO CA . -45.65 9.87 18.36
O1 EDO CA . -46.03 9.79 17.02
C2 EDO CA . -46.83 10.34 19.19
O2 EDO CA . -46.54 11.59 19.74
C1 EDO DA . -31.35 -11.73 46.55
O1 EDO DA . -31.82 -12.75 45.71
C2 EDO DA . -32.28 -11.57 47.76
O2 EDO DA . -32.89 -10.31 47.82
ZN ZN EA . -29.75 10.44 31.10
K K FA . -23.20 7.82 30.26
K K GA . -16.34 -3.96 34.20
#